data_8G9Z
#
_entry.id   8G9Z
#
_cell.length_a   167.183
_cell.length_b   167.183
_cell.length_c   239.087
_cell.angle_alpha   90.00
_cell.angle_beta   90.00
_cell.angle_gamma   120.00
#
_symmetry.space_group_name_H-M   'P 31 1 2'
#
loop_
_entity.id
_entity.type
_entity.pdbx_description
1 polymer 'O-phosphoseryl-tRNA(Sec) selenium transferase'
2 polymer 'RNA (90-MER)'
3 non-polymer '(5-HYDROXY-4,6-DIMETHYLPYRIDIN-3-YL)METHYL DIHYDROGEN PHOSPHATE'
4 non-polymer (4S)-2-METHYL-2,4-PENTANEDIOL
5 water water
#
loop_
_entity_poly.entity_id
_entity_poly.type
_entity_poly.pdbx_seq_one_letter_code
_entity_poly.pdbx_strand_id
1 'polypeptide(L)'
;(MSE)GSSHHHHHHSSGLVPRGSH(MSE)NRESFAAGERLVSPAYVRQGCEARRSHEHLIRLLLEKGKCPENGWDESTLE
LFLHELAI(MSE)DSNNFLGNCGVGEREGRVASALVARRHYRFIHGIGRSGDISAVQPKAAGSSLLNKITNSLVLDIIKL
AGVHTVANCFVVP(MSE)ATG(MSE)SLTLCFLTLRHKRPKAKYIIWPRIDQKSCFKS(MSE)ITAGFEPVVIENVLEGD
ELRTDLKAVEAKVQELGPDCILCIHSTTSCFAPRVPDRLEELAVICANYDIPHIVNNAYGVQSSKC(MSE)HLIQQGARV
GRIDAFVQSLDKNF(MSE)VPVGGAIIAGFNDSFIQEISK(MSE)YPGRASASPSLDVLITLLSLGSNGYKKLLKERKE
(MSE)FSYLSNQIKKLSEAYNERLLHTPHNPISLA(MSE)TLKTLDEHRDKAVTQLGS(MSE)LFTRQVSGARVVPLGS
(MSE)QTVSGYTFRGF(MSE)SHTNNYPCAYLNAASAIG(MSE)K(MSE)QDVDLFIKRLDRCLKAVRKERSKESDDNYD
KTEDVDIEE(MSE)ALKLDNALLDTYQDASS
;
A,B,C,D
2 'polyribonucleotide'
;GCCCGGAUGAUCCUCAGUGGUCUGGGGUGCAGGCUUCAAACCUGUAGCUGUCUAGCGACAGAGUGGUUCAAUUCCACCUU
UCGGGCGCCA
;
E
#
# COMPACT_ATOMS: atom_id res chain seq x y z
N ARG A 31 32.41 -8.94 -47.49
CA ARG A 31 31.31 -8.67 -46.58
C ARG A 31 31.27 -9.66 -45.42
N LEU A 32 32.31 -10.49 -45.33
CA LEU A 32 32.47 -11.39 -44.18
C LEU A 32 32.40 -10.58 -42.90
N VAL A 33 31.32 -10.73 -42.17
CA VAL A 33 30.99 -9.83 -41.07
C VAL A 33 31.59 -10.38 -39.78
N SER A 34 31.95 -9.47 -38.88
CA SER A 34 32.44 -9.90 -37.59
C SER A 34 31.28 -10.34 -36.70
N PRO A 35 31.51 -11.27 -35.77
CA PRO A 35 30.45 -11.63 -34.82
C PRO A 35 30.01 -10.45 -33.95
N ALA A 36 30.85 -9.44 -33.78
CA ALA A 36 30.43 -8.24 -33.07
C ALA A 36 29.39 -7.47 -33.88
N TYR A 37 29.53 -7.46 -35.21
CA TYR A 37 28.50 -6.86 -36.06
C TYR A 37 27.16 -7.53 -35.84
N VAL A 38 27.13 -8.87 -35.88
CA VAL A 38 25.90 -9.60 -35.61
C VAL A 38 25.41 -9.30 -34.19
N ARG A 39 26.34 -9.13 -33.26
CA ARG A 39 25.96 -8.74 -31.90
C ARG A 39 25.34 -7.35 -31.90
N GLN A 40 26.05 -6.36 -32.47
CA GLN A 40 25.52 -4.99 -32.52
C GLN A 40 24.19 -4.96 -33.25
N GLY A 41 24.07 -5.68 -34.37
CA GLY A 41 22.82 -5.71 -35.10
C GLY A 41 21.70 -6.35 -34.30
N CYS A 42 22.03 -7.37 -33.50
CA CYS A 42 21.02 -7.98 -32.65
C CYS A 42 20.66 -7.07 -31.47
N GLU A 43 21.66 -6.46 -30.84
CA GLU A 43 21.37 -5.57 -29.72
C GLU A 43 20.62 -4.33 -30.15
N ALA A 44 20.85 -3.85 -31.37
CA ALA A 44 20.15 -2.66 -31.85
C ALA A 44 18.65 -2.90 -31.96
N ARG A 45 18.26 -4.09 -32.43
CA ARG A 45 16.84 -4.34 -32.58
CA ARG A 45 16.86 -4.45 -32.60
C ARG A 45 16.17 -4.72 -31.27
N ARG A 46 16.93 -4.99 -30.21
CA ARG A 46 16.32 -5.37 -28.93
C ARG A 46 15.54 -4.20 -28.31
N SER A 47 16.08 -2.99 -28.39
CA SER A 47 15.36 -1.84 -27.84
C SER A 47 14.02 -1.64 -28.52
N HIS A 48 13.92 -1.94 -29.81
CA HIS A 48 12.65 -1.87 -30.51
C HIS A 48 11.75 -3.03 -30.15
N GLU A 49 12.30 -4.24 -30.08
CA GLU A 49 11.50 -5.40 -29.73
C GLU A 49 10.91 -5.26 -28.32
N HIS A 50 11.63 -4.57 -27.43
CA HIS A 50 11.13 -4.37 -26.07
C HIS A 50 9.82 -3.59 -26.08
N LEU A 51 9.74 -2.52 -26.88
CA LEU A 51 8.48 -1.79 -27.00
C LEU A 51 7.39 -2.67 -27.61
N ILE A 52 7.76 -3.55 -28.55
CA ILE A 52 6.79 -4.43 -29.18
C ILE A 52 6.30 -5.48 -28.19
N ARG A 53 7.21 -6.04 -27.40
CA ARG A 53 6.81 -7.04 -26.41
CA ARG A 53 6.80 -7.05 -26.42
C ARG A 53 5.89 -6.45 -25.36
N LEU A 54 6.18 -5.23 -24.90
CA LEU A 54 5.31 -4.58 -23.92
CA LEU A 54 5.31 -4.58 -23.92
C LEU A 54 3.91 -4.38 -24.50
N LEU A 55 3.83 -4.02 -25.78
CA LEU A 55 2.54 -3.86 -26.43
C LEU A 55 1.79 -5.19 -26.48
N LEU A 56 2.49 -6.27 -26.84
CA LEU A 56 1.83 -7.56 -26.97
C LEU A 56 1.46 -8.16 -25.63
N GLU A 57 2.23 -7.85 -24.58
CA GLU A 57 1.98 -8.45 -23.27
CA GLU A 57 1.98 -8.45 -23.27
C GLU A 57 0.75 -7.84 -22.61
N LYS A 58 0.63 -6.51 -22.63
CA LYS A 58 -0.42 -5.83 -21.90
C LYS A 58 -1.50 -5.22 -22.79
N GLY A 59 -1.28 -5.14 -24.10
CA GLY A 59 -2.31 -4.66 -25.00
C GLY A 59 -2.75 -3.23 -24.78
N LYS A 60 -1.94 -2.44 -24.09
CA LYS A 60 -2.26 -1.04 -23.85
C LYS A 60 -1.56 -0.15 -24.87
N CYS A 61 -2.16 1.00 -25.13
CA CYS A 61 -1.50 2.01 -25.93
CA CYS A 61 -1.49 2.00 -25.94
C CYS A 61 -0.19 2.42 -25.24
N PRO A 62 0.89 2.63 -25.99
CA PRO A 62 2.08 3.22 -25.36
C PRO A 62 1.73 4.61 -24.86
N GLU A 63 2.33 5.00 -23.73
CA GLU A 63 2.07 6.34 -23.21
C GLU A 63 2.59 7.39 -24.17
N ASN A 64 3.87 7.31 -24.53
CA ASN A 64 4.44 8.14 -25.57
C ASN A 64 4.47 7.37 -26.89
N GLY A 65 4.29 8.11 -27.98
CA GLY A 65 4.19 7.46 -29.28
C GLY A 65 5.49 6.82 -29.70
N TRP A 66 5.36 5.71 -30.43
CA TRP A 66 6.51 5.05 -31.02
C TRP A 66 7.15 5.91 -32.10
N ASP A 67 8.46 5.77 -32.26
CA ASP A 67 9.12 6.30 -33.44
CA ASP A 67 9.13 6.29 -33.43
C ASP A 67 8.66 5.53 -34.68
N GLU A 68 8.82 6.17 -35.84
CA GLU A 68 8.41 5.51 -37.08
C GLU A 68 9.18 4.23 -37.33
N SER A 69 10.46 4.20 -36.95
CA SER A 69 11.28 3.02 -37.20
C SER A 69 10.76 1.82 -36.41
N THR A 70 10.43 2.02 -35.13
CA THR A 70 9.83 0.93 -34.36
C THR A 70 8.52 0.48 -34.98
N LEU A 71 7.69 1.44 -35.40
CA LEU A 71 6.38 1.10 -35.96
C LEU A 71 6.51 0.28 -37.23
N GLU A 72 7.34 0.73 -38.17
CA GLU A 72 7.47 0.03 -39.45
CA GLU A 72 7.46 0.03 -39.44
C GLU A 72 8.14 -1.33 -39.27
N LEU A 73 9.05 -1.45 -38.31
CA LEU A 73 9.63 -2.76 -38.01
C LEU A 73 8.55 -3.71 -37.50
N PHE A 74 7.65 -3.21 -36.64
CA PHE A 74 6.56 -4.01 -36.11
C PHE A 74 5.63 -4.45 -37.22
N LEU A 75 5.24 -3.51 -38.10
CA LEU A 75 4.32 -3.86 -39.18
C LEU A 75 4.93 -4.88 -40.12
N HIS A 76 6.22 -4.72 -40.45
CA HIS A 76 6.86 -5.68 -41.35
CA HIS A 76 6.86 -5.68 -41.35
C HIS A 76 6.93 -7.06 -40.72
N GLU A 77 7.16 -7.13 -39.41
CA GLU A 77 7.23 -8.42 -38.74
C GLU A 77 5.87 -9.09 -38.63
N LEU A 78 4.80 -8.30 -38.56
CA LEU A 78 3.46 -8.88 -38.61
C LEU A 78 3.15 -9.38 -40.02
N ALA A 79 3.48 -8.60 -41.04
CA ALA A 79 3.07 -8.93 -42.40
C ALA A 79 3.70 -10.24 -42.87
N ILE A 80 4.96 -10.49 -42.50
CA ILE A 80 5.62 -11.72 -42.92
C ILE A 80 5.04 -12.95 -42.25
N ASP A 82 1.85 -13.66 -42.45
CA ASP A 82 0.78 -14.07 -43.36
C ASP A 82 1.34 -14.96 -44.46
N SER A 83 0.57 -16.00 -44.81
CA SER A 83 1.07 -17.02 -45.72
C SER A 83 1.42 -16.48 -47.10
N ASN A 84 0.70 -15.46 -47.57
CA ASN A 84 1.00 -14.88 -48.87
C ASN A 84 2.38 -14.24 -48.91
N ASN A 85 2.98 -13.99 -47.75
CA ASN A 85 4.31 -13.39 -47.66
C ASN A 85 5.37 -14.40 -47.25
N PHE A 86 5.02 -15.69 -47.14
CA PHE A 86 6.01 -16.72 -46.93
C PHE A 86 6.89 -16.86 -48.17
N LEU A 87 8.18 -17.13 -47.94
CA LEU A 87 9.12 -17.23 -49.06
C LEU A 87 8.90 -18.52 -49.84
N GLY A 88 8.64 -19.63 -49.15
CA GLY A 88 8.47 -20.90 -49.82
C GLY A 88 7.02 -21.29 -50.03
N ASN A 89 6.13 -20.32 -50.06
CA ASN A 89 4.71 -20.58 -50.17
C ASN A 89 4.32 -20.89 -51.61
N CYS A 90 3.40 -21.84 -51.78
CA CYS A 90 2.72 -22.04 -53.04
C CYS A 90 1.23 -22.06 -52.77
N GLY A 91 0.47 -21.40 -53.65
CA GLY A 91 -0.97 -21.29 -53.45
C GLY A 91 -1.76 -21.93 -54.57
N VAL A 92 -2.72 -22.78 -54.22
CA VAL A 92 -3.55 -23.45 -55.22
C VAL A 92 -5.01 -23.22 -54.90
N GLY A 93 -5.31 -22.14 -54.16
CA GLY A 93 -6.66 -21.77 -53.83
C GLY A 93 -7.12 -20.54 -54.61
N GLU A 94 -8.37 -20.14 -54.32
CA GLU A 94 -8.97 -19.00 -55.00
C GLU A 94 -8.79 -17.70 -54.25
N ARG A 95 -8.34 -17.74 -52.99
CA ARG A 95 -8.09 -16.55 -52.19
C ARG A 95 -6.70 -16.70 -51.56
N GLU A 96 -5.67 -16.39 -52.34
CA GLU A 96 -4.29 -16.55 -51.90
C GLU A 96 -3.62 -15.23 -51.54
N GLY A 97 -4.34 -14.12 -51.61
CA GLY A 97 -3.74 -12.84 -51.35
C GLY A 97 -2.72 -12.41 -52.38
N ARG A 98 -2.88 -12.86 -53.64
CA ARG A 98 -2.02 -12.38 -54.70
C ARG A 98 -2.32 -10.92 -55.01
N VAL A 99 -1.29 -10.15 -55.33
CA VAL A 99 -1.43 -8.72 -55.57
C VAL A 99 -0.76 -8.39 -56.90
N ALA A 100 -1.53 -7.84 -57.84
CA ALA A 100 -0.97 -7.55 -59.16
C ALA A 100 -0.09 -6.31 -59.13
N SER A 101 -0.47 -5.30 -58.35
CA SER A 101 0.22 -4.01 -58.34
C SER A 101 1.10 -3.87 -57.12
N ALA A 102 2.40 -3.61 -57.34
CA ALA A 102 3.31 -3.36 -56.23
C ALA A 102 2.91 -2.13 -55.44
N LEU A 103 2.37 -1.10 -56.10
CA LEU A 103 1.88 0.07 -55.38
C LEU A 103 0.80 -0.31 -54.38
N VAL A 104 -0.11 -1.21 -54.78
CA VAL A 104 -1.17 -1.65 -53.89
C VAL A 104 -0.58 -2.43 -52.72
N ALA A 105 0.35 -3.33 -52.99
CA ALA A 105 0.92 -4.16 -51.93
C ALA A 105 1.68 -3.30 -50.92
N ARG A 106 2.49 -2.34 -51.40
CA ARG A 106 3.30 -1.55 -50.49
CA ARG A 106 3.30 -1.55 -50.49
C ARG A 106 2.45 -0.60 -49.65
N ARG A 107 1.41 -0.02 -50.24
CA ARG A 107 0.61 0.95 -49.50
C ARG A 107 -0.20 0.29 -48.39
N HIS A 108 -0.37 -1.02 -48.42
CA HIS A 108 -1.03 -1.76 -47.35
C HIS A 108 -0.04 -2.51 -46.47
N TYR A 109 1.26 -2.22 -46.60
CA TYR A 109 2.30 -2.91 -45.82
C TYR A 109 2.20 -4.43 -45.97
N ARG A 110 1.76 -4.86 -47.16
CA ARG A 110 1.66 -6.27 -47.54
C ARG A 110 0.64 -7.05 -46.71
N PHE A 111 -0.29 -6.36 -46.07
CA PHE A 111 -1.46 -7.00 -45.45
C PHE A 111 -2.52 -7.13 -46.52
N ILE A 112 -2.73 -8.35 -47.02
CA ILE A 112 -3.63 -8.57 -48.14
C ILE A 112 -4.87 -9.38 -47.76
N HIS A 113 -4.79 -10.24 -46.75
CA HIS A 113 -5.84 -11.22 -46.49
C HIS A 113 -7.02 -10.66 -45.69
N GLY A 114 -6.97 -9.42 -45.26
CA GLY A 114 -8.09 -8.92 -44.48
C GLY A 114 -8.17 -9.56 -43.10
N ILE A 115 -9.31 -9.31 -42.44
CA ILE A 115 -9.54 -9.79 -41.08
C ILE A 115 -10.80 -10.66 -41.06
N GLY A 116 -10.88 -11.50 -40.05
CA GLY A 116 -12.03 -12.35 -39.86
C GLY A 116 -11.71 -13.54 -39.00
N ARG A 117 -12.77 -14.12 -38.43
CA ARG A 117 -12.64 -15.31 -37.59
C ARG A 117 -13.98 -16.02 -37.47
N ALA A 123 -8.14 -22.47 -37.01
CA ALA A 123 -7.46 -21.94 -35.83
C ALA A 123 -6.05 -22.54 -35.71
N VAL A 124 -5.93 -23.84 -36.03
CA VAL A 124 -4.63 -24.49 -36.02
C VAL A 124 -3.93 -24.41 -37.37
N GLN A 125 -4.60 -23.91 -38.40
CA GLN A 125 -4.00 -23.71 -39.73
C GLN A 125 -4.30 -22.30 -40.21
N PRO A 126 -3.72 -21.28 -39.56
CA PRO A 126 -4.06 -19.90 -39.93
C PRO A 126 -3.41 -19.51 -41.25
N LYS A 127 -4.22 -18.96 -42.15
CA LYS A 127 -3.71 -18.44 -43.41
C LYS A 127 -3.19 -17.02 -43.27
N ALA A 128 -3.65 -16.27 -42.26
CA ALA A 128 -3.26 -14.89 -42.07
C ALA A 128 -3.04 -14.64 -40.58
N ALA A 129 -2.03 -15.32 -40.02
CA ALA A 129 -1.73 -15.16 -38.60
C ALA A 129 -1.27 -13.75 -38.25
N GLY A 130 -0.62 -13.07 -39.19
CA GLY A 130 -0.20 -11.70 -38.92
C GLY A 130 -1.36 -10.72 -38.90
N SER A 131 -2.27 -10.84 -39.88
CA SER A 131 -3.47 -10.00 -39.89
C SER A 131 -4.34 -10.28 -38.68
N SER A 132 -4.42 -11.55 -38.26
CA SER A 132 -5.20 -11.89 -37.08
C SER A 132 -4.62 -11.23 -35.84
N LEU A 133 -3.29 -11.24 -35.70
CA LEU A 133 -2.66 -10.57 -34.56
C LEU A 133 -2.86 -9.06 -34.67
N LEU A 134 -2.75 -8.50 -35.88
CA LEU A 134 -3.03 -7.08 -36.08
C LEU A 134 -4.44 -6.73 -35.61
N ASN A 135 -5.41 -7.58 -35.94
CA ASN A 135 -6.79 -7.33 -35.53
C ASN A 135 -6.94 -7.34 -34.01
N LYS A 136 -6.31 -8.33 -33.35
CA LYS A 136 -6.43 -8.43 -31.90
C LYS A 136 -5.79 -7.24 -31.19
N ILE A 137 -4.59 -6.83 -31.62
CA ILE A 137 -3.90 -5.71 -30.98
CA ILE A 137 -3.94 -5.73 -30.94
C ILE A 137 -4.68 -4.42 -31.18
N THR A 138 -5.21 -4.22 -32.39
CA THR A 138 -5.96 -3.00 -32.68
C THR A 138 -7.19 -2.90 -31.80
N ASN A 139 -7.94 -3.99 -31.65
CA ASN A 139 -9.11 -3.96 -30.79
C ASN A 139 -8.74 -3.73 -29.34
N SER A 140 -7.57 -4.24 -28.90
CA SER A 140 -7.14 -4.00 -27.53
C SER A 140 -6.71 -2.55 -27.33
N LEU A 141 -6.08 -1.95 -28.34
CA LEU A 141 -5.70 -0.54 -28.24
C LEU A 141 -6.93 0.36 -28.19
N VAL A 142 -7.92 0.07 -29.04
CA VAL A 142 -9.10 0.94 -29.05
CA VAL A 142 -9.13 0.89 -29.08
C VAL A 142 -9.91 0.76 -27.77
N LEU A 143 -9.95 -0.46 -27.21
CA LEU A 143 -10.62 -0.65 -25.93
C LEU A 143 -9.94 0.19 -24.85
N ASP A 144 -8.61 0.25 -24.88
CA ASP A 144 -7.86 1.07 -23.93
C ASP A 144 -8.19 2.54 -24.09
N ILE A 145 -8.32 3.02 -25.33
CA ILE A 145 -8.67 4.41 -25.56
C ILE A 145 -10.09 4.70 -25.09
N ILE A 146 -11.01 3.76 -25.32
CA ILE A 146 -12.40 3.96 -24.89
C ILE A 146 -12.47 4.12 -23.38
N LYS A 147 -11.69 3.33 -22.63
CA LYS A 147 -11.64 3.49 -21.18
C LYS A 147 -11.02 4.84 -20.82
N LEU A 148 -9.90 5.18 -21.46
CA LEU A 148 -9.26 6.47 -21.22
C LEU A 148 -10.20 7.62 -21.54
N ALA A 149 -11.04 7.46 -22.56
CA ALA A 149 -11.92 8.55 -22.98
C ALA A 149 -13.09 8.77 -22.03
N GLY A 150 -13.39 7.80 -21.17
CA GLY A 150 -14.43 8.00 -20.17
C GLY A 150 -15.34 6.84 -19.87
N VAL A 151 -15.36 5.80 -20.71
CA VAL A 151 -16.19 4.63 -20.43
C VAL A 151 -15.31 3.54 -19.84
N HIS A 152 -15.01 3.64 -18.55
CA HIS A 152 -14.05 2.75 -17.92
C HIS A 152 -14.59 1.33 -17.75
N THR A 153 -15.90 1.16 -17.73
CA THR A 153 -16.51 -0.15 -17.51
C THR A 153 -16.82 -0.89 -18.81
N VAL A 154 -16.33 -0.41 -19.95
CA VAL A 154 -16.55 -1.12 -21.20
C VAL A 154 -15.92 -2.49 -21.11
N ALA A 155 -16.64 -3.51 -21.59
CA ALA A 155 -16.18 -4.89 -21.46
C ALA A 155 -15.54 -5.42 -22.73
N ASN A 156 -16.00 -4.98 -23.89
CA ASN A 156 -15.56 -5.55 -25.15
C ASN A 156 -15.85 -4.58 -26.28
N CYS A 157 -15.04 -4.65 -27.33
CA CYS A 157 -15.26 -3.83 -28.52
C CYS A 157 -14.51 -4.47 -29.68
N PHE A 158 -14.88 -4.05 -30.89
CA PHE A 158 -14.14 -4.48 -32.07
C PHE A 158 -14.30 -3.45 -33.17
N VAL A 159 -13.27 -3.33 -33.98
CA VAL A 159 -13.31 -2.50 -35.18
C VAL A 159 -14.02 -3.28 -36.28
N VAL A 160 -14.93 -2.63 -36.98
CA VAL A 160 -15.59 -3.19 -38.16
C VAL A 160 -15.38 -2.23 -39.31
N PRO A 161 -14.93 -2.69 -40.49
CA PRO A 161 -14.66 -1.80 -41.62
C PRO A 161 -15.92 -1.38 -42.36
N ALA A 163 -18.81 2.13 -41.99
CA ALA A 163 -18.99 3.35 -41.22
C ALA A 163 -20.10 3.15 -40.19
N THR A 164 -20.39 4.22 -39.45
CA THR A 164 -21.26 4.11 -38.28
C THR A 164 -22.67 3.67 -38.67
N GLY A 165 -23.18 4.16 -39.80
CA GLY A 165 -24.53 3.80 -40.21
C GLY A 165 -24.70 2.31 -40.44
N SER A 167 -22.73 0.02 -39.36
CA SER A 167 -22.44 -0.65 -38.10
C SER A 167 -23.65 -0.66 -37.18
N LEU A 168 -24.42 0.43 -37.17
CA LEU A 168 -25.70 0.42 -36.47
C LEU A 168 -26.64 -0.60 -37.08
N THR A 169 -26.68 -0.68 -38.41
CA THR A 169 -27.49 -1.70 -39.08
C THR A 169 -27.11 -3.10 -38.61
N LEU A 170 -25.81 -3.38 -38.54
CA LEU A 170 -25.36 -4.68 -38.08
C LEU A 170 -25.83 -4.97 -36.66
N CYS A 171 -25.90 -3.95 -35.81
CA CYS A 171 -26.47 -4.13 -34.47
C CYS A 171 -27.94 -4.52 -34.56
N PHE A 172 -28.71 -3.79 -35.37
CA PHE A 172 -30.13 -4.11 -35.50
C PHE A 172 -30.35 -5.49 -36.11
N LEU A 173 -29.50 -5.87 -37.08
CA LEU A 173 -29.62 -7.19 -37.68
C LEU A 173 -29.36 -8.29 -36.66
N THR A 174 -28.47 -8.04 -35.69
CA THR A 174 -28.21 -9.03 -34.65
C THR A 174 -29.39 -9.17 -33.70
N LEU A 175 -30.07 -8.06 -33.40
CA LEU A 175 -31.19 -8.11 -32.46
C LEU A 175 -32.42 -8.79 -33.03
N ARG A 176 -32.52 -8.89 -34.37
CA ARG A 176 -33.73 -9.45 -34.97
C ARG A 176 -34.00 -10.86 -34.47
N HIS A 177 -32.97 -11.71 -34.46
CA HIS A 177 -33.14 -13.10 -34.05
CA HIS A 177 -33.18 -13.09 -34.05
C HIS A 177 -33.45 -13.22 -32.56
N LYS A 178 -33.04 -12.22 -31.76
CA LYS A 178 -33.34 -12.23 -30.34
C LYS A 178 -34.78 -11.83 -30.06
N ARG A 179 -35.33 -10.94 -30.87
CA ARG A 179 -36.69 -10.41 -30.69
C ARG A 179 -37.45 -10.56 -32.00
N PRO A 180 -37.83 -11.78 -32.36
CA PRO A 180 -38.39 -12.02 -33.70
C PRO A 180 -39.76 -11.41 -33.92
N LYS A 181 -40.48 -11.04 -32.86
CA LYS A 181 -41.77 -10.36 -33.01
C LYS A 181 -41.64 -8.85 -33.08
N ALA A 182 -40.42 -8.32 -33.01
CA ALA A 182 -40.22 -6.88 -32.95
C ALA A 182 -40.10 -6.31 -34.36
N LYS A 183 -40.74 -5.15 -34.57
CA LYS A 183 -40.66 -4.46 -35.84
C LYS A 183 -40.35 -2.98 -35.72
N TYR A 184 -40.40 -2.42 -34.51
CA TYR A 184 -40.25 -0.98 -34.31
C TYR A 184 -38.94 -0.67 -33.61
N ILE A 185 -38.33 0.45 -33.99
CA ILE A 185 -37.19 1.00 -33.28
C ILE A 185 -37.57 2.41 -32.85
N ILE A 186 -37.58 2.66 -31.55
CA ILE A 186 -37.94 3.96 -31.00
C ILE A 186 -36.71 4.85 -31.04
N TRP A 187 -36.87 6.06 -31.60
CA TRP A 187 -35.74 6.87 -32.04
C TRP A 187 -36.00 8.35 -31.80
N PRO A 188 -35.40 8.93 -30.77
CA PRO A 188 -35.47 10.40 -30.62
C PRO A 188 -34.85 11.08 -31.84
N ARG A 189 -35.61 12.00 -32.42
CA ARG A 189 -35.27 12.53 -33.74
C ARG A 189 -33.93 13.25 -33.73
N ILE A 190 -33.08 12.89 -34.70
CA ILE A 190 -31.89 13.67 -35.04
C ILE A 190 -31.78 13.66 -36.57
N ASP A 191 -31.71 14.84 -37.17
CA ASP A 191 -31.76 14.95 -38.62
C ASP A 191 -30.39 14.61 -39.18
N GLN A 192 -30.16 13.32 -39.39
CA GLN A 192 -28.93 12.83 -40.01
C GLN A 192 -29.30 11.57 -40.79
N LYS A 193 -29.07 11.59 -42.10
CA LYS A 193 -29.65 10.57 -42.97
C LYS A 193 -29.07 9.19 -42.71
N SER A 194 -27.80 9.08 -42.33
CA SER A 194 -27.18 7.77 -42.20
C SER A 194 -27.78 6.98 -41.03
N CYS A 195 -27.89 7.61 -39.86
CA CYS A 195 -28.41 6.88 -38.72
C CYS A 195 -29.91 6.59 -38.86
N PHE A 196 -30.64 7.45 -39.56
CA PHE A 196 -32.03 7.16 -39.85
C PHE A 196 -32.16 5.99 -40.83
N LYS A 197 -31.36 6.00 -41.90
CA LYS A 197 -31.43 4.93 -42.88
C LYS A 197 -30.99 3.59 -42.30
N SER A 198 -30.13 3.62 -41.28
CA SER A 198 -29.62 2.38 -40.69
C SER A 198 -30.76 1.48 -40.21
N ILE A 200 -33.93 1.50 -41.36
CA ILE A 200 -34.74 1.05 -42.49
C ILE A 200 -34.01 -0.01 -43.30
N THR A 201 -32.70 0.20 -43.52
CA THR A 201 -31.90 -0.81 -44.22
C THR A 201 -31.89 -2.13 -43.47
N ALA A 202 -31.90 -2.06 -42.12
CA ALA A 202 -32.00 -3.26 -41.32
C ALA A 202 -33.37 -3.93 -41.44
N GLY A 203 -34.36 -3.25 -42.00
CA GLY A 203 -35.67 -3.84 -42.17
C GLY A 203 -36.66 -3.56 -41.07
N PHE A 204 -36.50 -2.47 -40.34
CA PHE A 204 -37.40 -2.13 -39.25
C PHE A 204 -38.03 -0.77 -39.50
N GLU A 205 -39.10 -0.47 -38.75
CA GLU A 205 -39.84 0.76 -38.92
CA GLU A 205 -39.84 0.76 -38.92
C GLU A 205 -39.45 1.74 -37.83
N PRO A 206 -38.83 2.87 -38.17
CA PRO A 206 -38.49 3.85 -37.13
C PRO A 206 -39.75 4.48 -36.56
N VAL A 207 -39.76 4.65 -35.25
CA VAL A 207 -40.79 5.39 -34.55
C VAL A 207 -40.14 6.68 -34.07
N VAL A 208 -40.40 7.77 -34.78
CA VAL A 208 -39.70 9.03 -34.55
C VAL A 208 -40.32 9.73 -33.35
N ILE A 209 -39.53 9.93 -32.31
CA ILE A 209 -39.97 10.67 -31.12
C ILE A 209 -39.47 12.09 -31.25
N GLU A 210 -40.40 13.04 -31.38
CA GLU A 210 -40.02 14.44 -31.48
C GLU A 210 -39.38 14.90 -30.18
N ASN A 211 -38.49 15.89 -30.29
CA ASN A 211 -37.78 16.41 -29.14
C ASN A 211 -38.58 17.54 -28.49
N VAL A 212 -38.21 17.84 -27.24
CA VAL A 212 -38.86 18.91 -26.48
C VAL A 212 -37.89 20.09 -26.43
N LEU A 213 -38.44 21.29 -26.64
CA LEU A 213 -37.65 22.52 -26.63
C LEU A 213 -37.56 23.03 -25.19
N GLU A 214 -36.34 23.10 -24.67
CA GLU A 214 -36.08 23.65 -23.33
C GLU A 214 -35.09 24.79 -23.50
N GLY A 215 -35.56 26.01 -23.34
CA GLY A 215 -34.72 27.14 -23.71
C GLY A 215 -34.45 27.10 -25.20
N ASP A 216 -33.18 27.14 -25.57
CA ASP A 216 -32.79 26.97 -26.96
C ASP A 216 -32.54 25.51 -27.33
N GLU A 217 -32.50 24.61 -26.35
CA GLU A 217 -32.05 23.24 -26.58
C GLU A 217 -33.21 22.33 -26.93
N LEU A 218 -32.93 21.35 -27.78
CA LEU A 218 -33.85 20.27 -28.09
C LEU A 218 -33.38 19.02 -27.35
N ARG A 219 -34.24 18.47 -26.50
CA ARG A 219 -33.85 17.39 -25.61
C ARG A 219 -34.83 16.23 -25.72
N THR A 220 -34.45 15.11 -25.10
CA THR A 220 -35.24 13.89 -25.18
C THR A 220 -36.61 14.09 -24.53
N ASP A 221 -37.66 13.65 -25.24
CA ASP A 221 -39.00 13.63 -24.68
C ASP A 221 -39.19 12.28 -24.02
N LEU A 222 -38.79 12.19 -22.74
CA LEU A 222 -38.86 10.92 -22.02
C LEU A 222 -40.31 10.45 -21.86
N LYS A 223 -41.23 11.39 -21.66
CA LYS A 223 -42.64 11.03 -21.52
C LYS A 223 -43.16 10.38 -22.79
N ALA A 224 -42.81 10.95 -23.95
CA ALA A 224 -43.28 10.39 -25.21
C ALA A 224 -42.62 9.05 -25.53
N VAL A 225 -41.35 8.88 -25.14
CA VAL A 225 -40.67 7.60 -25.34
C VAL A 225 -41.39 6.50 -24.58
N GLU A 226 -41.64 6.72 -23.29
CA GLU A 226 -42.27 5.68 -22.48
C GLU A 226 -43.72 5.46 -22.88
N ALA A 227 -44.42 6.52 -23.27
CA ALA A 227 -45.80 6.36 -23.75
C ALA A 227 -45.84 5.51 -25.02
N LYS A 228 -44.85 5.67 -25.89
CA LYS A 228 -44.80 4.86 -27.09
C LYS A 228 -44.46 3.41 -26.79
N VAL A 229 -43.63 3.17 -25.77
CA VAL A 229 -43.33 1.80 -25.35
C VAL A 229 -44.61 1.10 -24.90
N GLN A 230 -45.42 1.80 -24.11
CA GLN A 230 -46.66 1.20 -23.61
C GLN A 230 -47.69 1.05 -24.72
N GLU A 231 -47.73 2.00 -25.66
CA GLU A 231 -48.70 1.93 -26.75
C GLU A 231 -48.41 0.76 -27.67
N LEU A 232 -47.16 0.60 -28.09
CA LEU A 232 -46.80 -0.46 -29.02
C LEU A 232 -46.58 -1.80 -28.33
N GLY A 233 -46.18 -1.78 -27.06
CA GLY A 233 -45.84 -3.00 -26.36
C GLY A 233 -44.35 -3.28 -26.43
N PRO A 234 -43.74 -3.53 -25.28
CA PRO A 234 -42.28 -3.75 -25.26
C PRO A 234 -41.81 -4.88 -26.15
N ASP A 235 -42.62 -5.93 -26.32
CA ASP A 235 -42.21 -7.06 -27.16
C ASP A 235 -42.16 -6.68 -28.64
N CYS A 236 -42.86 -5.64 -29.06
CA CYS A 236 -42.84 -5.20 -30.44
C CYS A 236 -41.71 -4.20 -30.73
N ILE A 237 -40.95 -3.82 -29.72
CA ILE A 237 -39.86 -2.86 -29.86
C ILE A 237 -38.57 -3.67 -30.01
N LEU A 238 -37.85 -3.43 -31.11
CA LEU A 238 -36.55 -4.07 -31.27
C LEU A 238 -35.52 -3.48 -30.32
N CYS A 239 -35.50 -2.14 -30.22
CA CYS A 239 -34.58 -1.44 -29.33
C CYS A 239 -34.99 0.02 -29.30
N ILE A 240 -34.42 0.74 -28.34
CA ILE A 240 -34.43 2.20 -28.35
C ILE A 240 -33.09 2.65 -28.92
N HIS A 241 -33.14 3.56 -29.89
CA HIS A 241 -31.97 4.01 -30.63
C HIS A 241 -31.71 5.48 -30.28
N SER A 242 -30.79 5.71 -29.35
CA SER A 242 -30.49 7.05 -28.86
C SER A 242 -29.20 7.57 -29.50
N THR A 243 -28.96 8.87 -29.31
CA THR A 243 -27.82 9.54 -29.94
C THR A 243 -27.19 10.50 -28.95
N THR A 244 -25.85 10.47 -28.88
CA THR A 244 -25.13 11.43 -28.04
C THR A 244 -24.61 12.60 -28.88
N SER A 245 -23.55 12.37 -29.64
CA SER A 245 -22.98 13.42 -30.47
C SER A 245 -23.99 13.87 -31.53
N CYS A 246 -24.18 15.18 -31.65
CA CYS A 246 -25.19 15.73 -32.55
C CYS A 246 -24.93 17.21 -32.73
N PHE A 247 -25.56 17.78 -33.76
CA PHE A 247 -25.47 19.21 -34.02
C PHE A 247 -26.32 19.99 -33.02
N ALA A 248 -25.76 21.09 -32.53
CA ALA A 248 -26.57 22.03 -31.77
C ALA A 248 -27.67 22.60 -32.68
N PRO A 249 -28.83 22.97 -32.13
CA PRO A 249 -29.18 23.05 -30.71
C PRO A 249 -29.71 21.75 -30.11
N ARG A 250 -29.60 20.64 -30.82
CA ARG A 250 -29.85 19.35 -30.19
C ARG A 250 -28.70 19.03 -29.25
N VAL A 251 -29.01 18.30 -28.18
CA VAL A 251 -28.01 17.91 -27.20
C VAL A 251 -28.00 16.39 -27.11
N PRO A 252 -26.96 15.81 -26.53
CA PRO A 252 -26.97 14.36 -26.31
C PRO A 252 -28.21 13.90 -25.55
N ASP A 253 -28.74 12.74 -25.92
CA ASP A 253 -29.96 12.23 -25.32
C ASP A 253 -29.76 11.97 -23.83
N ARG A 254 -30.86 11.97 -23.09
CA ARG A 254 -30.85 11.69 -21.66
C ARG A 254 -30.64 10.18 -21.47
N LEU A 255 -29.37 9.76 -21.62
CA LEU A 255 -29.07 8.33 -21.70
C LEU A 255 -29.43 7.60 -20.41
N GLU A 256 -29.21 8.24 -19.26
CA GLU A 256 -29.48 7.58 -17.99
C GLU A 256 -30.96 7.21 -17.88
N GLU A 257 -31.84 8.16 -18.16
CA GLU A 257 -33.28 7.89 -18.06
C GLU A 257 -33.73 6.91 -19.13
N LEU A 258 -33.15 7.00 -20.33
CA LEU A 258 -33.49 6.03 -21.38
C LEU A 258 -33.00 4.63 -21.00
N ALA A 259 -31.83 4.53 -20.38
CA ALA A 259 -31.32 3.22 -19.97
C ALA A 259 -32.20 2.59 -18.90
N VAL A 260 -32.78 3.41 -18.01
CA VAL A 260 -33.67 2.88 -16.98
C VAL A 260 -34.96 2.38 -17.61
N ILE A 261 -35.51 3.12 -18.58
CA ILE A 261 -36.68 2.66 -19.32
C ILE A 261 -36.38 1.33 -20.00
N CYS A 262 -35.22 1.22 -20.62
CA CYS A 262 -34.86 0.00 -21.33
C CYS A 262 -34.70 -1.18 -20.37
N ALA A 263 -34.12 -0.94 -19.20
CA ALA A 263 -33.95 -2.01 -18.23
C ALA A 263 -35.29 -2.46 -17.65
N ASN A 264 -36.20 -1.52 -17.41
CA ASN A 264 -37.47 -1.86 -16.78
C ASN A 264 -38.36 -2.67 -17.73
N TYR A 265 -38.39 -2.31 -19.01
CA TYR A 265 -39.23 -2.99 -19.98
C TYR A 265 -38.49 -4.10 -20.72
N ASP A 266 -37.24 -4.38 -20.37
CA ASP A 266 -36.43 -5.40 -21.03
C ASP A 266 -36.34 -5.14 -22.53
N ILE A 267 -35.92 -3.93 -22.88
CA ILE A 267 -35.79 -3.50 -24.28
C ILE A 267 -34.33 -3.17 -24.53
N PRO A 268 -33.73 -3.67 -25.61
CA PRO A 268 -32.33 -3.33 -25.89
C PRO A 268 -32.16 -1.83 -26.12
N HIS A 269 -30.96 -1.34 -25.82
CA HIS A 269 -30.63 0.07 -25.94
C HIS A 269 -29.37 0.19 -26.80
N ILE A 270 -29.50 0.78 -27.99
CA ILE A 270 -28.40 0.98 -28.92
C ILE A 270 -28.12 2.47 -29.01
N VAL A 271 -26.88 2.87 -28.76
CA VAL A 271 -26.50 4.28 -28.68
C VAL A 271 -25.66 4.63 -29.91
N ASN A 272 -26.10 5.65 -30.65
CA ASN A 272 -25.30 6.25 -31.71
C ASN A 272 -24.36 7.28 -31.08
N ASN A 273 -23.08 6.93 -31.00
CA ASN A 273 -22.06 7.79 -30.40
C ASN A 273 -21.04 8.17 -31.47
N ALA A 274 -21.54 8.56 -32.64
CA ALA A 274 -20.71 8.62 -33.84
C ALA A 274 -19.39 9.35 -33.62
N TYR A 275 -19.44 10.53 -33.00
CA TYR A 275 -18.20 11.26 -32.72
C TYR A 275 -18.16 11.70 -31.26
N GLY A 276 -18.58 10.83 -30.36
CA GLY A 276 -18.61 11.18 -28.95
C GLY A 276 -17.42 10.71 -28.14
N VAL A 277 -16.55 9.89 -28.74
CA VAL A 277 -15.36 9.43 -28.03
C VAL A 277 -14.50 10.62 -27.62
N GLN A 278 -14.44 11.63 -28.47
CA GLN A 278 -13.62 12.83 -28.22
C GLN A 278 -14.19 13.71 -27.12
N SER A 279 -15.36 13.40 -26.58
CA SER A 279 -16.03 14.25 -25.60
C SER A 279 -16.18 13.48 -24.30
N SER A 280 -15.48 13.93 -23.25
CA SER A 280 -15.60 13.28 -21.95
C SER A 280 -17.02 13.40 -21.41
N LYS A 281 -17.74 14.46 -21.77
CA LYS A 281 -19.16 14.56 -21.40
C LYS A 281 -19.96 13.40 -21.99
N CYS A 282 -19.80 13.16 -23.29
CA CYS A 282 -20.58 12.09 -23.94
C CYS A 282 -20.22 10.73 -23.36
N HIS A 284 -19.05 9.93 -20.47
CA HIS A 284 -19.54 9.80 -19.09
CA HIS A 284 -19.52 9.70 -19.11
C HIS A 284 -21.04 9.58 -19.04
N LEU A 285 -21.78 10.11 -20.02
CA LEU A 285 -23.18 9.77 -20.13
C LEU A 285 -23.36 8.28 -20.40
N ILE A 286 -22.52 7.73 -21.27
CA ILE A 286 -22.61 6.32 -21.61
C ILE A 286 -22.26 5.45 -20.40
N GLN A 287 -21.20 5.81 -19.67
CA GLN A 287 -20.84 5.05 -18.48
C GLN A 287 -21.94 5.12 -17.42
N GLN A 288 -22.50 6.31 -17.21
CA GLN A 288 -23.57 6.46 -16.23
C GLN A 288 -24.83 5.72 -16.67
N GLY A 289 -25.14 5.77 -17.96
CA GLY A 289 -26.29 5.02 -18.46
C GLY A 289 -26.17 3.53 -18.19
N ALA A 290 -24.98 2.96 -18.45
CA ALA A 290 -24.76 1.55 -18.18
C ALA A 290 -24.75 1.26 -16.68
N ARG A 291 -24.39 2.24 -15.87
CA ARG A 291 -24.34 2.03 -14.42
CA ARG A 291 -24.35 2.05 -14.42
C ARG A 291 -25.74 1.92 -13.84
N VAL A 292 -26.63 2.88 -14.16
CA VAL A 292 -27.97 2.88 -13.59
C VAL A 292 -28.96 2.04 -14.39
N GLY A 293 -28.68 1.77 -15.66
CA GLY A 293 -29.62 1.03 -16.49
C GLY A 293 -28.99 0.11 -17.49
N ARG A 294 -29.51 0.13 -18.72
CA ARG A 294 -29.14 -0.85 -19.73
C ARG A 294 -28.63 -0.12 -20.98
N ILE A 295 -27.43 -0.47 -21.43
CA ILE A 295 -26.90 -0.07 -22.72
C ILE A 295 -26.32 -1.32 -23.37
N ASP A 296 -26.94 -1.78 -24.46
CA ASP A 296 -26.51 -3.03 -25.06
C ASP A 296 -25.31 -2.84 -25.98
N ALA A 297 -25.20 -1.69 -26.64
CA ALA A 297 -24.06 -1.39 -27.48
C ALA A 297 -24.05 0.10 -27.78
N PHE A 298 -22.85 0.64 -27.96
CA PHE A 298 -22.68 2.00 -28.48
C PHE A 298 -21.66 1.98 -29.61
N VAL A 299 -21.91 2.79 -30.63
CA VAL A 299 -21.18 2.74 -31.89
C VAL A 299 -20.57 4.10 -32.16
N GLN A 300 -19.33 4.13 -32.65
CA GLN A 300 -18.61 5.37 -32.90
C GLN A 300 -17.82 5.25 -34.18
N SER A 301 -17.65 6.39 -34.85
CA SER A 301 -16.92 6.44 -36.11
C SER A 301 -15.41 6.47 -35.87
N LEU A 302 -14.67 5.75 -36.71
CA LEU A 302 -13.21 5.80 -36.63
C LEU A 302 -12.67 7.14 -37.10
N ASP A 303 -13.15 7.60 -38.27
CA ASP A 303 -12.59 8.82 -38.84
C ASP A 303 -12.90 10.03 -37.96
N LYS A 304 -14.09 10.08 -37.36
CA LYS A 304 -14.46 11.26 -36.60
C LYS A 304 -13.75 11.35 -35.25
N ASN A 305 -13.31 10.21 -34.69
CA ASN A 305 -12.70 10.21 -33.37
C ASN A 305 -11.21 9.93 -33.39
N PHE A 306 -10.63 9.51 -34.51
CA PHE A 306 -9.23 9.12 -34.53
C PHE A 306 -8.46 9.72 -35.70
N VAL A 308 -8.58 9.40 -39.09
CA VAL A 308 -8.19 8.42 -40.09
C VAL A 308 -9.19 8.51 -41.24
N PRO A 309 -8.95 7.89 -42.39
CA PRO A 309 -9.92 7.97 -43.49
C PRO A 309 -11.28 7.41 -43.09
N VAL A 310 -12.32 7.95 -43.73
CA VAL A 310 -13.67 7.43 -43.56
C VAL A 310 -13.72 5.97 -43.98
N GLY A 311 -14.50 5.17 -43.25
CA GLY A 311 -14.73 3.81 -43.69
C GLY A 311 -14.95 2.78 -42.59
N GLY A 312 -14.56 3.10 -41.35
CA GLY A 312 -14.61 2.14 -40.27
C GLY A 312 -15.33 2.69 -39.05
N ALA A 313 -15.59 1.78 -38.11
CA ALA A 313 -16.29 2.13 -36.88
C ALA A 313 -15.91 1.14 -35.79
N ILE A 314 -16.32 1.46 -34.56
CA ILE A 314 -16.13 0.61 -33.40
C ILE A 314 -17.48 0.30 -32.80
N ILE A 315 -17.76 -0.98 -32.59
CA ILE A 315 -18.94 -1.42 -31.84
C ILE A 315 -18.46 -1.88 -30.47
N ALA A 316 -19.00 -1.27 -29.42
CA ALA A 316 -18.57 -1.54 -28.06
C ALA A 316 -19.78 -1.79 -27.18
N GLY A 317 -19.54 -2.41 -26.03
CA GLY A 317 -20.62 -2.69 -25.12
C GLY A 317 -20.13 -3.17 -23.79
N PHE A 318 -21.09 -3.60 -22.96
CA PHE A 318 -20.82 -4.02 -21.59
C PHE A 318 -21.11 -5.48 -21.34
N ASN A 319 -21.87 -6.13 -22.22
CA ASN A 319 -22.07 -7.57 -22.19
C ASN A 319 -21.13 -8.18 -23.23
N ASP A 320 -20.12 -8.90 -22.76
CA ASP A 320 -19.09 -9.42 -23.67
C ASP A 320 -19.68 -10.44 -24.65
N SER A 321 -20.59 -11.30 -24.17
CA SER A 321 -21.16 -12.30 -25.06
CA SER A 321 -21.17 -12.30 -25.05
C SER A 321 -21.99 -11.66 -26.17
N PHE A 322 -22.75 -10.62 -25.84
CA PHE A 322 -23.57 -9.98 -26.87
C PHE A 322 -22.71 -9.26 -27.91
N ILE A 323 -21.64 -8.59 -27.47
CA ILE A 323 -20.76 -7.92 -28.41
C ILE A 323 -20.12 -8.93 -29.35
N GLN A 324 -19.74 -10.10 -28.82
CA GLN A 324 -19.24 -11.16 -29.68
C GLN A 324 -20.31 -11.66 -30.64
N GLU A 325 -21.58 -11.64 -30.22
CA GLU A 325 -22.66 -12.08 -31.09
CA GLU A 325 -22.67 -12.08 -31.08
C GLU A 325 -22.79 -11.16 -32.30
N ILE A 326 -22.67 -9.85 -32.09
CA ILE A 326 -22.68 -8.92 -33.21
C ILE A 326 -21.53 -9.21 -34.15
N SER A 327 -20.35 -9.47 -33.59
CA SER A 327 -19.16 -9.78 -34.41
C SER A 327 -19.41 -11.02 -35.27
N LYS A 328 -19.94 -12.08 -34.68
CA LYS A 328 -20.18 -13.31 -35.42
C LYS A 328 -21.29 -13.18 -36.45
N TYR A 330 -21.41 -10.97 -38.71
CA TYR A 330 -20.82 -10.47 -39.94
C TYR A 330 -20.42 -11.62 -40.84
N PRO A 331 -20.93 -11.70 -42.07
CA PRO A 331 -20.57 -12.81 -42.97
C PRO A 331 -19.31 -12.55 -43.78
N GLY A 332 -18.34 -13.46 -43.69
CA GLY A 332 -17.16 -13.40 -44.53
C GLY A 332 -16.04 -12.55 -43.95
N ARG A 333 -14.96 -12.48 -44.70
CA ARG A 333 -13.81 -11.70 -44.27
C ARG A 333 -14.02 -10.22 -44.60
N ALA A 334 -13.25 -9.37 -43.93
CA ALA A 334 -13.45 -7.93 -44.03
C ALA A 334 -12.10 -7.25 -44.22
N SER A 335 -12.17 -6.01 -44.71
CA SER A 335 -10.95 -5.24 -44.96
C SER A 335 -10.19 -4.99 -43.65
N ALA A 336 -8.87 -5.09 -43.74
CA ALA A 336 -8.00 -4.76 -42.62
C ALA A 336 -7.53 -3.32 -42.66
N SER A 337 -7.91 -2.54 -43.68
CA SER A 337 -7.34 -1.20 -43.85
C SER A 337 -7.75 -0.24 -42.74
N PRO A 338 -9.02 -0.18 -42.30
CA PRO A 338 -9.33 0.72 -41.17
C PRO A 338 -8.62 0.33 -39.89
N SER A 339 -8.51 -0.96 -39.57
CA SER A 339 -7.77 -1.38 -38.39
C SER A 339 -6.31 -0.95 -38.48
N LEU A 340 -5.70 -1.13 -39.65
CA LEU A 340 -4.31 -0.74 -39.83
C LEU A 340 -4.14 0.77 -39.63
N ASP A 341 -5.08 1.57 -40.13
CA ASP A 341 -4.99 3.01 -39.96
C ASP A 341 -4.98 3.41 -38.49
N VAL A 342 -5.91 2.86 -37.70
CA VAL A 342 -6.00 3.29 -36.30
C VAL A 342 -4.88 2.66 -35.48
N LEU A 343 -4.40 1.48 -35.88
CA LEU A 343 -3.22 0.92 -35.22
C LEU A 343 -2.02 1.84 -35.39
N ILE A 344 -1.74 2.25 -36.64
CA ILE A 344 -0.65 3.19 -36.89
C ILE A 344 -0.84 4.46 -36.10
N THR A 345 -2.07 4.99 -36.10
CA THR A 345 -2.33 6.28 -35.46
C THR A 345 -2.10 6.21 -33.96
N LEU A 346 -2.69 5.21 -33.29
CA LEU A 346 -2.58 5.13 -31.84
C LEU A 346 -1.16 4.82 -31.39
N LEU A 347 -0.45 3.97 -32.13
CA LEU A 347 0.95 3.71 -31.78
C LEU A 347 1.82 4.93 -32.01
N SER A 348 1.49 5.76 -33.01
CA SER A 348 2.29 6.96 -33.28
C SER A 348 1.93 8.08 -32.32
N LEU A 349 0.66 8.20 -31.94
CA LEU A 349 0.25 9.23 -31.00
C LEU A 349 0.55 8.84 -29.57
N GLY A 350 0.26 7.59 -29.19
CA GLY A 350 0.34 7.19 -27.80
C GLY A 350 -0.86 7.71 -27.04
N SER A 351 -1.09 7.20 -25.82
CA SER A 351 -2.20 7.71 -25.03
C SER A 351 -1.99 9.16 -24.63
N ASN A 352 -0.73 9.57 -24.43
CA ASN A 352 -0.47 10.97 -24.13
C ASN A 352 -0.82 11.86 -25.32
N GLY A 353 -0.51 11.40 -26.54
CA GLY A 353 -0.85 12.17 -27.71
C GLY A 353 -2.34 12.32 -27.90
N TYR A 354 -3.10 11.26 -27.64
CA TYR A 354 -4.54 11.35 -27.78
C TYR A 354 -5.14 12.23 -26.68
N LYS A 355 -4.63 12.11 -25.45
CA LYS A 355 -5.07 12.99 -24.37
C LYS A 355 -4.84 14.45 -24.72
N LYS A 356 -3.69 14.76 -25.34
CA LYS A 356 -3.41 16.14 -25.72
C LYS A 356 -4.42 16.65 -26.75
N LEU A 357 -4.81 15.79 -27.70
CA LEU A 357 -5.83 16.18 -28.67
C LEU A 357 -7.16 16.44 -27.99
N LEU A 358 -7.52 15.62 -26.98
CA LEU A 358 -8.76 15.84 -26.26
C LEU A 358 -8.73 17.15 -25.50
N LYS A 359 -7.60 17.47 -24.86
CA LYS A 359 -7.48 18.73 -24.13
C LYS A 359 -7.59 19.92 -25.08
N GLU A 360 -6.91 19.85 -26.23
CA GLU A 360 -6.95 20.95 -27.19
C GLU A 360 -8.35 21.13 -27.77
N ARG A 361 -9.11 20.05 -27.90
CA ARG A 361 -10.48 20.17 -28.41
C ARG A 361 -11.33 20.99 -27.46
N LYS A 362 -11.17 20.79 -26.14
CA LYS A 362 -11.92 21.58 -25.17
C LYS A 362 -11.50 23.05 -25.23
N GLU A 363 -10.20 23.31 -25.33
CA GLU A 363 -9.72 24.69 -25.40
C GLU A 363 -10.20 25.37 -26.67
N PHE A 365 -12.92 24.63 -28.27
CA PHE A 365 -14.36 24.86 -28.12
C PHE A 365 -14.62 26.18 -27.43
N SER A 366 -13.91 26.45 -26.33
CA SER A 366 -14.07 27.74 -25.64
C SER A 366 -13.67 28.90 -26.54
N TYR A 367 -12.58 28.74 -27.29
CA TYR A 367 -12.12 29.81 -28.17
C TYR A 367 -13.12 30.06 -29.30
N LEU A 368 -13.59 28.99 -29.94
CA LEU A 368 -14.59 29.15 -30.99
C LEU A 368 -15.86 29.79 -30.43
N SER A 369 -16.30 29.35 -29.25
CA SER A 369 -17.50 29.91 -28.64
C SER A 369 -17.34 31.40 -28.37
N ASN A 370 -16.19 31.81 -27.82
CA ASN A 370 -15.98 33.22 -27.55
C ASN A 370 -15.86 34.04 -28.83
N GLN A 371 -15.27 33.48 -29.88
CA GLN A 371 -15.14 34.22 -31.13
C GLN A 371 -16.49 34.41 -31.80
N ILE A 372 -17.33 33.37 -31.82
CA ILE A 372 -18.66 33.49 -32.42
C ILE A 372 -19.52 34.44 -31.59
N LYS A 373 -19.39 34.39 -30.27
CA LYS A 373 -20.13 35.32 -29.42
C LYS A 373 -19.75 36.76 -29.74
N LYS A 374 -18.47 37.02 -29.98
CA LYS A 374 -18.03 38.37 -30.32
C LYS A 374 -18.52 38.78 -31.72
N LEU A 375 -18.43 37.87 -32.69
CA LEU A 375 -18.86 38.19 -34.04
C LEU A 375 -20.38 38.39 -34.12
N SER A 376 -21.15 37.52 -33.44
CA SER A 376 -22.59 37.63 -33.52
C SER A 376 -23.10 38.95 -32.98
N GLU A 377 -22.41 39.53 -31.99
CA GLU A 377 -22.83 40.81 -31.44
CA GLU A 377 -22.84 40.81 -31.45
C GLU A 377 -22.78 41.90 -32.50
N ALA A 378 -21.76 41.88 -33.36
CA ALA A 378 -21.61 42.91 -34.38
C ALA A 378 -22.74 42.87 -35.42
N TYR A 379 -23.41 41.73 -35.57
CA TYR A 379 -24.49 41.60 -36.54
C TYR A 379 -25.85 41.38 -35.89
N ASN A 380 -25.98 41.71 -34.60
CA ASN A 380 -27.23 41.60 -33.85
C ASN A 380 -27.76 40.17 -33.85
N GLU A 381 -26.87 39.20 -33.95
CA GLU A 381 -27.20 37.79 -33.78
C GLU A 381 -26.73 37.36 -32.40
N ARG A 382 -26.87 36.07 -32.09
CA ARG A 382 -26.43 35.58 -30.80
C ARG A 382 -26.03 34.13 -30.90
N LEU A 383 -25.17 33.71 -29.99
CA LEU A 383 -24.86 32.30 -29.81
C LEU A 383 -26.01 31.63 -29.09
N LEU A 384 -26.61 30.62 -29.70
CA LEU A 384 -27.69 29.89 -29.05
C LEU A 384 -27.19 29.30 -27.74
N HIS A 385 -28.06 29.29 -26.74
CA HIS A 385 -27.69 28.83 -25.39
C HIS A 385 -27.86 27.32 -25.34
N THR A 386 -26.78 26.59 -25.63
CA THR A 386 -26.80 25.13 -25.67
C THR A 386 -25.68 24.56 -24.81
N PRO A 387 -25.71 24.80 -23.49
CA PRO A 387 -24.60 24.35 -22.64
C PRO A 387 -24.45 22.85 -22.54
N HIS A 388 -25.49 22.08 -22.86
CA HIS A 388 -25.43 20.63 -22.77
C HIS A 388 -24.85 19.97 -24.01
N ASN A 389 -24.50 20.75 -25.04
CA ASN A 389 -23.80 20.20 -26.20
C ASN A 389 -22.33 20.59 -26.10
N PRO A 390 -21.43 19.65 -25.87
CA PRO A 390 -20.01 19.99 -25.65
C PRO A 390 -19.15 20.06 -26.91
N ILE A 391 -19.72 19.87 -28.10
CA ILE A 391 -18.96 19.78 -29.34
C ILE A 391 -19.42 20.82 -30.35
N SER A 392 -20.72 20.92 -30.57
CA SER A 392 -21.28 21.75 -31.62
C SER A 392 -21.92 23.01 -31.02
N LEU A 393 -21.88 24.09 -31.80
CA LEU A 393 -22.44 25.38 -31.43
CA LEU A 393 -22.54 25.31 -31.39
C LEU A 393 -23.29 25.90 -32.58
N ALA A 394 -24.15 26.86 -32.29
CA ALA A 394 -25.02 27.44 -33.30
C ALA A 394 -25.14 28.95 -33.09
N THR A 396 -27.36 32.33 -34.36
CA THR A 396 -28.62 32.65 -35.01
C THR A 396 -28.40 33.42 -36.31
N LEU A 397 -29.38 33.32 -37.21
CA LEU A 397 -29.41 34.05 -38.46
C LEU A 397 -30.75 34.74 -38.64
N LYS A 398 -31.25 35.36 -37.56
CA LYS A 398 -32.56 35.99 -37.59
C LYS A 398 -32.57 37.22 -38.49
N THR A 399 -31.44 37.92 -38.59
CA THR A 399 -31.38 39.16 -39.38
C THR A 399 -31.28 38.89 -40.87
N LEU A 400 -31.27 37.63 -41.30
CA LEU A 400 -31.17 37.29 -42.71
C LEU A 400 -32.55 37.00 -43.28
N ASP A 401 -32.90 37.70 -44.35
CA ASP A 401 -34.21 37.55 -45.00
C ASP A 401 -34.10 36.43 -46.03
N GLU A 402 -34.62 35.25 -45.67
CA GLU A 402 -34.60 34.09 -46.56
C GLU A 402 -35.81 34.05 -47.49
N HIS A 403 -36.96 34.56 -47.04
CA HIS A 403 -38.15 34.52 -47.89
C HIS A 403 -37.98 35.39 -49.13
N ARG A 404 -37.38 36.56 -48.97
CA ARG A 404 -37.17 37.47 -50.10
C ARG A 404 -35.81 37.22 -50.77
N ASP A 405 -34.73 37.53 -50.05
CA ASP A 405 -33.39 37.52 -50.63
C ASP A 405 -32.77 36.13 -50.69
N LYS A 406 -33.37 35.14 -50.05
CA LYS A 406 -32.77 33.80 -49.93
C LYS A 406 -31.34 33.88 -49.39
N ALA A 407 -31.12 34.82 -48.46
CA ALA A 407 -29.79 35.09 -47.96
C ALA A 407 -29.27 33.99 -47.04
N VAL A 408 -30.17 33.24 -46.38
CA VAL A 408 -29.72 32.13 -45.55
C VAL A 408 -29.11 31.04 -46.43
N THR A 409 -29.75 30.73 -47.56
CA THR A 409 -29.17 29.78 -48.50
C THR A 409 -27.92 30.36 -49.16
N GLN A 410 -27.95 31.65 -49.50
CA GLN A 410 -26.79 32.30 -50.10
C GLN A 410 -25.58 32.23 -49.17
N LEU A 411 -25.81 32.40 -47.86
CA LEU A 411 -24.70 32.38 -46.91
C LEU A 411 -23.95 31.05 -46.97
N GLY A 412 -24.69 29.94 -46.98
CA GLY A 412 -24.04 28.64 -47.05
C GLY A 412 -23.23 28.46 -48.33
N SER A 413 -23.74 28.99 -49.44
CA SER A 413 -22.99 28.92 -50.69
C SER A 413 -21.72 29.77 -50.64
N LEU A 415 -19.97 30.75 -48.01
CA LEU A 415 -18.98 30.11 -47.15
C LEU A 415 -18.29 28.97 -47.88
N PHE A 416 -19.05 28.21 -48.67
CA PHE A 416 -18.44 27.11 -49.43
C PHE A 416 -17.46 27.64 -50.46
N THR A 417 -17.86 28.66 -51.24
CA THR A 417 -16.97 29.21 -52.26
C THR A 417 -15.75 29.88 -51.66
N ARG A 418 -15.82 30.31 -50.39
CA ARG A 418 -14.66 30.83 -49.69
C ARG A 418 -13.89 29.73 -48.95
N GLN A 419 -14.18 28.46 -49.26
CA GLN A 419 -13.40 27.33 -48.77
C GLN A 419 -13.52 27.18 -47.25
N VAL A 420 -14.72 27.43 -46.73
CA VAL A 420 -15.08 27.07 -45.37
C VAL A 420 -15.89 25.77 -45.45
N SER A 421 -15.36 24.70 -44.87
CA SER A 421 -16.04 23.42 -44.85
C SER A 421 -16.55 23.13 -43.44
N GLY A 422 -17.65 22.38 -43.37
CA GLY A 422 -18.25 22.01 -42.11
C GLY A 422 -19.18 23.03 -41.54
N ALA A 423 -19.18 24.27 -42.04
CA ALA A 423 -20.14 25.28 -41.59
C ALA A 423 -21.51 24.93 -42.17
N ARG A 424 -22.44 24.58 -41.29
CA ARG A 424 -23.73 24.03 -41.67
C ARG A 424 -24.80 25.09 -41.42
N VAL A 425 -25.53 25.45 -42.47
CA VAL A 425 -26.58 26.47 -42.41
C VAL A 425 -27.94 25.76 -42.39
N VAL A 426 -28.77 26.11 -41.43
CA VAL A 426 -30.07 25.47 -41.23
C VAL A 426 -31.16 26.51 -41.39
N PRO A 427 -31.84 26.53 -42.54
CA PRO A 427 -32.94 27.47 -42.74
C PRO A 427 -34.22 26.97 -42.09
N LEU A 428 -35.23 27.84 -42.09
CA LEU A 428 -36.53 27.48 -41.58
C LEU A 428 -37.37 26.79 -42.65
N GLY A 429 -38.16 25.80 -42.22
CA GLY A 429 -39.20 25.24 -43.07
C GLY A 429 -38.74 24.30 -44.16
N SER A 430 -37.59 23.64 -44.00
CA SER A 430 -37.11 22.69 -44.99
CA SER A 430 -37.11 22.69 -44.99
C SER A 430 -37.88 21.39 -44.87
N GLN A 432 -38.17 17.49 -46.26
CA GLN A 432 -37.29 16.49 -46.83
C GLN A 432 -37.86 15.10 -46.61
N THR A 433 -37.85 14.29 -47.66
CA THR A 433 -38.29 12.90 -47.58
C THR A 433 -37.08 11.98 -47.62
N VAL A 434 -36.98 11.08 -46.65
CA VAL A 434 -35.88 10.14 -46.53
C VAL A 434 -36.48 8.75 -46.44
N SER A 435 -36.31 7.95 -47.50
CA SER A 435 -36.81 6.57 -47.55
C SER A 435 -38.29 6.49 -47.20
N GLY A 436 -39.08 7.39 -47.76
CA GLY A 436 -40.51 7.39 -47.56
C GLY A 436 -41.00 8.26 -46.41
N TYR A 437 -40.16 8.52 -45.41
CA TYR A 437 -40.54 9.35 -44.28
CA TYR A 437 -40.56 9.36 -44.28
C TYR A 437 -40.29 10.82 -44.60
N THR A 438 -41.28 11.66 -44.34
CA THR A 438 -41.19 13.09 -44.63
C THR A 438 -40.86 13.84 -43.35
N PHE A 439 -39.78 14.62 -43.38
CA PHE A 439 -39.36 15.46 -42.27
C PHE A 439 -39.78 16.90 -42.52
N ARG A 440 -40.37 17.52 -41.51
CA ARG A 440 -40.64 18.95 -41.52
CA ARG A 440 -40.64 18.95 -41.52
C ARG A 440 -39.60 19.67 -40.69
N GLY A 441 -39.17 20.84 -41.14
CA GLY A 441 -38.09 21.53 -40.46
C GLY A 441 -36.79 20.74 -40.48
N PHE A 442 -36.51 20.06 -41.59
CA PHE A 442 -35.36 19.19 -41.65
C PHE A 442 -34.07 19.95 -41.37
N SER A 444 -33.08 20.78 -38.60
CA SER A 444 -33.26 21.45 -37.32
C SER A 444 -33.73 20.51 -36.21
N HIS A 445 -33.95 19.22 -36.52
CA HIS A 445 -34.34 18.19 -35.57
C HIS A 445 -35.71 18.44 -34.94
N THR A 446 -36.48 19.38 -35.49
CA THR A 446 -37.80 19.68 -34.97
C THR A 446 -38.60 20.35 -36.07
N ASN A 447 -39.92 20.40 -35.87
CA ASN A 447 -40.79 20.87 -36.95
C ASN A 447 -40.73 22.38 -37.11
N ASN A 448 -40.65 23.12 -35.99
CA ASN A 448 -40.65 24.59 -36.03
C ASN A 448 -39.68 25.12 -34.97
N TYR A 449 -38.40 25.17 -35.33
CA TYR A 449 -37.45 25.83 -34.45
C TYR A 449 -37.63 27.35 -34.57
N PRO A 450 -37.41 28.10 -33.48
CA PRO A 450 -37.68 29.54 -33.52
C PRO A 450 -36.95 30.31 -34.62
N CYS A 451 -35.80 29.86 -35.08
CA CYS A 451 -35.02 30.66 -36.01
C CYS A 451 -34.13 29.79 -36.88
N ALA A 452 -33.63 30.39 -37.95
CA ALA A 452 -32.55 29.82 -38.72
C ALA A 452 -31.22 30.08 -38.01
N TYR A 453 -30.23 29.24 -38.29
CA TYR A 453 -28.96 29.36 -37.58
C TYR A 453 -27.85 28.71 -38.38
N LEU A 454 -26.63 28.91 -37.91
CA LEU A 454 -25.42 28.40 -38.52
C LEU A 454 -24.65 27.55 -37.51
N ASN A 455 -24.20 26.38 -37.94
CA ASN A 455 -23.48 25.46 -37.08
C ASN A 455 -21.97 25.58 -37.27
N ALA A 456 -21.24 25.46 -36.16
CA ALA A 456 -19.80 25.25 -36.16
C ALA A 456 -19.46 24.35 -35.00
N ALA A 457 -18.38 23.59 -35.12
CA ALA A 457 -18.04 22.59 -34.13
C ALA A 457 -16.56 22.62 -33.82
N SER A 458 -16.22 22.22 -32.60
CA SER A 458 -14.83 22.02 -32.19
C SER A 458 -14.61 20.51 -32.11
N ALA A 459 -14.12 19.94 -33.20
CA ALA A 459 -13.78 18.52 -33.27
C ALA A 459 -12.27 18.36 -33.15
N ILE A 460 -11.86 17.11 -32.88
CA ILE A 460 -10.45 16.83 -32.66
CA ILE A 460 -10.44 16.86 -32.65
C ILE A 460 -9.64 17.20 -33.89
N GLY A 461 -8.44 17.75 -33.67
CA GLY A 461 -7.56 18.14 -34.75
C GLY A 461 -7.71 19.58 -35.20
N LYS A 463 -7.35 23.48 -35.35
CA LYS A 463 -6.33 24.44 -34.91
C LYS A 463 -6.95 25.83 -34.80
N GLN A 465 -6.01 28.41 -36.31
CA GLN A 465 -6.14 28.93 -37.67
C GLN A 465 -7.52 28.62 -38.25
N ASP A 466 -8.03 27.41 -37.99
CA ASP A 466 -9.38 27.06 -38.45
C ASP A 466 -10.42 28.04 -37.93
N VAL A 467 -10.34 28.38 -36.64
CA VAL A 467 -11.31 29.29 -36.04
C VAL A 467 -11.16 30.69 -36.63
N ASP A 468 -9.93 31.19 -36.69
CA ASP A 468 -9.71 32.57 -37.14
C ASP A 468 -10.09 32.75 -38.61
N LEU A 469 -9.75 31.78 -39.46
CA LEU A 469 -10.14 31.89 -40.86
C LEU A 469 -11.66 31.79 -41.02
N PHE A 470 -12.30 30.91 -40.24
CA PHE A 470 -13.75 30.81 -40.29
C PHE A 470 -14.41 32.12 -39.85
N ILE A 471 -13.93 32.69 -38.76
CA ILE A 471 -14.49 33.96 -38.27
C ILE A 471 -14.27 35.07 -39.31
N LYS A 472 -13.07 35.11 -39.89
CA LYS A 472 -12.77 36.16 -40.87
C LYS A 472 -13.66 36.04 -42.11
N ARG A 473 -13.85 34.82 -42.61
CA ARG A 473 -14.63 34.65 -43.84
C ARG A 473 -16.12 34.77 -43.56
N LEU A 474 -16.59 34.31 -42.41
CA LEU A 474 -18.00 34.51 -42.05
C LEU A 474 -18.32 35.99 -41.92
N ASP A 475 -17.37 36.78 -41.39
CA ASP A 475 -17.56 38.22 -41.32
C ASP A 475 -17.74 38.82 -42.70
N ARG A 476 -16.93 38.41 -43.66
CA ARG A 476 -17.03 38.94 -45.01
C ARG A 476 -18.34 38.54 -45.68
N CYS A 477 -18.78 37.31 -45.45
CA CYS A 477 -20.03 36.84 -46.04
C CYS A 477 -21.23 37.62 -45.49
N LEU A 478 -21.22 37.88 -44.18
CA LEU A 478 -22.31 38.65 -43.60
C LEU A 478 -22.32 40.09 -44.10
N LYS A 479 -21.13 40.68 -44.31
CA LYS A 479 -21.05 42.01 -44.87
C LYS A 479 -21.66 42.06 -46.27
N ALA A 480 -21.31 41.09 -47.11
CA ALA A 480 -21.80 41.10 -48.49
C ALA A 480 -23.31 40.86 -48.56
N VAL A 481 -23.85 40.05 -47.65
CA VAL A 481 -25.28 39.83 -47.62
C VAL A 481 -26.02 41.10 -47.23
N ARG A 482 -25.53 41.79 -46.18
CA ARG A 482 -26.16 43.02 -45.75
C ARG A 482 -25.93 44.14 -46.76
N LYS A 483 -24.74 44.19 -47.37
CA LYS A 483 -24.43 45.23 -48.34
C LYS A 483 -25.33 45.11 -49.57
N GLU A 484 -25.64 43.87 -49.98
CA GLU A 484 -26.50 43.67 -51.14
C GLU A 484 -27.92 44.18 -50.89
N ARG A 485 -28.33 44.28 -49.63
CA ARG A 485 -29.67 44.79 -49.31
C ARG A 485 -29.67 46.31 -49.24
N SER A 486 -28.62 46.91 -48.70
CA SER A 486 -28.54 48.37 -48.63
C SER A 486 -28.63 48.99 -50.03
N LYS A 487 -28.19 48.26 -51.05
CA LYS A 487 -28.34 48.70 -52.43
C LYS A 487 -29.32 47.79 -53.17
N ASP A 498 -5.90 35.72 -48.62
CA ASP A 498 -7.16 36.39 -48.38
C ASP A 498 -7.77 36.91 -49.67
N VAL A 499 -6.93 37.41 -50.59
CA VAL A 499 -7.43 38.04 -51.80
C VAL A 499 -7.81 37.00 -52.84
N ASP A 500 -7.03 35.92 -52.96
CA ASP A 500 -7.28 34.96 -54.03
C ASP A 500 -8.44 34.02 -53.70
N ILE A 501 -8.63 33.67 -52.42
CA ILE A 501 -9.83 32.95 -52.03
C ILE A 501 -11.07 33.77 -52.40
N GLU A 502 -10.98 35.10 -52.26
CA GLU A 502 -12.10 35.97 -52.58
C GLU A 502 -12.30 36.07 -54.09
N GLU A 503 -11.22 36.17 -54.86
CA GLU A 503 -11.34 36.28 -56.31
C GLU A 503 -12.01 35.05 -56.91
N ALA A 505 -13.91 33.06 -55.13
CA ALA A 505 -15.24 32.99 -54.53
C ALA A 505 -16.24 33.82 -55.31
N LEU A 506 -15.86 35.03 -55.71
CA LEU A 506 -16.76 35.89 -56.48
C LEU A 506 -17.08 35.26 -57.83
N LYS A 507 -16.11 34.56 -58.44
CA LYS A 507 -16.35 33.91 -59.72
C LYS A 507 -17.30 32.72 -59.57
N LEU A 508 -17.11 31.93 -58.52
CA LEU A 508 -18.02 30.81 -58.26
C LEU A 508 -19.40 31.31 -57.86
N ASP A 509 -19.46 32.38 -57.05
CA ASP A 509 -20.74 32.94 -56.65
C ASP A 509 -21.52 33.48 -57.85
N ASN A 510 -20.82 34.02 -58.85
CA ASN A 510 -21.50 34.54 -60.04
C ASN A 510 -21.98 33.39 -60.92
N ALA A 511 -21.19 32.32 -61.02
CA ALA A 511 -21.54 31.18 -61.85
C ALA A 511 -22.76 30.46 -61.29
N ARG B 31 -15.78 7.74 -67.16
CA ARG B 31 -16.89 8.29 -66.38
C ARG B 31 -17.63 9.34 -67.18
N LEU B 32 -18.14 10.36 -66.47
CA LEU B 32 -18.81 11.50 -67.07
C LEU B 32 -18.22 12.77 -66.45
N VAL B 33 -16.97 13.06 -66.79
CA VAL B 33 -16.33 14.29 -66.36
C VAL B 33 -17.12 15.48 -66.92
N SER B 34 -18.08 15.96 -66.15
CA SER B 34 -18.81 17.15 -66.52
C SER B 34 -17.84 18.33 -66.62
N PRO B 35 -18.25 19.41 -67.29
CA PRO B 35 -17.43 20.63 -67.24
C PRO B 35 -17.15 21.09 -65.82
N ALA B 36 -17.92 20.64 -64.83
CA ALA B 36 -17.61 20.97 -63.44
C ALA B 36 -16.31 20.30 -63.00
N TYR B 37 -16.13 19.02 -63.34
CA TYR B 37 -14.93 18.31 -62.90
C TYR B 37 -13.68 18.88 -63.57
N VAL B 38 -13.77 19.21 -64.86
CA VAL B 38 -12.65 19.87 -65.53
C VAL B 38 -12.36 21.21 -64.89
N ARG B 39 -13.40 21.99 -64.60
CA ARG B 39 -13.22 23.26 -63.91
C ARG B 39 -12.63 23.06 -62.52
N GLN B 40 -13.28 22.23 -61.69
CA GLN B 40 -12.81 22.01 -60.32
C GLN B 40 -11.38 21.49 -60.29
N GLY B 41 -11.01 20.65 -61.26
CA GLY B 41 -9.65 20.15 -61.31
C GLY B 41 -8.64 21.25 -61.59
N CYS B 42 -9.01 22.22 -62.45
CA CYS B 42 -8.12 23.34 -62.72
C CYS B 42 -8.07 24.30 -61.55
N GLU B 43 -9.23 24.59 -60.95
CA GLU B 43 -9.26 25.48 -59.80
CA GLU B 43 -9.26 25.49 -59.79
C GLU B 43 -8.44 24.92 -58.64
N ALA B 44 -8.50 23.60 -58.44
CA ALA B 44 -7.73 22.98 -57.36
C ALA B 44 -6.23 23.08 -57.62
N ARG B 45 -5.81 22.89 -58.87
CA ARG B 45 -4.39 22.97 -59.18
CA ARG B 45 -4.40 22.98 -59.22
C ARG B 45 -3.87 24.40 -59.16
N ARG B 46 -4.75 25.40 -59.22
CA ARG B 46 -4.30 26.79 -59.31
C ARG B 46 -3.55 27.22 -58.05
N SER B 47 -4.13 26.96 -56.87
CA SER B 47 -3.50 27.42 -55.64
C SER B 47 -2.13 26.79 -55.46
N HIS B 48 -1.99 25.51 -55.84
CA HIS B 48 -0.68 24.88 -55.76
C HIS B 48 0.28 25.47 -56.78
N GLU B 49 -0.19 25.70 -58.01
CA GLU B 49 0.67 26.25 -59.04
C GLU B 49 1.03 27.71 -58.78
N HIS B 50 0.21 28.43 -58.01
CA HIS B 50 0.58 29.78 -57.60
C HIS B 50 1.87 29.76 -56.79
N LEU B 51 1.95 28.84 -55.82
CA LEU B 51 3.17 28.71 -55.03
C LEU B 51 4.35 28.31 -55.91
N ILE B 52 4.13 27.39 -56.85
CA ILE B 52 5.21 26.95 -57.73
C ILE B 52 5.68 28.10 -58.60
N ARG B 53 4.75 28.86 -59.18
CA ARG B 53 5.14 29.96 -60.06
C ARG B 53 5.88 31.04 -59.30
N LEU B 54 5.48 31.31 -58.05
CA LEU B 54 6.21 32.27 -57.24
CA LEU B 54 6.22 32.27 -57.23
C LEU B 54 7.65 31.82 -57.01
N LEU B 55 7.86 30.51 -56.84
CA LEU B 55 9.20 29.99 -56.67
C LEU B 55 10.01 30.14 -57.96
N LEU B 56 9.39 29.89 -59.11
CA LEU B 56 10.13 29.90 -60.37
C LEU B 56 10.47 31.33 -60.81
N GLU B 57 9.62 32.30 -60.52
CA GLU B 57 9.87 33.65 -61.03
CA GLU B 57 9.85 33.66 -61.01
C GLU B 57 10.95 34.36 -60.22
N LYS B 58 11.01 34.13 -58.91
CA LYS B 58 11.95 34.85 -58.05
C LYS B 58 13.02 33.98 -57.44
N GLY B 59 12.85 32.66 -57.41
CA GLY B 59 13.88 31.79 -56.87
C GLY B 59 14.12 31.94 -55.39
N LYS B 60 13.19 32.55 -54.67
CA LYS B 60 13.33 32.77 -53.24
C LYS B 60 12.73 31.62 -52.45
N CYS B 61 13.29 31.40 -51.27
CA CYS B 61 12.70 30.43 -50.35
CA CYS B 61 12.70 30.43 -50.36
C CYS B 61 11.31 30.91 -49.93
N PRO B 62 10.30 30.05 -49.96
CA PRO B 62 8.99 30.47 -49.44
C PRO B 62 9.12 30.81 -47.97
N GLU B 63 8.39 31.84 -47.53
CA GLU B 63 8.48 32.24 -46.14
C GLU B 63 7.95 31.14 -45.23
N ASN B 64 6.71 30.71 -45.47
CA ASN B 64 6.15 29.54 -44.80
C ASN B 64 6.32 28.32 -45.67
N GLY B 65 6.58 27.18 -45.05
CA GLY B 65 6.85 25.97 -45.81
C GLY B 65 5.65 25.48 -46.60
N TRP B 66 5.93 24.79 -47.69
CA TRP B 66 4.88 24.18 -48.50
C TRP B 66 4.29 22.96 -47.80
N ASP B 67 3.02 22.70 -48.09
CA ASP B 67 2.42 21.43 -47.74
CA ASP B 67 2.42 21.42 -47.73
C ASP B 67 3.06 20.32 -48.58
N GLU B 68 3.03 19.10 -48.05
CA GLU B 68 3.62 17.97 -48.77
C GLU B 68 2.98 17.79 -50.14
N SER B 69 1.67 18.04 -50.24
CA SER B 69 0.97 17.82 -51.51
C SER B 69 1.52 18.76 -52.59
N THR B 70 1.69 20.04 -52.25
CA THR B 70 2.29 20.97 -53.20
C THR B 70 3.70 20.53 -53.58
N LEU B 71 4.49 20.08 -52.60
CA LEU B 71 5.87 19.72 -52.86
C LEU B 71 5.96 18.52 -53.80
N GLU B 72 5.21 17.45 -53.51
CA GLU B 72 5.29 16.26 -54.34
CA GLU B 72 5.29 16.26 -54.34
C GLU B 72 4.67 16.49 -55.71
N LEU B 73 3.69 17.39 -55.81
CA LEU B 73 3.18 17.75 -57.13
C LEU B 73 4.26 18.45 -57.94
N PHE B 74 5.01 19.34 -57.30
CA PHE B 74 6.10 20.05 -57.96
C PHE B 74 7.18 19.09 -58.42
N LEU B 75 7.59 18.18 -57.55
CA LEU B 75 8.66 17.23 -57.89
C LEU B 75 8.23 16.32 -59.03
N HIS B 76 6.98 15.86 -59.03
CA HIS B 76 6.50 14.98 -60.08
CA HIS B 76 6.50 14.98 -60.08
C HIS B 76 6.49 15.70 -61.43
N GLU B 77 6.07 16.96 -61.45
CA GLU B 77 6.06 17.73 -62.68
C GLU B 77 7.46 18.08 -63.15
N LEU B 78 8.44 18.13 -62.25
CA LEU B 78 9.82 18.30 -62.67
C LEU B 78 10.37 17.02 -63.30
N ALA B 79 10.10 15.88 -62.67
CA ALA B 79 10.65 14.61 -63.14
C ALA B 79 10.12 14.25 -64.52
N ILE B 80 8.85 14.57 -64.80
CA ILE B 80 8.23 14.30 -66.10
CA ILE B 80 8.30 14.22 -66.11
C ILE B 80 8.95 15.03 -67.23
N ASP B 82 12.21 15.21 -67.60
CA ASP B 82 13.40 14.47 -67.99
C ASP B 82 13.06 13.43 -69.04
N SER B 83 13.93 13.29 -70.05
CA SER B 83 13.60 12.49 -71.22
C SER B 83 13.42 11.01 -70.88
N ASN B 84 14.10 10.52 -69.84
CA ASN B 84 13.92 9.12 -69.46
C ASN B 84 12.52 8.84 -68.96
N ASN B 85 11.76 9.87 -68.58
CA ASN B 85 10.39 9.72 -68.13
C ASN B 85 9.36 10.05 -69.21
N PHE B 86 9.81 10.33 -70.44
CA PHE B 86 8.88 10.56 -71.53
C PHE B 86 8.12 9.27 -71.87
N LEU B 87 6.88 9.43 -72.32
CA LEU B 87 6.04 8.27 -72.60
C LEU B 87 6.44 7.55 -73.89
N GLY B 88 6.75 8.29 -74.94
CA GLY B 88 7.07 7.66 -76.21
C GLY B 88 8.56 7.57 -76.48
N ASN B 89 9.36 7.49 -75.42
CA ASN B 89 10.80 7.53 -75.56
C ASN B 89 11.37 6.17 -75.96
N CYS B 90 12.38 6.21 -76.83
CA CYS B 90 13.22 5.05 -77.10
C CYS B 90 14.67 5.46 -76.91
N GLY B 91 15.45 4.59 -76.27
CA GLY B 91 16.84 4.91 -75.99
C GLY B 91 17.82 3.98 -76.68
N VAL B 92 18.76 4.56 -77.42
CA VAL B 92 19.78 3.79 -78.13
C VAL B 92 21.18 4.17 -77.66
N GLY B 93 21.30 4.84 -76.51
CA GLY B 93 22.58 5.25 -75.97
C GLY B 93 23.01 4.41 -74.78
N GLU B 94 24.16 4.80 -74.23
CA GLU B 94 24.73 4.10 -73.09
C GLU B 94 24.37 4.73 -71.76
N ARG B 95 23.75 5.91 -71.76
CA ARG B 95 23.35 6.60 -70.54
C ARG B 95 21.93 7.11 -70.74
N GLU B 96 20.96 6.19 -70.66
CA GLU B 96 19.56 6.50 -70.88
C GLU B 96 18.77 6.69 -69.61
N GLY B 97 19.40 6.57 -68.45
CA GLY B 97 18.66 6.68 -67.21
C GLY B 97 17.70 5.54 -66.96
N ARG B 98 18.01 4.36 -67.48
CA ARG B 98 17.22 3.18 -67.18
C ARG B 98 17.42 2.78 -65.71
N VAL B 99 16.35 2.34 -65.06
CA VAL B 99 16.38 1.94 -63.66
CA VAL B 99 16.39 1.94 -63.66
C VAL B 99 15.83 0.53 -63.55
N ALA B 100 16.65 -0.40 -63.03
CA ALA B 100 16.21 -1.78 -62.90
C ALA B 100 15.22 -1.96 -61.75
N SER B 101 15.45 -1.28 -60.63
CA SER B 101 14.65 -1.46 -59.42
C SER B 101 13.64 -0.33 -59.28
N ALA B 102 12.37 -0.70 -59.08
CA ALA B 102 11.33 0.29 -58.84
C ALA B 102 11.53 1.01 -57.50
N LEU B 103 12.10 0.32 -56.50
CA LEU B 103 12.39 0.97 -55.23
C LEU B 103 13.40 2.11 -55.42
N VAL B 104 14.41 1.89 -56.27
CA VAL B 104 15.39 2.93 -56.52
C VAL B 104 14.75 4.10 -57.25
N ALA B 105 13.93 3.82 -58.27
CA ALA B 105 13.32 4.89 -59.05
C ALA B 105 12.40 5.74 -58.20
N ARG B 106 11.57 5.12 -57.36
CA ARG B 106 10.60 5.87 -56.57
CA ARG B 106 10.61 5.87 -56.58
C ARG B 106 11.29 6.69 -55.48
N ARG B 107 12.28 6.11 -54.82
CA ARG B 107 12.91 6.83 -53.71
C ARG B 107 13.65 8.08 -54.17
N HIS B 108 13.96 8.17 -55.46
CA HIS B 108 14.58 9.36 -56.04
C HIS B 108 13.58 10.22 -56.81
N TYR B 109 12.29 9.95 -56.66
CA TYR B 109 11.23 10.71 -57.37
C TYR B 109 11.47 10.71 -58.87
N ARG B 110 12.09 9.65 -59.38
CA ARG B 110 12.33 9.42 -60.81
C ARG B 110 13.29 10.43 -61.41
N PHE B 111 14.12 11.08 -60.58
CA PHE B 111 15.25 11.86 -61.06
C PHE B 111 16.45 10.92 -61.17
N ILE B 112 16.80 10.56 -62.41
CA ILE B 112 17.81 9.54 -62.65
C ILE B 112 19.07 10.10 -63.29
N HIS B 113 18.98 11.19 -64.05
CA HIS B 113 20.07 11.62 -64.92
C HIS B 113 21.15 12.41 -64.19
N GLY B 114 20.98 12.73 -62.92
CA GLY B 114 21.97 13.56 -62.27
C GLY B 114 21.89 15.00 -62.76
N ILE B 115 22.89 15.79 -62.36
CA ILE B 115 22.93 17.22 -62.67
C ILE B 115 24.13 17.50 -63.57
N GLY B 116 23.92 18.38 -64.56
CA GLY B 116 24.99 18.89 -65.38
C GLY B 116 25.12 18.19 -66.71
N ARG B 117 26.22 18.51 -67.41
CA ARG B 117 26.60 17.81 -68.62
C ARG B 117 28.04 17.33 -68.51
N SER B 118 28.61 16.82 -69.63
CA SER B 118 29.96 16.25 -69.58
C SER B 118 31.02 17.33 -69.38
N GLY B 119 30.77 18.54 -69.87
CA GLY B 119 31.77 19.60 -69.79
C GLY B 119 31.47 20.66 -68.74
N ASP B 120 30.27 20.60 -68.14
CA ASP B 120 29.84 21.60 -67.17
C ASP B 120 28.66 21.11 -66.36
N ILE B 121 28.80 21.07 -65.02
CA ILE B 121 27.69 20.64 -64.15
C ILE B 121 26.63 21.71 -64.00
N SER B 122 26.85 22.91 -64.56
CA SER B 122 25.85 23.97 -64.54
C SER B 122 25.11 24.12 -65.86
N ALA B 123 25.61 23.53 -66.94
CA ALA B 123 24.95 23.63 -68.23
C ALA B 123 23.63 22.86 -68.22
N VAL B 124 22.67 23.37 -68.99
CA VAL B 124 21.36 22.73 -69.08
C VAL B 124 21.48 21.47 -69.93
N GLN B 125 20.87 20.38 -69.46
CA GLN B 125 20.86 19.14 -70.19
C GLN B 125 19.54 19.01 -70.93
N PRO B 126 19.51 19.10 -72.27
CA PRO B 126 18.25 18.88 -72.99
C PRO B 126 17.71 17.48 -72.80
N LYS B 127 18.55 16.53 -72.41
CA LYS B 127 18.10 15.18 -72.05
C LYS B 127 17.49 15.13 -70.66
N ALA B 128 17.75 16.13 -69.81
CA ALA B 128 17.27 16.14 -68.44
C ALA B 128 16.90 17.58 -68.04
N ALA B 129 15.89 18.13 -68.71
CA ALA B 129 15.48 19.49 -68.44
C ALA B 129 14.92 19.64 -67.03
N GLY B 130 14.25 18.61 -66.50
CA GLY B 130 13.73 18.69 -65.15
C GLY B 130 14.83 18.70 -64.10
N SER B 131 15.84 17.84 -64.27
CA SER B 131 16.96 17.82 -63.33
C SER B 131 17.75 19.12 -63.39
N SER B 132 17.91 19.68 -64.59
CA SER B 132 18.61 20.96 -64.72
CA SER B 132 18.61 20.96 -64.72
C SER B 132 17.84 22.06 -63.99
N LEU B 133 16.51 22.05 -64.10
CA LEU B 133 15.70 23.04 -63.39
C LEU B 133 15.79 22.83 -61.88
N LEU B 134 15.76 21.57 -61.44
CA LEU B 134 15.94 21.26 -60.03
C LEU B 134 17.25 21.83 -59.51
N ASN B 135 18.32 21.70 -60.29
CA ASN B 135 19.63 22.19 -59.88
C ASN B 135 19.65 23.71 -59.76
N LYS B 136 19.07 24.41 -60.74
CA LYS B 136 19.05 25.88 -60.69
C LYS B 136 18.23 26.40 -59.52
N ILE B 137 17.05 25.80 -59.29
CA ILE B 137 16.20 26.25 -58.18
C ILE B 137 16.90 26.01 -56.85
N THR B 138 17.49 24.83 -56.69
CA THR B 138 18.17 24.49 -55.45
C THR B 138 19.28 25.49 -55.15
N ASN B 139 20.13 25.78 -56.13
CA ASN B 139 21.22 26.72 -55.92
C ASN B 139 20.69 28.11 -55.59
N SER B 140 19.53 28.48 -56.14
CA SER B 140 18.96 29.78 -55.82
C SER B 140 18.41 29.81 -54.40
N LEU B 141 17.74 28.73 -53.97
CA LEU B 141 17.27 28.65 -52.59
C LEU B 141 18.43 28.71 -51.61
N VAL B 142 19.51 28.00 -51.92
CA VAL B 142 20.67 27.96 -51.03
C VAL B 142 21.32 29.33 -50.95
N LEU B 143 21.44 30.02 -52.08
CA LEU B 143 21.98 31.38 -52.07
C LEU B 143 21.12 32.30 -51.20
N ASP B 144 19.79 32.12 -51.27
CA ASP B 144 18.89 32.92 -50.45
C ASP B 144 19.12 32.66 -48.97
N ILE B 145 19.33 31.41 -48.59
CA ILE B 145 19.57 31.08 -47.18
C ILE B 145 20.89 31.65 -46.71
N ILE B 146 21.94 31.56 -47.55
CA ILE B 146 23.25 32.08 -47.17
C ILE B 146 23.15 33.58 -46.84
N LYS B 147 22.38 34.32 -47.63
CA LYS B 147 22.18 35.74 -47.33
C LYS B 147 21.41 35.91 -46.03
N LEU B 148 20.31 35.18 -45.89
CA LEU B 148 19.54 35.21 -44.66
C LEU B 148 20.38 34.83 -43.45
N ALA B 149 21.30 33.88 -43.63
CA ALA B 149 22.12 33.41 -42.51
C ALA B 149 23.17 34.43 -42.08
N GLY B 150 23.50 35.41 -42.92
CA GLY B 150 24.43 36.44 -42.49
C GLY B 150 25.39 36.97 -43.53
N VAL B 151 25.60 36.25 -44.63
CA VAL B 151 26.49 36.75 -45.69
C VAL B 151 25.63 37.37 -46.79
N HIS B 152 25.22 38.63 -46.58
CA HIS B 152 24.30 39.27 -47.51
C HIS B 152 24.98 39.67 -48.81
N THR B 153 26.31 39.77 -48.82
CA THR B 153 27.05 40.20 -50.00
C THR B 153 27.52 39.04 -50.86
N VAL B 154 27.07 37.81 -50.57
CA VAL B 154 27.49 36.68 -51.38
C VAL B 154 27.00 36.86 -52.81
N ALA B 155 27.86 36.53 -53.77
CA ALA B 155 27.54 36.75 -55.18
C ALA B 155 27.06 35.50 -55.88
N ASN B 156 27.58 34.33 -55.52
CA ASN B 156 27.26 33.11 -56.23
C ASN B 156 27.58 31.91 -55.35
N CYS B 157 26.86 30.82 -55.60
CA CYS B 157 27.12 29.56 -54.89
C CYS B 157 26.54 28.42 -55.71
N PHE B 158 26.99 27.21 -55.40
CA PHE B 158 26.42 26.03 -56.04
C PHE B 158 26.58 24.83 -55.12
N VAL B 159 25.60 23.95 -55.15
CA VAL B 159 25.69 22.67 -54.44
C VAL B 159 26.57 21.73 -55.25
N VAL B 160 27.45 21.02 -54.57
CA VAL B 160 28.24 19.97 -55.20
C VAL B 160 28.04 18.71 -54.37
N PRO B 161 27.72 17.56 -54.99
CA PRO B 161 27.47 16.33 -54.24
C PRO B 161 28.74 15.66 -53.75
N ALA B 163 31.27 15.93 -49.95
CA ALA B 163 31.27 16.57 -48.64
C ALA B 163 32.31 17.70 -48.63
N THR B 164 32.48 18.30 -47.45
CA THR B 164 33.23 19.55 -47.35
C THR B 164 34.70 19.37 -47.67
N GLY B 165 35.30 18.28 -47.18
CA GLY B 165 36.72 18.06 -47.43
C GLY B 165 37.03 17.94 -48.92
N SER B 167 35.18 18.99 -51.25
CA SER B 167 34.84 20.27 -51.87
C SER B 167 35.93 21.29 -51.69
N LEU B 168 36.61 21.29 -50.54
CA LEU B 168 37.79 22.12 -50.37
C LEU B 168 38.88 21.72 -51.37
N THR B 169 39.05 20.41 -51.59
CA THR B 169 39.99 19.93 -52.59
C THR B 169 39.69 20.52 -53.96
N LEU B 170 38.42 20.53 -54.35
CA LEU B 170 38.04 21.08 -55.66
C LEU B 170 38.44 22.55 -55.78
N CYS B 171 38.29 23.31 -54.69
CA CYS B 171 38.75 24.70 -54.67
C CYS B 171 40.24 24.76 -54.93
N PHE B 172 41.03 23.96 -54.21
CA PHE B 172 42.48 23.97 -54.39
C PHE B 172 42.87 23.52 -55.79
N LEU B 173 42.17 22.49 -56.31
CA LEU B 173 42.44 22.05 -57.68
C LEU B 173 42.19 23.15 -58.70
N THR B 174 41.20 24.01 -58.43
CA THR B 174 40.91 25.12 -59.34
C THR B 174 42.02 26.17 -59.27
N LEU B 175 42.59 26.39 -58.09
CA LEU B 175 43.60 27.42 -57.93
C LEU B 175 44.93 27.03 -58.58
N ARG B 176 45.18 25.74 -58.78
CA ARG B 176 46.50 25.29 -59.25
C ARG B 176 46.88 25.96 -60.57
N HIS B 177 45.96 25.97 -61.53
CA HIS B 177 46.28 26.51 -62.85
CA HIS B 177 46.31 26.52 -62.84
C HIS B 177 46.51 28.02 -62.81
N LYS B 178 45.89 28.71 -61.84
CA LYS B 178 46.10 30.14 -61.70
C LYS B 178 47.42 30.48 -61.02
N ARG B 179 47.99 29.55 -60.26
CA ARG B 179 49.23 29.76 -59.53
C ARG B 179 50.13 28.55 -59.73
N PRO B 180 50.72 28.41 -60.93
CA PRO B 180 51.45 27.17 -61.24
C PRO B 180 52.71 26.95 -60.41
N LYS B 181 53.30 28.00 -59.85
CA LYS B 181 54.47 27.84 -58.99
C LYS B 181 54.10 27.51 -57.55
N ALA B 182 52.82 27.53 -57.20
CA ALA B 182 52.42 27.39 -55.81
C ALA B 182 52.58 25.95 -55.34
N LYS B 183 53.15 25.78 -54.14
CA LYS B 183 53.35 24.48 -53.54
C LYS B 183 52.69 24.33 -52.17
N TYR B 184 52.46 25.42 -51.45
CA TYR B 184 52.10 25.37 -50.04
C TYR B 184 50.71 25.95 -49.82
N ILE B 185 50.06 25.46 -48.77
CA ILE B 185 48.81 26.04 -48.27
C ILE B 185 49.02 26.37 -46.80
N ILE B 186 48.90 27.65 -46.46
CA ILE B 186 49.07 28.08 -45.08
C ILE B 186 47.78 27.86 -44.32
N TRP B 187 47.87 27.19 -43.17
CA TRP B 187 46.71 26.59 -42.52
C TRP B 187 46.81 26.72 -41.00
N PRO B 188 46.08 27.66 -40.40
CA PRO B 188 45.96 27.66 -38.93
C PRO B 188 45.38 26.35 -38.44
N ARG B 189 46.08 25.74 -37.47
CA ARG B 189 45.82 24.36 -37.11
C ARG B 189 44.42 24.16 -36.55
N ILE B 190 43.73 23.14 -37.06
CA ILE B 190 42.50 22.62 -36.45
C ILE B 190 42.52 21.12 -36.62
N ASP B 191 42.32 20.38 -35.52
CA ASP B 191 42.51 18.93 -35.53
C ASP B 191 41.24 18.26 -36.06
N GLN B 192 41.14 18.25 -37.38
CA GLN B 192 40.06 17.55 -38.08
C GLN B 192 40.66 16.97 -39.36
N LYS B 193 40.55 15.64 -39.51
CA LYS B 193 41.33 14.95 -40.53
C LYS B 193 40.88 15.30 -41.95
N SER B 194 39.58 15.54 -42.16
CA SER B 194 39.09 15.76 -43.52
C SER B 194 39.65 17.04 -44.12
N CYS B 195 39.55 18.16 -43.39
CA CYS B 195 40.03 19.42 -43.94
C CYS B 195 41.55 19.43 -44.05
N PHE B 196 42.25 18.69 -43.20
CA PHE B 196 43.70 18.57 -43.35
C PHE B 196 44.05 17.75 -44.59
N LYS B 197 43.39 16.60 -44.76
CA LYS B 197 43.64 15.76 -45.94
C LYS B 197 43.24 16.42 -47.24
N SER B 198 42.30 17.37 -47.20
CA SER B 198 41.86 18.01 -48.44
C SER B 198 43.01 18.69 -49.17
N ILE B 200 46.25 17.81 -48.95
CA ILE B 200 47.18 16.79 -49.41
C ILE B 200 46.61 16.06 -50.62
N THR B 201 45.32 15.73 -50.59
CA THR B 201 44.69 15.09 -51.75
C THR B 201 44.75 15.98 -52.97
N ALA B 202 44.63 17.30 -52.78
CA ALA B 202 44.78 18.24 -53.89
C ALA B 202 46.20 18.30 -54.43
N GLY B 203 47.18 17.76 -53.70
CA GLY B 203 48.55 17.73 -54.16
C GLY B 203 49.44 18.83 -53.64
N PHE B 204 49.10 19.45 -52.51
CA PHE B 204 49.88 20.55 -51.95
C PHE B 204 50.37 20.19 -50.56
N GLU B 205 51.33 20.98 -50.08
CA GLU B 205 51.94 20.71 -48.78
CA GLU B 205 51.95 20.73 -48.78
C GLU B 205 51.34 21.66 -47.75
N PRO B 206 50.67 21.15 -46.72
CA PRO B 206 50.16 22.04 -45.67
C PRO B 206 51.29 22.66 -44.89
N VAL B 207 51.16 23.94 -44.58
CA VAL B 207 52.05 24.64 -43.68
C VAL B 207 51.25 24.93 -42.42
N VAL B 208 51.43 24.10 -41.39
CA VAL B 208 50.61 24.15 -40.20
C VAL B 208 51.07 25.32 -39.31
N ILE B 209 50.17 26.26 -39.08
CA ILE B 209 50.43 27.41 -38.21
C ILE B 209 49.83 27.10 -36.85
N GLU B 210 50.68 27.01 -35.82
CA GLU B 210 50.18 26.75 -34.48
C GLU B 210 49.38 27.95 -33.98
N ASN B 211 48.42 27.67 -33.10
CA ASN B 211 47.55 28.69 -32.55
C ASN B 211 48.16 29.32 -31.30
N VAL B 212 47.62 30.47 -30.92
CA VAL B 212 48.07 31.22 -29.75
C VAL B 212 47.07 31.01 -28.63
N LEU B 213 47.57 30.72 -27.43
CA LEU B 213 46.73 30.58 -26.25
C LEU B 213 46.44 31.98 -25.69
N GLU B 214 45.19 32.42 -25.83
CA GLU B 214 44.74 33.71 -25.32
CA GLU B 214 44.74 33.72 -25.33
C GLU B 214 43.63 33.45 -24.31
N GLY B 215 43.98 33.48 -23.03
CA GLY B 215 43.05 33.08 -22.00
C GLY B 215 42.86 31.58 -22.04
N ASP B 216 41.63 31.12 -22.27
CA ASP B 216 41.38 29.71 -22.53
C ASP B 216 41.26 29.39 -24.02
N GLU B 217 41.18 30.41 -24.86
CA GLU B 217 40.92 30.21 -26.28
C GLU B 217 42.20 30.01 -27.07
N LEU B 218 42.09 29.22 -28.13
CA LEU B 218 43.14 29.09 -29.13
C LEU B 218 42.74 29.91 -30.34
N ARG B 219 43.58 30.88 -30.72
CA ARG B 219 43.25 31.85 -31.75
C ARG B 219 44.36 31.92 -32.78
N THR B 220 44.07 32.58 -33.89
CA THR B 220 44.99 32.67 -35.01
C THR B 220 46.28 33.39 -34.61
N ASP B 221 47.42 32.82 -35.00
CA ASP B 221 48.72 33.47 -34.83
C ASP B 221 49.00 34.26 -36.10
N LEU B 222 48.58 35.52 -36.11
CA LEU B 222 48.69 36.32 -37.33
C LEU B 222 50.14 36.60 -37.68
N LYS B 223 50.99 36.83 -36.69
CA LYS B 223 52.40 37.12 -36.99
C LYS B 223 53.10 35.90 -37.56
N ALA B 224 52.75 34.70 -37.08
CA ALA B 224 53.33 33.48 -37.65
C ALA B 224 52.82 33.22 -39.06
N VAL B 225 51.58 33.60 -39.34
CA VAL B 225 51.05 33.47 -40.71
C VAL B 225 51.82 34.39 -41.65
N GLU B 226 51.96 35.67 -41.27
CA GLU B 226 52.68 36.62 -42.11
CA GLU B 226 52.67 36.59 -42.14
C GLU B 226 54.14 36.23 -42.27
N ALA B 227 54.73 35.67 -41.22
CA ALA B 227 56.13 35.26 -41.30
C ALA B 227 56.32 34.13 -42.31
N LYS B 228 55.37 33.19 -42.35
CA LYS B 228 55.46 32.11 -43.32
C LYS B 228 55.26 32.62 -44.74
N VAL B 229 54.39 33.61 -44.92
CA VAL B 229 54.23 34.25 -46.22
C VAL B 229 55.55 34.83 -46.69
N GLN B 230 56.25 35.54 -45.80
CA GLN B 230 57.50 36.17 -46.18
C GLN B 230 58.62 35.15 -46.37
N GLU B 231 58.61 34.06 -45.58
CA GLU B 231 59.65 33.06 -45.71
C GLU B 231 59.49 32.25 -47.00
N LEU B 232 58.30 31.69 -47.22
CA LEU B 232 58.08 30.83 -48.37
C LEU B 232 57.89 31.63 -49.66
N GLY B 233 57.37 32.85 -49.56
CA GLY B 233 57.11 33.66 -50.73
C GLY B 233 55.68 33.53 -51.19
N PRO B 234 55.02 34.68 -51.42
CA PRO B 234 53.61 34.64 -51.82
C PRO B 234 53.34 33.81 -53.06
N ASP B 235 54.23 33.87 -54.06
CA ASP B 235 54.01 33.11 -55.28
C ASP B 235 54.08 31.60 -55.05
N CYS B 236 54.74 31.16 -53.98
CA CYS B 236 54.82 29.74 -53.65
C CYS B 236 53.64 29.26 -52.84
N ILE B 237 52.73 30.15 -52.46
CA ILE B 237 51.59 29.81 -51.60
C ILE B 237 50.36 29.74 -52.47
N LEU B 238 49.69 28.58 -52.48
CA LEU B 238 48.46 28.45 -53.25
C LEU B 238 47.35 29.30 -52.65
N CYS B 239 47.17 29.24 -51.34
CA CYS B 239 46.16 30.02 -50.65
C CYS B 239 46.42 29.92 -49.15
N ILE B 240 45.73 30.78 -48.41
CA ILE B 240 45.58 30.63 -46.96
C ILE B 240 44.25 29.94 -46.71
N HIS B 241 44.27 28.90 -45.90
CA HIS B 241 43.11 28.05 -45.65
C HIS B 241 42.71 28.22 -44.19
N SER B 242 41.69 29.05 -43.96
CA SER B 242 41.23 29.38 -42.62
C SER B 242 39.96 28.59 -42.28
N THR B 243 39.57 28.67 -41.02
CA THR B 243 38.46 27.86 -40.50
C THR B 243 37.62 28.67 -39.52
N THR B 244 36.31 28.69 -39.75
CA THR B 244 35.38 29.35 -38.83
C THR B 244 34.86 28.37 -37.80
N SER B 245 33.87 27.56 -38.17
CA SER B 245 33.27 26.61 -37.24
C SER B 245 34.30 25.58 -36.80
N CYS B 246 34.39 25.36 -35.49
CA CYS B 246 35.40 24.47 -34.92
C CYS B 246 35.02 24.14 -33.49
N PHE B 247 35.73 23.16 -32.93
CA PHE B 247 35.52 22.74 -31.55
C PHE B 247 36.22 23.70 -30.58
N ALA B 248 35.51 24.07 -29.52
CA ALA B 248 36.15 24.78 -28.42
C ALA B 248 37.25 23.90 -27.84
N PRO B 249 38.32 24.51 -27.28
CA PRO B 249 38.54 25.94 -27.04
C PRO B 249 39.10 26.71 -28.25
N ARG B 250 39.17 26.07 -29.41
CA ARG B 250 39.48 26.85 -30.60
C ARG B 250 38.30 27.72 -30.97
N VAL B 251 38.58 28.86 -31.58
CA VAL B 251 37.53 29.80 -31.99
C VAL B 251 37.70 30.02 -33.48
N PRO B 252 36.68 30.59 -34.14
CA PRO B 252 36.82 30.94 -35.55
C PRO B 252 38.06 31.80 -35.80
N ASP B 253 38.71 31.57 -36.93
CA ASP B 253 39.92 32.29 -37.27
C ASP B 253 39.64 33.79 -37.42
N ARG B 254 40.69 34.58 -37.25
CA ARG B 254 40.60 36.04 -37.42
C ARG B 254 40.54 36.36 -38.90
N LEU B 255 39.35 36.16 -39.49
CA LEU B 255 39.19 36.25 -40.93
C LEU B 255 39.48 37.64 -41.46
N GLU B 256 39.18 38.68 -40.70
CA GLU B 256 39.40 40.04 -41.18
C GLU B 256 40.89 40.31 -41.38
N GLU B 257 41.71 39.97 -40.39
CA GLU B 257 43.14 40.20 -40.51
C GLU B 257 43.76 39.28 -41.57
N LEU B 258 43.27 38.04 -41.66
CA LEU B 258 43.74 37.14 -42.71
C LEU B 258 43.35 37.65 -44.08
N ALA B 259 42.13 38.19 -44.23
CA ALA B 259 41.71 38.72 -45.52
C ALA B 259 42.57 39.90 -45.95
N VAL B 260 43.03 40.71 -44.99
CA VAL B 260 43.91 41.83 -45.33
C VAL B 260 45.28 41.35 -45.76
N ILE B 261 45.82 40.34 -45.05
CA ILE B 261 47.09 39.73 -45.44
C ILE B 261 47.00 39.22 -46.88
N CYS B 262 45.92 38.50 -47.19
CA CYS B 262 45.75 37.94 -48.52
C CYS B 262 45.63 39.04 -49.57
N ALA B 263 44.90 40.11 -49.26
CA ALA B 263 44.75 41.19 -50.22
C ALA B 263 46.07 41.91 -50.45
N ASN B 264 46.88 42.07 -49.40
CA ASN B 264 48.15 42.78 -49.53
C ASN B 264 49.14 41.99 -50.38
N TYR B 265 49.13 40.66 -50.26
CA TYR B 265 50.09 39.82 -50.94
C TYR B 265 49.53 39.14 -52.19
N ASP B 266 48.28 39.42 -52.56
CA ASP B 266 47.63 38.81 -53.72
CA ASP B 266 47.64 38.81 -53.72
C ASP B 266 47.64 37.28 -53.60
N ILE B 267 47.22 36.79 -52.44
CA ILE B 267 47.16 35.36 -52.16
C ILE B 267 45.70 34.97 -51.99
N PRO B 268 45.24 33.90 -52.63
CA PRO B 268 43.84 33.47 -52.45
C PRO B 268 43.56 33.09 -51.00
N HIS B 269 42.29 33.20 -50.62
CA HIS B 269 41.85 32.93 -49.26
C HIS B 269 40.63 32.00 -49.33
N ILE B 270 40.79 30.77 -48.87
CA ILE B 270 39.73 29.77 -48.86
C ILE B 270 39.32 29.52 -47.41
N VAL B 271 38.02 29.63 -47.13
CA VAL B 271 37.49 29.53 -45.77
C VAL B 271 36.74 28.20 -45.64
N ASN B 272 37.16 27.39 -44.66
CA ASN B 272 36.43 26.20 -44.27
C ASN B 272 35.35 26.63 -43.28
N ASN B 273 34.10 26.67 -43.76
CA ASN B 273 32.95 27.08 -42.95
C ASN B 273 32.01 25.89 -42.77
N ALA B 274 32.59 24.73 -42.42
CA ALA B 274 31.89 23.45 -42.51
C ALA B 274 30.48 23.51 -41.90
N TYR B 275 30.36 24.02 -40.68
CA TYR B 275 29.05 24.14 -40.05
C TYR B 275 28.82 25.53 -39.48
N GLY B 276 29.22 26.55 -40.24
CA GLY B 276 29.08 27.91 -39.77
C GLY B 276 27.85 28.64 -40.30
N VAL B 277 27.14 28.03 -41.26
CA VAL B 277 25.93 28.65 -41.79
C VAL B 277 24.92 28.88 -40.67
N GLN B 278 24.85 27.93 -39.72
CA GLN B 278 23.91 28.01 -38.61
C GLN B 278 24.29 29.07 -37.58
N SER B 279 25.41 29.76 -37.75
CA SER B 279 25.90 30.72 -36.78
C SER B 279 25.97 32.09 -37.45
N SER B 280 25.08 33.00 -37.05
CA SER B 280 25.11 34.35 -37.60
C SER B 280 26.42 35.06 -37.28
N LYS B 281 27.08 34.68 -36.18
CA LYS B 281 28.37 35.27 -35.86
C LYS B 281 29.45 34.79 -36.82
N CYS B 282 29.42 33.50 -37.17
CA CYS B 282 30.37 33.00 -38.16
C CYS B 282 30.13 33.65 -39.52
N HIS B 284 28.58 36.57 -40.23
CA HIS B 284 28.95 37.98 -40.20
CA HIS B 284 28.96 37.98 -40.21
C HIS B 284 30.47 38.15 -40.27
N LEU B 285 31.22 37.23 -39.66
CA LEU B 285 32.67 37.29 -39.72
C LEU B 285 33.17 37.06 -41.15
N ILE B 286 32.54 36.14 -41.87
CA ILE B 286 32.87 35.95 -43.28
C ILE B 286 32.52 37.20 -44.08
N GLN B 287 31.35 37.78 -43.82
CA GLN B 287 30.93 38.98 -44.54
C GLN B 287 31.89 40.14 -44.29
N GLN B 288 32.38 40.28 -43.06
CA GLN B 288 33.27 41.38 -42.74
C GLN B 288 34.66 41.17 -43.35
N GLY B 289 35.14 39.93 -43.36
CA GLY B 289 36.41 39.66 -44.01
C GLY B 289 36.39 40.00 -45.49
N ALA B 290 35.28 39.70 -46.17
CA ALA B 290 35.15 40.03 -47.58
C ALA B 290 35.06 41.53 -47.80
N ARG B 291 34.56 42.26 -46.81
CA ARG B 291 34.42 43.71 -46.96
C ARG B 291 35.76 44.42 -46.86
N VAL B 292 36.61 44.00 -45.93
CA VAL B 292 37.86 44.69 -45.69
C VAL B 292 39.04 44.08 -46.45
N GLY B 293 38.93 42.83 -46.88
CA GLY B 293 40.03 42.15 -47.55
C GLY B 293 39.53 41.16 -48.56
N ARG B 294 40.22 40.03 -48.66
CA ARG B 294 40.02 39.07 -49.73
C ARG B 294 39.52 37.75 -49.18
N ILE B 295 38.39 37.27 -49.69
CA ILE B 295 37.93 35.91 -49.48
C ILE B 295 37.50 35.36 -50.84
N ASP B 296 38.19 34.33 -51.31
CA ASP B 296 37.92 33.81 -52.65
C ASP B 296 36.75 32.84 -52.66
N ALA B 297 36.63 32.02 -51.63
CA ALA B 297 35.51 31.08 -51.51
C ALA B 297 35.39 30.64 -50.07
N PHE B 298 34.17 30.29 -49.68
CA PHE B 298 33.92 29.64 -48.40
C PHE B 298 33.01 28.45 -48.63
N VAL B 299 33.28 27.35 -47.91
CA VAL B 299 32.68 26.05 -48.15
C VAL B 299 31.98 25.60 -46.88
N GLN B 300 30.79 25.00 -47.03
CA GLN B 300 30.01 24.56 -45.89
C GLN B 300 29.33 23.23 -46.20
N SER B 301 29.10 22.45 -45.15
CA SER B 301 28.49 21.14 -45.27
C SER B 301 26.97 21.24 -45.39
N LEU B 302 26.39 20.42 -46.26
CA LEU B 302 24.93 20.37 -46.35
C LEU B 302 24.33 19.72 -45.12
N ASP B 303 24.88 18.58 -44.70
CA ASP B 303 24.25 17.83 -43.61
C ASP B 303 24.34 18.57 -42.28
N LYS B 304 25.47 19.25 -42.03
CA LYS B 304 25.64 19.92 -40.75
C LYS B 304 24.79 21.18 -40.63
N ASN B 305 24.39 21.79 -41.75
CA ASN B 305 23.67 23.05 -41.72
C ASN B 305 22.22 22.95 -42.15
N PHE B 306 21.80 21.84 -42.73
CA PHE B 306 20.44 21.72 -43.26
C PHE B 306 19.76 20.42 -42.86
N VAL B 308 20.25 17.16 -43.45
CA VAL B 308 20.03 16.21 -44.55
C VAL B 308 21.12 15.15 -44.44
N PRO B 309 21.06 14.05 -45.19
CA PRO B 309 22.14 13.06 -45.11
C PRO B 309 23.48 13.62 -45.56
N VAL B 310 24.54 12.97 -45.07
CA VAL B 310 25.89 13.31 -45.47
C VAL B 310 26.07 13.12 -46.96
N GLY B 311 26.85 13.99 -47.60
CA GLY B 311 27.25 13.76 -48.97
C GLY B 311 27.39 14.99 -49.84
N GLY B 312 26.91 16.14 -49.38
CA GLY B 312 26.93 17.34 -50.18
C GLY B 312 27.52 18.51 -49.43
N ALA B 313 27.84 19.56 -50.20
CA ALA B 313 28.42 20.78 -49.66
C ALA B 313 27.99 21.94 -50.55
N ILE B 314 28.29 23.15 -50.09
CA ILE B 314 28.04 24.38 -50.84
C ILE B 314 29.35 25.14 -50.96
N ILE B 315 29.70 25.52 -52.19
CA ILE B 315 30.84 26.39 -52.45
C ILE B 315 30.28 27.75 -52.83
N ALA B 316 30.67 28.78 -52.09
CA ALA B 316 30.13 30.12 -52.27
C ALA B 316 31.27 31.12 -52.31
N GLY B 317 30.98 32.30 -52.85
CA GLY B 317 32.01 33.30 -52.96
C GLY B 317 31.44 34.65 -53.33
N PHE B 318 32.34 35.59 -53.56
CA PHE B 318 31.99 36.97 -53.87
C PHE B 318 32.41 37.40 -55.27
N ASN B 319 33.24 36.60 -55.94
CA ASN B 319 33.58 36.80 -57.34
C ASN B 319 32.81 35.78 -58.15
N ASP B 320 31.79 36.26 -58.88
CA ASP B 320 30.90 35.34 -59.61
C ASP B 320 31.68 34.49 -60.60
N SER B 321 32.62 35.09 -61.32
CA SER B 321 33.35 34.34 -62.35
C SER B 321 34.22 33.26 -61.74
N PHE B 322 34.85 33.53 -60.59
CA PHE B 322 35.72 32.52 -59.99
C PHE B 322 34.90 31.35 -59.45
N ILE B 323 33.75 31.63 -58.84
CA ILE B 323 32.89 30.53 -58.37
C ILE B 323 32.44 29.67 -59.56
N GLN B 324 32.17 30.31 -60.69
CA GLN B 324 31.84 29.55 -61.90
CA GLN B 324 31.83 29.54 -61.89
C GLN B 324 33.02 28.72 -62.38
N GLU B 325 34.24 29.21 -62.19
CA GLU B 325 35.43 28.45 -62.57
C GLU B 325 35.52 27.15 -61.77
N ILE B 326 35.27 27.22 -60.46
CA ILE B 326 35.29 26.02 -59.64
C ILE B 326 34.25 25.02 -60.12
N SER B 327 33.04 25.51 -60.42
CA SER B 327 31.99 24.64 -60.91
C SER B 327 32.41 23.95 -62.22
N LYS B 328 33.00 24.71 -63.14
CA LYS B 328 33.39 24.15 -64.42
C LYS B 328 34.60 23.22 -64.31
N TYR B 330 34.72 20.75 -62.33
CA TYR B 330 34.19 19.42 -62.00
C TYR B 330 33.99 18.61 -63.28
N PRO B 331 34.63 17.45 -63.41
CA PRO B 331 34.47 16.66 -64.64
C PRO B 331 33.27 15.71 -64.59
N GLY B 332 32.37 15.83 -65.56
CA GLY B 332 31.29 14.89 -65.71
C GLY B 332 30.04 15.25 -64.94
N ARG B 333 29.04 14.38 -65.04
CA ARG B 333 27.79 14.56 -64.33
CA ARG B 333 27.80 14.59 -64.33
C ARG B 333 27.96 14.19 -62.86
N ALA B 334 27.00 14.62 -62.05
CA ALA B 334 27.09 14.37 -60.62
C ALA B 334 25.71 14.01 -60.07
N SER B 335 25.72 13.43 -58.88
CA SER B 335 24.47 12.99 -58.26
C SER B 335 23.55 14.18 -57.98
N ALA B 336 22.25 13.97 -58.21
CA ALA B 336 21.26 14.97 -57.87
C ALA B 336 20.68 14.77 -56.47
N SER B 337 21.07 13.69 -55.79
CA SER B 337 20.45 13.34 -54.51
C SER B 337 20.67 14.39 -53.43
N PRO B 338 21.88 14.92 -53.22
CA PRO B 338 22.02 15.99 -52.21
C PRO B 338 21.22 17.24 -52.55
N SER B 339 21.16 17.62 -53.83
CA SER B 339 20.35 18.79 -54.20
C SER B 339 18.87 18.54 -53.95
N LEU B 340 18.40 17.34 -54.25
CA LEU B 340 16.98 17.02 -54.00
C LEU B 340 16.67 17.08 -52.50
N ASP B 341 17.61 16.65 -51.66
CA ASP B 341 17.38 16.65 -50.22
C ASP B 341 17.21 18.07 -49.69
N VAL B 342 18.11 18.98 -50.08
CA VAL B 342 18.04 20.35 -49.58
CA VAL B 342 18.01 20.34 -49.56
C VAL B 342 16.84 21.08 -50.18
N LEU B 343 16.50 20.76 -51.43
CA LEU B 343 15.31 21.35 -52.04
C LEU B 343 14.06 20.97 -51.26
N ILE B 344 13.89 19.67 -50.98
CA ILE B 344 12.76 19.22 -50.18
C ILE B 344 12.77 19.89 -48.82
N THR B 345 13.93 19.96 -48.18
CA THR B 345 14.03 20.49 -46.82
C THR B 345 13.67 21.96 -46.78
N LEU B 346 14.25 22.76 -47.68
CA LEU B 346 14.04 24.21 -47.63
C LEU B 346 12.62 24.57 -48.03
N LEU B 347 12.03 23.87 -49.00
CA LEU B 347 10.64 24.14 -49.37
C LEU B 347 9.69 23.71 -48.27
N SER B 348 10.04 22.67 -47.51
CA SER B 348 9.17 22.22 -46.41
C SER B 348 9.34 23.11 -45.19
N LEU B 349 10.56 23.56 -44.91
CA LEU B 349 10.79 24.43 -43.75
C LEU B 349 10.34 25.85 -44.02
N GLY B 350 10.64 26.37 -45.21
CA GLY B 350 10.46 27.79 -45.46
C GLY B 350 11.55 28.60 -44.78
N SER B 351 11.72 29.87 -45.16
CA SER B 351 12.72 30.68 -44.49
C SER B 351 12.35 30.94 -43.03
N ASN B 352 11.05 31.01 -42.73
CA ASN B 352 10.62 31.13 -41.34
C ASN B 352 11.01 29.90 -40.53
N GLY B 353 10.85 28.72 -41.12
CA GLY B 353 11.24 27.50 -40.44
C GLY B 353 12.73 27.45 -40.16
N TYR B 354 13.55 27.90 -41.12
CA TYR B 354 14.99 27.88 -40.90
C TYR B 354 15.40 28.93 -39.87
N LYS B 355 14.83 30.14 -39.97
CA LYS B 355 15.10 31.16 -38.96
C LYS B 355 14.76 30.66 -37.56
N LYS B 356 13.64 29.94 -37.43
CA LYS B 356 13.25 29.42 -36.12
C LYS B 356 14.28 28.43 -35.60
N LEU B 357 14.83 27.60 -36.47
CA LEU B 357 15.88 26.68 -36.06
C LEU B 357 17.15 27.41 -35.64
N LEU B 358 17.46 28.53 -36.31
CA LEU B 358 18.63 29.32 -35.92
C LEU B 358 18.41 29.98 -34.57
N LYS B 359 17.22 30.52 -34.34
CA LYS B 359 16.91 31.13 -33.05
C LYS B 359 16.94 30.10 -31.93
N GLU B 360 16.42 28.90 -32.18
CA GLU B 360 16.43 27.86 -31.16
C GLU B 360 17.84 27.36 -30.88
N ARG B 361 18.74 27.41 -31.88
CA ARG B 361 20.10 26.98 -31.64
C ARG B 361 20.79 27.91 -30.65
N LYS B 362 20.56 29.23 -30.77
CA LYS B 362 21.11 30.17 -29.81
C LYS B 362 20.55 29.91 -28.41
N GLU B 363 19.23 29.68 -28.32
CA GLU B 363 18.61 29.45 -27.01
C GLU B 363 19.14 28.17 -26.37
N PHE B 365 22.06 26.88 -26.96
CA PHE B 365 23.45 27.13 -26.58
C PHE B 365 23.53 27.73 -25.18
N SER B 366 22.67 28.70 -24.88
CA SER B 366 22.66 29.29 -23.54
C SER B 366 22.26 28.28 -22.49
N TYR B 367 21.27 27.43 -22.80
CA TYR B 367 20.81 26.44 -21.83
C TYR B 367 21.88 25.38 -21.58
N LEU B 368 22.48 24.85 -22.65
CA LEU B 368 23.56 23.88 -22.50
C LEU B 368 24.71 24.46 -21.70
N SER B 369 25.09 25.71 -21.98
CA SER B 369 26.18 26.34 -21.26
C SER B 369 25.88 26.47 -19.78
N ASN B 370 24.66 26.89 -19.43
CA ASN B 370 24.30 27.04 -18.02
C ASN B 370 24.26 25.68 -17.33
N GLN B 371 23.76 24.64 -18.01
CA GLN B 371 23.72 23.32 -17.41
C GLN B 371 25.13 22.76 -17.21
N ILE B 372 26.04 23.03 -18.15
CA ILE B 372 27.42 22.57 -17.98
C ILE B 372 28.09 23.30 -16.83
N LYS B 373 27.86 24.61 -16.73
CA LYS B 373 28.41 25.38 -15.62
C LYS B 373 27.92 24.83 -14.29
N LYS B 374 26.64 24.49 -14.20
CA LYS B 374 26.09 23.95 -12.96
C LYS B 374 26.70 22.59 -12.64
N LEU B 375 26.80 21.71 -13.65
CA LEU B 375 27.36 20.38 -13.40
C LEU B 375 28.85 20.47 -13.08
N SER B 376 29.57 21.37 -13.74
CA SER B 376 31.01 21.48 -13.50
C SER B 376 31.31 21.95 -12.08
N GLU B 377 30.42 22.74 -11.48
CA GLU B 377 30.61 23.13 -10.08
C GLU B 377 30.61 21.92 -9.17
N ALA B 378 29.68 20.99 -9.38
CA ALA B 378 29.50 19.86 -8.48
C ALA B 378 30.69 18.91 -8.48
N TYR B 379 31.51 18.93 -9.54
CA TYR B 379 32.66 18.03 -9.65
C TYR B 379 33.98 18.79 -9.67
N ASN B 380 34.00 20.00 -9.09
CA ASN B 380 35.21 20.81 -8.99
CA ASN B 380 35.21 20.81 -8.99
C ASN B 380 35.87 21.06 -10.35
N GLU B 381 35.06 21.11 -11.39
CA GLU B 381 35.52 21.46 -12.73
C GLU B 381 35.00 22.86 -13.07
N ARG B 382 35.27 23.31 -14.29
CA ARG B 382 34.81 24.61 -14.72
C ARG B 382 34.57 24.61 -16.21
N LEU B 383 33.71 25.53 -16.65
CA LEU B 383 33.48 25.76 -18.06
C LEU B 383 34.57 26.68 -18.60
N LEU B 384 35.32 26.20 -19.58
CA LEU B 384 36.34 27.04 -20.19
C LEU B 384 35.70 28.27 -20.82
N HIS B 385 36.34 29.43 -20.63
CA HIS B 385 35.81 30.69 -21.12
C HIS B 385 36.19 30.83 -22.58
N THR B 386 35.24 30.52 -23.47
CA THR B 386 35.45 30.61 -24.92
C THR B 386 34.33 31.43 -25.54
N PRO B 387 34.24 32.72 -25.22
CA PRO B 387 33.10 33.51 -25.72
C PRO B 387 33.11 33.73 -27.22
N HIS B 388 34.24 33.55 -27.89
CA HIS B 388 34.32 33.75 -29.34
C HIS B 388 33.88 32.52 -30.12
N ASN B 389 33.58 31.41 -29.47
CA ASN B 389 33.02 30.25 -30.15
C ASN B 389 31.53 30.18 -29.86
N PRO B 390 30.67 30.38 -30.85
CA PRO B 390 29.23 30.42 -30.61
C PRO B 390 28.51 29.09 -30.73
N ILE B 391 29.22 27.98 -30.98
CA ILE B 391 28.62 26.69 -31.23
C ILE B 391 29.09 25.64 -30.23
N SER B 392 30.39 25.59 -29.97
CA SER B 392 31.00 24.51 -29.21
C SER B 392 31.40 24.98 -27.82
N LEU B 393 31.28 24.09 -26.84
CA LEU B 393 31.64 24.36 -25.45
C LEU B 393 32.65 23.33 -24.98
N ALA B 394 33.40 23.70 -23.94
CA ALA B 394 34.42 22.81 -23.39
C ALA B 394 34.40 22.89 -21.88
N THR B 396 36.33 21.44 -18.32
CA THR B 396 37.58 20.84 -17.86
C THR B 396 37.35 19.45 -17.28
N LEU B 397 38.37 18.60 -17.39
CA LEU B 397 38.41 17.28 -16.77
C LEU B 397 39.70 17.12 -15.97
N LYS B 398 40.12 18.20 -15.31
CA LYS B 398 41.41 18.21 -14.62
C LYS B 398 41.39 17.32 -13.38
N THR B 399 40.24 17.20 -12.71
CA THR B 399 40.15 16.37 -11.51
C THR B 399 40.17 14.89 -11.80
N LEU B 400 40.13 14.50 -13.07
CA LEU B 400 40.17 13.10 -13.46
C LEU B 400 41.61 12.70 -13.79
N ASP B 401 42.01 11.55 -13.25
CA ASP B 401 43.37 11.04 -13.42
C ASP B 401 43.38 9.97 -14.50
N GLU B 402 44.22 10.16 -15.52
CA GLU B 402 44.36 9.20 -16.61
C GLU B 402 45.58 8.30 -16.47
N HIS B 403 46.71 8.83 -16.01
CA HIS B 403 47.86 7.97 -15.76
C HIS B 403 47.58 7.03 -14.58
N ARG B 404 46.76 7.46 -13.63
CA ARG B 404 46.43 6.60 -12.49
C ARG B 404 45.28 5.66 -12.82
N ASP B 405 44.18 6.19 -13.37
CA ASP B 405 42.98 5.39 -13.59
C ASP B 405 42.59 5.19 -15.05
N LYS B 406 43.22 5.90 -15.99
CA LYS B 406 42.75 5.98 -17.38
C LYS B 406 41.31 6.46 -17.46
N ALA B 407 40.92 7.37 -16.56
CA ALA B 407 39.52 7.78 -16.48
C ALA B 407 39.12 8.68 -17.64
N VAL B 408 40.05 9.52 -18.10
CA VAL B 408 39.75 10.42 -19.22
C VAL B 408 39.43 9.61 -20.47
N THR B 409 40.28 8.64 -20.79
CA THR B 409 40.03 7.79 -21.95
C THR B 409 38.76 6.96 -21.75
N GLN B 410 38.53 6.44 -20.54
CA GLN B 410 37.34 5.65 -20.29
C GLN B 410 36.08 6.48 -20.38
N LEU B 411 36.14 7.77 -19.99
CA LEU B 411 34.95 8.60 -19.99
C LEU B 411 34.30 8.66 -21.37
N GLY B 412 35.12 8.67 -22.43
CA GLY B 412 34.56 8.72 -23.77
C GLY B 412 33.73 7.50 -24.10
N SER B 413 34.27 6.31 -23.82
CA SER B 413 33.53 5.08 -24.09
C SER B 413 32.38 4.88 -23.10
N LEU B 415 30.42 7.44 -21.99
CA LEU B 415 29.35 8.24 -22.59
C LEU B 415 28.77 7.54 -23.81
N PHE B 416 29.61 6.85 -24.57
CA PHE B 416 29.14 6.17 -25.77
C PHE B 416 28.20 5.02 -25.43
N THR B 417 28.56 4.21 -24.44
CA THR B 417 27.70 3.10 -24.04
C THR B 417 26.38 3.57 -23.45
N ARG B 418 26.33 4.78 -22.90
CA ARG B 418 25.09 5.36 -22.41
C ARG B 418 24.35 6.15 -23.48
N GLN B 419 24.73 5.96 -24.75
CA GLN B 419 24.04 6.56 -25.89
C GLN B 419 24.11 8.09 -25.86
N VAL B 420 25.26 8.62 -25.46
CA VAL B 420 25.59 10.02 -25.66
C VAL B 420 26.49 10.09 -26.89
N SER B 421 26.02 10.75 -27.93
CA SER B 421 26.78 10.92 -29.16
C SER B 421 27.15 12.38 -29.36
N GLY B 422 28.34 12.60 -29.94
CA GLY B 422 28.82 13.93 -30.22
C GLY B 422 29.70 14.54 -29.15
N ALA B 423 29.81 13.91 -27.99
CA ALA B 423 30.66 14.42 -26.92
C ALA B 423 32.10 13.98 -27.19
N ARG B 424 32.99 14.95 -27.39
CA ARG B 424 34.41 14.69 -27.59
C ARG B 424 35.13 14.80 -26.25
N VAL B 425 35.85 13.74 -25.89
CA VAL B 425 36.77 13.77 -24.76
C VAL B 425 38.16 14.00 -25.33
N VAL B 426 38.81 15.08 -24.91
CA VAL B 426 40.13 15.44 -25.43
C VAL B 426 41.16 15.23 -24.33
N PRO B 427 41.96 14.18 -24.39
CA PRO B 427 42.98 13.93 -23.38
C PRO B 427 44.22 14.80 -23.64
N LEU B 428 45.22 14.61 -22.81
CA LEU B 428 46.49 15.31 -22.93
C LEU B 428 47.52 14.45 -23.65
N GLY B 429 48.32 15.10 -24.49
CA GLY B 429 49.48 14.44 -25.08
C GLY B 429 49.18 13.34 -26.07
N SER B 430 48.03 13.40 -26.74
CA SER B 430 47.71 12.40 -27.75
C SER B 430 48.51 12.68 -29.01
N GLN B 432 49.16 11.62 -33.07
CA GLN B 432 48.41 11.08 -34.20
C GLN B 432 49.08 11.48 -35.49
N THR B 433 49.31 10.50 -36.37
CA THR B 433 49.89 10.74 -37.68
C THR B 433 48.78 10.70 -38.73
N VAL B 434 48.67 11.77 -39.52
CA VAL B 434 47.68 11.89 -40.58
C VAL B 434 48.42 12.19 -41.87
N SER B 435 48.41 11.24 -42.80
CA SER B 435 49.06 11.39 -44.11
C SER B 435 50.53 11.76 -43.96
N GLY B 436 51.21 11.11 -43.03
CA GLY B 436 52.64 11.32 -42.83
C GLY B 436 53.00 12.44 -41.88
N TYR B 437 52.06 13.32 -41.52
CA TYR B 437 52.31 14.41 -40.62
CA TYR B 437 52.31 14.42 -40.61
C TYR B 437 51.89 14.01 -39.20
N THR B 438 52.77 14.23 -38.24
CA THR B 438 52.54 13.85 -36.85
C THR B 438 52.02 15.05 -36.06
N PHE B 439 50.83 14.90 -35.48
CA PHE B 439 50.26 15.90 -34.58
C PHE B 439 50.55 15.51 -33.14
N ARG B 440 50.99 16.47 -32.35
CA ARG B 440 51.15 16.28 -30.91
CA ARG B 440 51.16 16.29 -30.91
C ARG B 440 50.01 17.00 -30.20
N GLY B 441 49.50 16.37 -29.14
CA GLY B 441 48.33 16.92 -28.48
C GLY B 441 47.12 16.92 -29.39
N PHE B 442 46.94 15.87 -30.17
CA PHE B 442 45.87 15.81 -31.16
C PHE B 442 44.50 15.98 -30.51
N SER B 444 43.29 18.56 -29.64
CA SER B 444 43.34 19.76 -28.82
C SER B 444 43.84 20.98 -29.58
N HIS B 445 44.18 20.83 -30.86
CA HIS B 445 44.57 21.93 -31.74
C HIS B 445 45.84 22.65 -31.28
N THR B 446 46.57 22.08 -30.33
CA THR B 446 47.84 22.62 -29.88
C THR B 446 48.64 21.49 -29.27
N ASN B 447 49.95 21.73 -29.09
CA ASN B 447 50.82 20.66 -28.61
C ASN B 447 50.64 20.39 -27.13
N ASN B 448 50.35 21.43 -26.32
CA ASN B 448 50.23 21.25 -24.87
C ASN B 448 49.18 22.22 -24.34
N TYR B 449 47.90 21.87 -24.55
CA TYR B 449 46.84 22.60 -23.88
C TYR B 449 46.91 22.31 -22.38
N PRO B 450 46.60 23.32 -21.54
CA PRO B 450 46.80 23.15 -20.09
C PRO B 450 46.11 21.95 -19.47
N CYS B 451 45.01 21.45 -20.04
CA CYS B 451 44.28 20.39 -19.38
C CYS B 451 43.46 19.59 -20.39
N ALA B 452 43.00 18.42 -19.93
CA ALA B 452 42.03 17.64 -20.68
C ALA B 452 40.63 18.22 -20.46
N TYR B 453 39.76 18.02 -21.44
CA TYR B 453 38.45 18.64 -21.38
C TYR B 453 37.44 17.82 -22.17
N LEU B 454 36.17 18.18 -22.03
CA LEU B 454 35.05 17.54 -22.70
C LEU B 454 34.33 18.54 -23.59
N ASN B 455 33.99 18.13 -24.80
CA ASN B 455 33.32 18.98 -25.76
C ASN B 455 31.83 18.66 -25.84
N ALA B 456 31.01 19.70 -25.92
CA ALA B 456 29.61 19.58 -26.26
C ALA B 456 29.22 20.81 -27.07
N ALA B 457 28.26 20.62 -27.98
CA ALA B 457 27.91 21.67 -28.92
C ALA B 457 26.41 21.81 -29.03
N SER B 458 25.97 23.01 -29.37
CA SER B 458 24.58 23.30 -29.68
C SER B 458 24.48 23.51 -31.19
N ALA B 459 24.15 22.45 -31.91
CA ALA B 459 23.97 22.51 -33.35
C ALA B 459 22.48 22.54 -33.68
N ILE B 460 22.18 22.94 -34.92
CA ILE B 460 20.79 23.10 -35.32
CA ILE B 460 20.80 23.11 -35.34
C ILE B 460 20.03 21.79 -35.19
N GLY B 461 18.77 21.88 -34.79
CA GLY B 461 17.95 20.72 -34.57
C GLY B 461 17.99 20.16 -33.17
N LYS B 463 17.35 19.67 -29.24
CA LYS B 463 16.20 19.90 -28.39
C LYS B 463 16.64 19.91 -26.93
N GLN B 465 15.63 18.14 -24.57
CA GLN B 465 15.82 16.77 -24.09
CA GLN B 465 15.82 16.78 -24.09
C GLN B 465 17.25 16.31 -24.35
N ASP B 466 17.83 16.71 -25.48
CA ASP B 466 19.22 16.36 -25.77
C ASP B 466 20.14 16.82 -24.66
N VAL B 467 19.97 18.05 -24.19
CA VAL B 467 20.85 18.58 -23.15
C VAL B 467 20.55 17.91 -21.81
N ASP B 468 19.28 17.72 -21.49
CA ASP B 468 18.92 17.14 -20.19
C ASP B 468 19.41 15.70 -20.08
N LEU B 469 19.25 14.91 -21.13
CA LEU B 469 19.78 13.55 -21.11
C LEU B 469 21.29 13.55 -21.03
N PHE B 470 21.96 14.45 -21.77
CA PHE B 470 23.41 14.53 -21.71
C PHE B 470 23.90 14.88 -20.32
N ILE B 471 23.26 15.88 -19.68
CA ILE B 471 23.67 16.28 -18.33
C ILE B 471 23.45 15.13 -17.36
N LYS B 472 22.31 14.44 -17.46
CA LYS B 472 22.04 13.33 -16.55
C LYS B 472 23.04 12.20 -16.74
N ARG B 473 23.34 11.85 -18.00
CA ARG B 473 24.22 10.72 -18.26
C ARG B 473 25.68 11.07 -17.96
N LEU B 474 26.10 12.30 -18.23
CA LEU B 474 27.44 12.73 -17.84
C LEU B 474 27.58 12.72 -16.32
N ASP B 475 26.54 13.15 -15.61
CA ASP B 475 26.56 13.12 -14.15
C ASP B 475 26.75 11.70 -13.63
N ARG B 476 26.13 10.72 -14.28
CA ARG B 476 26.27 9.33 -13.86
C ARG B 476 27.65 8.79 -14.19
N CYS B 477 28.24 9.22 -15.31
CA CYS B 477 29.58 8.77 -15.68
C CYS B 477 30.61 9.23 -14.66
N LEU B 478 30.54 10.51 -14.27
CA LEU B 478 31.51 11.05 -13.32
C LEU B 478 31.37 10.38 -11.96
N LYS B 479 30.15 10.06 -11.54
CA LYS B 479 29.95 9.37 -10.26
C LYS B 479 30.58 7.99 -10.29
N ALA B 480 30.51 7.29 -11.43
CA ALA B 480 31.05 5.93 -11.50
C ALA B 480 32.58 5.95 -11.47
N VAL B 481 33.19 6.94 -12.14
CA VAL B 481 34.65 7.04 -12.13
C VAL B 481 35.17 7.30 -10.73
N ARG B 482 34.52 8.23 -10.00
CA ARG B 482 34.93 8.51 -8.63
C ARG B 482 34.72 7.29 -7.73
N LYS B 483 33.63 6.57 -7.93
CA LYS B 483 33.39 5.37 -7.12
C LYS B 483 34.41 4.28 -7.42
N GLU B 484 34.79 4.12 -8.69
CA GLU B 484 35.75 3.09 -9.06
C GLU B 484 37.13 3.38 -8.46
N ARG B 485 37.48 4.65 -8.30
CA ARG B 485 38.76 5.00 -7.68
C ARG B 485 38.72 4.75 -6.19
N SER B 486 37.67 5.24 -5.52
CA SER B 486 37.53 5.06 -4.08
C SER B 486 37.15 3.61 -3.75
N ARG C 31 -17.56 17.66 52.48
CA ARG C 31 -17.15 16.91 51.30
C ARG C 31 -17.34 17.73 50.03
N LEU C 32 -17.37 19.05 50.18
CA LEU C 32 -17.46 19.93 49.02
C LEU C 32 -16.30 19.64 48.07
N VAL C 33 -16.61 19.14 46.90
CA VAL C 33 -15.63 18.59 45.97
C VAL C 33 -15.06 19.72 45.12
N SER C 34 -13.74 19.82 45.11
CA SER C 34 -13.08 20.79 44.24
C SER C 34 -13.37 20.45 42.78
N PRO C 35 -13.60 21.45 41.93
CA PRO C 35 -13.86 21.16 40.50
C PRO C 35 -12.76 20.34 39.84
N ALA C 36 -11.54 20.38 40.36
CA ALA C 36 -10.48 19.52 39.83
C ALA C 36 -10.76 18.06 40.13
N TYR C 37 -11.30 17.76 41.31
CA TYR C 37 -11.68 16.40 41.65
C TYR C 37 -12.66 15.83 40.62
N VAL C 38 -13.73 16.58 40.32
CA VAL C 38 -14.69 16.15 39.32
C VAL C 38 -14.01 15.94 37.97
N ARG C 39 -13.06 16.81 37.64
CA ARG C 39 -12.33 16.64 36.38
C ARG C 39 -11.37 15.46 36.46
N GLN C 40 -10.68 15.29 37.58
CA GLN C 40 -9.79 14.13 37.74
C GLN C 40 -10.58 12.83 37.62
N GLY C 41 -11.74 12.76 38.28
CA GLY C 41 -12.57 11.56 38.19
C GLY C 41 -13.10 11.32 36.79
N CYS C 42 -13.39 12.39 36.05
CA CYS C 42 -13.84 12.24 34.67
C CYS C 42 -12.71 11.77 33.77
N GLU C 43 -11.51 12.32 33.95
CA GLU C 43 -10.37 11.90 33.14
C GLU C 43 -9.96 10.46 33.47
N ALA C 44 -10.12 10.04 34.72
CA ALA C 44 -9.78 8.67 35.08
C ALA C 44 -10.67 7.67 34.35
N ARG C 45 -11.95 7.98 34.21
CA ARG C 45 -12.88 7.09 33.51
CA ARG C 45 -12.85 7.06 33.52
C ARG C 45 -12.60 7.04 32.02
N ARG C 46 -12.00 8.09 31.46
CA ARG C 46 -11.81 8.18 30.01
C ARG C 46 -10.95 7.04 29.48
N SER C 47 -9.85 6.73 30.17
CA SER C 47 -8.97 5.66 29.69
C SER C 47 -9.70 4.32 29.62
N HIS C 48 -10.61 4.08 30.56
CA HIS C 48 -11.40 2.86 30.54
C HIS C 48 -12.49 2.92 29.47
N GLU C 49 -13.15 4.06 29.35
CA GLU C 49 -14.20 4.19 28.33
C GLU C 49 -13.63 4.05 26.92
N HIS C 50 -12.38 4.47 26.71
CA HIS C 50 -11.76 4.33 25.41
C HIS C 50 -11.70 2.87 24.97
N LEU C 51 -11.34 1.97 25.88
CA LEU C 51 -11.35 0.55 25.56
C LEU C 51 -12.76 0.06 25.27
N ILE C 52 -13.73 0.55 26.04
CA ILE C 52 -15.12 0.16 25.83
C ILE C 52 -15.63 0.65 24.47
N ARG C 53 -15.33 1.92 24.15
CA ARG C 53 -15.77 2.46 22.87
CA ARG C 53 -15.79 2.46 22.87
C ARG C 53 -15.16 1.70 21.70
N LEU C 54 -13.88 1.34 21.81
CA LEU C 54 -13.25 0.55 20.76
CA LEU C 54 -13.24 0.55 20.77
C LEU C 54 -13.94 -0.79 20.58
N LEU C 55 -14.35 -1.42 21.69
CA LEU C 55 -15.06 -2.69 21.61
C LEU C 55 -16.38 -2.52 20.87
N LEU C 56 -17.13 -1.47 21.19
CA LEU C 56 -18.45 -1.28 20.61
C LEU C 56 -18.38 -0.85 19.14
N GLU C 57 -17.33 -0.13 18.77
CA GLU C 57 -17.21 0.38 17.40
CA GLU C 57 -17.22 0.38 17.40
C GLU C 57 -16.90 -0.74 16.41
N LYS C 58 -15.99 -1.64 16.78
CA LYS C 58 -15.51 -2.65 15.85
C LYS C 58 -15.91 -4.08 16.22
N GLY C 59 -16.37 -4.31 17.45
CA GLY C 59 -16.85 -5.63 17.82
C GLY C 59 -15.83 -6.73 17.78
N LYS C 60 -14.55 -6.40 17.85
CA LYS C 60 -13.49 -7.40 17.88
C LYS C 60 -13.04 -7.63 19.31
N CYS C 61 -12.53 -8.83 19.57
CA CYS C 61 -11.87 -9.09 20.85
CA CYS C 61 -11.88 -9.08 20.84
C CYS C 61 -10.69 -8.14 21.00
N PRO C 62 -10.48 -7.58 22.19
CA PRO C 62 -9.24 -6.82 22.40
C PRO C 62 -8.06 -7.76 22.21
N GLU C 63 -6.96 -7.22 21.68
CA GLU C 63 -5.78 -8.06 21.49
C GLU C 63 -5.23 -8.51 22.83
N ASN C 64 -4.93 -7.57 23.71
CA ASN C 64 -4.58 -7.89 25.09
C ASN C 64 -5.82 -7.81 25.96
N GLY C 65 -5.90 -8.69 26.96
CA GLY C 65 -7.07 -8.73 27.80
C GLY C 65 -7.26 -7.48 28.62
N TRP C 66 -8.51 -7.16 28.89
CA TRP C 66 -8.83 -6.03 29.76
C TRP C 66 -8.44 -6.32 31.20
N ASP C 67 -8.11 -5.24 31.92
CA ASP C 67 -8.02 -5.33 33.37
CA ASP C 67 -8.02 -5.32 33.36
C ASP C 67 -9.40 -5.59 33.95
N GLU C 68 -9.42 -6.18 35.16
CA GLU C 68 -10.70 -6.46 35.81
C GLU C 68 -11.49 -5.19 36.05
N SER C 69 -10.81 -4.09 36.37
CA SER C 69 -11.51 -2.84 36.67
C SER C 69 -12.27 -2.34 35.45
N THR C 70 -11.63 -2.35 34.28
CA THR C 70 -12.33 -1.98 33.05
C THR C 70 -13.52 -2.90 32.80
N LEU C 71 -13.33 -4.20 33.02
CA LEU C 71 -14.37 -5.17 32.72
C LEU C 71 -15.61 -4.96 33.59
N GLU C 72 -15.40 -4.83 34.91
CA GLU C 72 -16.54 -4.68 35.80
CA GLU C 72 -16.55 -4.68 35.79
C GLU C 72 -17.21 -3.32 35.66
N LEU C 73 -16.45 -2.29 35.27
CA LEU C 73 -17.07 -1.02 34.94
C LEU C 73 -17.98 -1.15 33.73
N PHE C 74 -17.52 -1.87 32.72
CA PHE C 74 -18.32 -2.11 31.52
C PHE C 74 -19.58 -2.90 31.85
N LEU C 75 -19.45 -3.94 32.67
CA LEU C 75 -20.60 -4.77 33.01
C LEU C 75 -21.64 -3.98 33.80
N HIS C 76 -21.19 -3.15 34.75
CA HIS C 76 -22.13 -2.37 35.54
CA HIS C 76 -22.15 -2.38 35.53
C HIS C 76 -22.84 -1.33 34.68
N GLU C 77 -22.12 -0.73 33.73
CA GLU C 77 -22.74 0.25 32.85
C GLU C 77 -23.75 -0.39 31.91
N LEU C 78 -23.52 -1.65 31.52
CA LEU C 78 -24.53 -2.37 30.76
C LEU C 78 -25.74 -2.70 31.61
N ALA C 79 -25.51 -3.20 32.83
CA ALA C 79 -26.60 -3.68 33.67
C ALA C 79 -27.59 -2.56 34.01
N ILE C 80 -27.09 -1.34 34.23
CA ILE C 80 -27.99 -0.25 34.59
C ILE C 80 -28.85 0.21 33.43
N ASP C 82 -30.74 -1.93 31.80
CA ASP C 82 -31.95 -2.74 31.91
C ASP C 82 -32.95 -2.08 32.85
N SER C 83 -34.23 -2.15 32.47
CA SER C 83 -35.26 -1.39 33.18
C SER C 83 -35.40 -1.83 34.64
N ASN C 84 -35.12 -3.10 34.95
CA ASN C 84 -35.22 -3.55 36.33
C ASN C 84 -34.18 -2.88 37.24
N ASN C 85 -33.15 -2.28 36.65
CA ASN C 85 -32.12 -1.57 37.41
C ASN C 85 -32.29 -0.05 37.34
N PHE C 86 -33.37 0.43 36.74
CA PHE C 86 -33.66 1.86 36.77
C PHE C 86 -34.02 2.28 38.19
N LEU C 87 -33.61 3.50 38.56
CA LEU C 87 -33.86 3.96 39.92
C LEU C 87 -35.33 4.32 40.12
N GLY C 88 -35.94 4.96 39.13
CA GLY C 88 -37.34 5.37 39.27
C GLY C 88 -38.33 4.41 38.65
N ASN C 89 -37.90 3.17 38.42
CA ASN C 89 -38.74 2.19 37.73
C ASN C 89 -39.85 1.69 38.66
N CYS C 90 -41.04 1.53 38.09
CA CYS C 90 -42.12 0.78 38.74
C CYS C 90 -42.59 -0.29 37.77
N GLY C 91 -42.81 -1.49 38.28
CA GLY C 91 -43.20 -2.61 37.45
C GLY C 91 -44.56 -3.16 37.81
N VAL C 92 -45.45 -3.28 36.82
CA VAL C 92 -46.78 -3.83 37.04
C VAL C 92 -47.05 -5.03 36.12
N GLY C 93 -45.98 -5.67 35.63
CA GLY C 93 -46.09 -6.85 34.81
C GLY C 93 -45.71 -8.12 35.57
N GLU C 94 -45.73 -9.23 34.82
CA GLU C 94 -45.43 -10.52 35.42
C GLU C 94 -43.98 -10.94 35.24
N ARG C 95 -43.22 -10.23 34.40
CA ARG C 95 -41.80 -10.51 34.18
C ARG C 95 -41.05 -9.19 34.32
N GLU C 96 -40.80 -8.79 35.56
CA GLU C 96 -40.15 -7.52 35.85
C GLU C 96 -38.69 -7.67 36.25
N GLY C 97 -38.15 -8.88 36.21
CA GLY C 97 -36.78 -9.07 36.63
C GLY C 97 -36.56 -8.86 38.11
N ARG C 98 -37.58 -9.04 38.94
CA ARG C 98 -37.41 -8.96 40.38
C ARG C 98 -36.55 -10.12 40.86
N VAL C 99 -35.70 -9.86 41.85
CA VAL C 99 -34.77 -10.84 42.38
C VAL C 99 -34.92 -10.87 43.89
N ALA C 100 -35.28 -12.03 44.43
CA ALA C 100 -35.47 -12.13 45.87
C ALA C 100 -34.14 -12.15 46.62
N SER C 101 -33.15 -12.84 46.07
CA SER C 101 -31.87 -13.05 46.76
C SER C 101 -30.81 -12.11 46.22
N ALA C 102 -30.18 -11.35 47.12
CA ALA C 102 -29.08 -10.48 46.72
C ALA C 102 -27.88 -11.27 46.21
N LEU C 103 -27.66 -12.48 46.75
CA LEU C 103 -26.59 -13.32 46.23
C LEU C 103 -26.82 -13.66 44.76
N VAL C 104 -28.07 -13.94 44.39
CA VAL C 104 -28.38 -14.25 43.00
C VAL C 104 -28.16 -13.03 42.11
N ALA C 105 -28.64 -11.87 42.55
CA ALA C 105 -28.51 -10.67 41.74
C ALA C 105 -27.05 -10.30 41.52
N ARG C 106 -26.22 -10.40 42.57
CA ARG C 106 -24.83 -9.99 42.45
CA ARG C 106 -24.83 -9.99 42.45
C ARG C 106 -24.03 -10.97 41.59
N ARG C 107 -24.28 -12.27 41.73
CA ARG C 107 -23.51 -13.24 40.98
C ARG C 107 -23.79 -13.17 39.49
N HIS C 108 -24.88 -12.53 39.08
CA HIS C 108 -25.19 -12.32 37.68
C HIS C 108 -24.94 -10.89 37.24
N TYR C 109 -24.26 -10.09 38.06
CA TYR C 109 -23.97 -8.68 37.75
C TYR C 109 -25.25 -7.92 37.41
N ARG C 110 -26.36 -8.31 38.04
CA ARG C 110 -27.66 -7.67 37.92
C ARG C 110 -28.27 -7.78 36.53
N PHE C 111 -27.81 -8.74 35.72
CA PHE C 111 -28.48 -9.10 34.47
C PHE C 111 -29.53 -10.15 34.80
N ILE C 112 -30.82 -9.77 34.73
CA ILE C 112 -31.90 -10.63 35.21
C ILE C 112 -32.83 -11.01 34.07
N HIS C 113 -32.93 -10.16 33.04
CA HIS C 113 -33.97 -10.30 32.03
C HIS C 113 -33.63 -11.30 30.93
N GLY C 114 -32.43 -11.87 30.92
CA GLY C 114 -32.10 -12.81 29.87
C GLY C 114 -31.97 -12.13 28.50
N ILE C 115 -31.89 -12.97 27.48
CA ILE C 115 -31.73 -12.51 26.11
C ILE C 115 -32.91 -12.99 25.28
N GLY C 116 -33.22 -12.25 24.23
CA GLY C 116 -34.36 -12.60 23.40
C GLY C 116 -34.41 -11.81 22.12
N ARG C 117 -35.61 -11.73 21.56
CA ARG C 117 -35.85 -11.06 20.27
C ARG C 117 -34.98 -11.66 19.17
N ALA C 123 -37.08 -3.51 19.39
CA ALA C 123 -38.24 -2.61 19.47
C ALA C 123 -37.83 -1.23 19.96
N VAL C 124 -38.77 -0.29 19.92
CA VAL C 124 -38.53 1.06 20.45
C VAL C 124 -38.86 1.17 21.93
N GLN C 125 -39.33 0.09 22.56
CA GLN C 125 -39.60 0.06 24.00
C GLN C 125 -38.86 -1.12 24.62
N PRO C 126 -37.53 -1.07 24.65
CA PRO C 126 -36.76 -2.22 25.16
C PRO C 126 -36.84 -2.31 26.68
N LYS C 127 -37.17 -3.49 27.18
CA LYS C 127 -37.18 -3.71 28.62
C LYS C 127 -35.80 -4.08 29.15
N ALA C 128 -34.90 -4.54 28.27
CA ALA C 128 -33.56 -4.98 28.67
C ALA C 128 -32.57 -4.55 27.59
N ALA C 129 -32.42 -3.24 27.43
CA ALA C 129 -31.47 -2.71 26.45
C ALA C 129 -30.04 -3.09 26.77
N GLY C 130 -29.70 -3.22 28.05
CA GLY C 130 -28.36 -3.63 28.42
C GLY C 130 -28.08 -5.08 28.10
N SER C 131 -29.04 -5.96 28.40
CA SER C 131 -28.88 -7.37 28.06
C SER C 131 -28.83 -7.57 26.55
N SER C 132 -29.62 -6.79 25.80
CA SER C 132 -29.58 -6.89 24.35
CA SER C 132 -29.58 -6.89 24.35
C SER C 132 -28.21 -6.49 23.80
N LEU C 133 -27.63 -5.42 24.34
CA LEU C 133 -26.30 -5.03 23.91
C LEU C 133 -25.26 -6.08 24.29
N LEU C 134 -25.40 -6.64 25.50
CA LEU C 134 -24.53 -7.73 25.92
C LEU C 134 -24.59 -8.89 24.93
N ASN C 135 -25.79 -9.26 24.49
CA ASN C 135 -25.97 -10.35 23.54
C ASN C 135 -25.26 -10.04 22.22
N LYS C 136 -25.44 -8.81 21.70
CA LYS C 136 -24.85 -8.44 20.42
C LYS C 136 -23.33 -8.45 20.49
N ILE C 137 -22.75 -7.87 21.54
CA ILE C 137 -21.30 -7.81 21.61
CA ILE C 137 -21.29 -7.81 21.67
C ILE C 137 -20.72 -9.21 21.79
N THR C 138 -21.38 -10.07 22.57
CA THR C 138 -20.89 -11.43 22.78
C THR C 138 -20.85 -12.20 21.46
N ASN C 139 -21.94 -12.13 20.70
CA ASN C 139 -21.96 -12.80 19.40
C ASN C 139 -20.90 -12.25 18.46
N SER C 140 -20.63 -10.95 18.54
CA SER C 140 -19.60 -10.36 17.69
C SER C 140 -18.21 -10.81 18.11
N LEU C 141 -17.95 -10.90 19.42
CA LEU C 141 -16.67 -11.41 19.89
C LEU C 141 -16.47 -12.86 19.49
N VAL C 142 -17.52 -13.68 19.61
CA VAL C 142 -17.42 -15.09 19.26
C VAL C 142 -17.19 -15.25 17.77
N LEU C 143 -17.88 -14.46 16.95
CA LEU C 143 -17.62 -14.50 15.52
C LEU C 143 -16.17 -14.18 15.21
N ASP C 144 -15.60 -13.23 15.94
CA ASP C 144 -14.20 -12.85 15.73
C ASP C 144 -13.26 -14.00 16.09
N ILE C 145 -13.56 -14.73 17.17
CA ILE C 145 -12.72 -15.87 17.57
C ILE C 145 -12.84 -17.00 16.55
N ILE C 146 -14.06 -17.23 16.03
CA ILE C 146 -14.24 -18.29 15.04
C ILE C 146 -13.39 -18.04 13.81
N LYS C 147 -13.33 -16.79 13.36
CA LYS C 147 -12.46 -16.45 12.23
C LYS C 147 -10.99 -16.66 12.60
N LEU C 148 -10.58 -16.13 13.75
CA LEU C 148 -9.22 -16.33 14.24
C LEU C 148 -8.88 -17.81 14.34
N ALA C 149 -9.85 -18.64 14.74
CA ALA C 149 -9.58 -20.05 14.95
C ALA C 149 -9.42 -20.82 13.64
N GLY C 150 -9.87 -20.25 12.52
CA GLY C 150 -9.64 -20.89 11.23
C GLY C 150 -10.76 -20.84 10.22
N VAL C 151 -11.98 -20.48 10.63
CA VAL C 151 -13.09 -20.36 9.69
C VAL C 151 -13.28 -18.89 9.33
N HIS C 152 -12.44 -18.39 8.43
CA HIS C 152 -12.42 -16.97 8.12
C HIS C 152 -13.65 -16.51 7.35
N THR C 153 -14.31 -17.40 6.62
CA THR C 153 -15.46 -17.04 5.81
C THR C 153 -16.79 -17.23 6.53
N VAL C 154 -16.78 -17.42 7.85
CA VAL C 154 -18.04 -17.53 8.57
C VAL C 154 -18.80 -16.22 8.45
N ALA C 155 -20.10 -16.32 8.21
CA ALA C 155 -20.94 -15.16 7.97
C ALA C 155 -21.70 -14.70 9.20
N ASN C 156 -22.13 -15.63 10.04
CA ASN C 156 -23.02 -15.29 11.15
C ASN C 156 -22.93 -16.38 12.20
N CYS C 157 -23.19 -16.01 13.44
CA CYS C 157 -23.24 -16.95 14.55
C CYS C 157 -23.99 -16.33 15.71
N PHE C 158 -24.44 -17.17 16.63
CA PHE C 158 -25.06 -16.69 17.85
C PHE C 158 -24.86 -17.70 18.94
N VAL C 159 -24.75 -17.21 20.17
CA VAL C 159 -24.70 -18.04 21.35
C VAL C 159 -26.13 -18.45 21.71
N VAL C 160 -26.33 -19.73 22.02
CA VAL C 160 -27.62 -20.19 22.51
C VAL C 160 -27.37 -20.91 23.82
N PRO C 161 -28.14 -20.60 24.90
CA PRO C 161 -27.90 -21.21 26.21
C PRO C 161 -28.43 -22.63 26.32
N ALA C 163 -26.74 -26.79 25.48
CA ALA C 163 -25.50 -27.44 25.09
C ALA C 163 -25.58 -27.89 23.63
N THR C 164 -24.50 -28.54 23.19
CA THR C 164 -24.35 -28.82 21.76
C THR C 164 -25.44 -29.75 21.25
N GLY C 165 -25.81 -30.77 22.05
CA GLY C 165 -26.81 -31.72 21.59
C GLY C 165 -28.15 -31.07 21.33
N SER C 167 -28.62 -27.96 20.88
CA SER C 167 -28.42 -26.97 19.81
C SER C 167 -28.45 -27.63 18.44
N LEU C 168 -27.90 -28.85 18.33
CA LEU C 168 -28.08 -29.61 17.10
C LEU C 168 -29.54 -29.92 16.85
N THR C 169 -30.29 -30.26 17.90
CA THR C 169 -31.73 -30.48 17.77
C THR C 169 -32.42 -29.25 17.20
N LEU C 170 -32.07 -28.07 17.70
CA LEU C 170 -32.67 -26.83 17.20
C LEU C 170 -32.40 -26.65 15.71
N CYS C 171 -31.21 -27.04 15.25
CA CYS C 171 -30.92 -27.01 13.82
C CYS C 171 -31.86 -27.95 13.06
N PHE C 172 -32.01 -29.19 13.53
CA PHE C 172 -32.89 -30.14 12.87
C PHE C 172 -34.35 -29.68 12.90
N LEU C 173 -34.77 -29.08 14.02
CA LEU C 173 -36.13 -28.56 14.11
C LEU C 173 -36.36 -27.44 13.09
N THR C 174 -35.32 -26.66 12.78
CA THR C 174 -35.47 -25.61 11.80
C THR C 174 -35.58 -26.18 10.38
N LEU C 175 -34.86 -27.26 10.10
CA LEU C 175 -34.87 -27.83 8.75
C LEU C 175 -36.18 -28.53 8.43
N ARG C 176 -36.98 -28.91 9.44
CA ARG C 176 -38.21 -29.65 9.17
C ARG C 176 -39.15 -28.87 8.27
N HIS C 177 -39.38 -27.58 8.59
CA HIS C 177 -40.28 -26.77 7.78
CA HIS C 177 -40.31 -26.82 7.77
C HIS C 177 -39.78 -26.59 6.36
N LYS C 178 -38.46 -26.64 6.16
CA LYS C 178 -37.90 -26.47 4.82
C LYS C 178 -37.99 -27.76 4.00
N ARG C 179 -37.97 -28.92 4.64
CA ARG C 179 -37.99 -30.22 3.97
C ARG C 179 -39.07 -31.09 4.61
N PRO C 180 -40.34 -30.78 4.37
CA PRO C 180 -41.42 -31.47 5.10
C PRO C 180 -41.58 -32.94 4.75
N LYS C 181 -41.07 -33.38 3.62
CA LYS C 181 -41.11 -34.79 3.26
C LYS C 181 -39.96 -35.59 3.85
N ALA C 182 -39.00 -34.93 4.49
CA ALA C 182 -37.80 -35.61 4.95
C ALA C 182 -38.03 -36.25 6.32
N LYS C 183 -37.48 -37.45 6.51
CA LYS C 183 -37.55 -38.11 7.81
C LYS C 183 -36.24 -38.72 8.25
N TYR C 184 -35.20 -38.74 7.42
CA TYR C 184 -33.95 -39.41 7.74
C TYR C 184 -32.82 -38.41 7.88
N ILE C 185 -31.91 -38.69 8.81
CA ILE C 185 -30.67 -37.93 8.94
C ILE C 185 -29.53 -38.93 8.77
N ILE C 186 -28.71 -38.72 7.74
CA ILE C 186 -27.58 -39.60 7.47
C ILE C 186 -26.42 -39.18 8.37
N TRP C 187 -25.84 -40.16 9.06
CA TRP C 187 -24.98 -39.88 10.22
C TRP C 187 -23.82 -40.88 10.28
N PRO C 188 -22.62 -40.47 9.87
CA PRO C 188 -21.45 -41.32 10.11
C PRO C 188 -21.26 -41.56 11.61
N ARG C 189 -21.14 -42.84 11.97
CA ARG C 189 -21.27 -43.24 13.36
C ARG C 189 -20.18 -42.62 14.24
N ILE C 190 -20.61 -42.04 15.35
CA ILE C 190 -19.71 -41.67 16.44
C ILE C 190 -20.43 -41.97 17.75
N ASP C 191 -19.78 -42.75 18.62
CA ASP C 191 -20.44 -43.27 19.81
C ASP C 191 -20.43 -42.20 20.90
N GLN C 192 -21.38 -41.27 20.78
CA GLN C 192 -21.59 -40.21 21.76
C GLN C 192 -23.09 -39.99 21.87
N LYS C 193 -23.63 -40.15 23.08
CA LYS C 193 -25.08 -40.27 23.24
C LYS C 193 -25.81 -38.97 22.94
N SER C 194 -25.20 -37.82 23.23
CA SER C 194 -25.89 -36.55 23.07
C SER C 194 -26.17 -36.24 21.61
N CYS C 195 -25.15 -36.36 20.76
CA CYS C 195 -25.34 -36.03 19.35
C CYS C 195 -26.21 -37.06 18.64
N PHE C 196 -26.21 -38.30 19.12
CA PHE C 196 -27.13 -39.29 18.58
C PHE C 196 -28.56 -38.98 19.00
N LYS C 197 -28.78 -38.67 20.28
CA LYS C 197 -30.12 -38.37 20.75
C LYS C 197 -30.66 -37.09 20.13
N SER C 198 -29.78 -36.17 19.70
CA SER C 198 -30.23 -34.91 19.13
C SER C 198 -31.15 -35.14 17.93
N ILE C 200 -32.99 -37.90 17.36
CA ILE C 200 -34.21 -38.58 17.77
C ILE C 200 -35.14 -37.62 18.52
N THR C 201 -34.57 -36.79 19.40
CA THR C 201 -35.38 -35.78 20.10
C THR C 201 -36.00 -34.80 19.10
N ALA C 202 -35.29 -34.50 18.01
CA ALA C 202 -35.87 -33.65 16.97
C ALA C 202 -37.01 -34.34 16.23
N GLY C 203 -37.15 -35.64 16.38
CA GLY C 203 -38.22 -36.38 15.73
C GLY C 203 -37.85 -37.00 14.40
N PHE C 204 -36.58 -37.32 14.16
CA PHE C 204 -36.16 -37.91 12.91
C PHE C 204 -35.50 -39.25 13.16
N GLU C 205 -35.33 -40.04 12.09
CA GLU C 205 -34.74 -41.36 12.20
CA GLU C 205 -34.74 -41.36 12.20
C GLU C 205 -33.28 -41.32 11.77
N PRO C 206 -32.33 -41.59 12.67
CA PRO C 206 -30.93 -41.62 12.25
C PRO C 206 -30.67 -42.80 11.32
N VAL C 207 -29.89 -42.54 10.29
CA VAL C 207 -29.39 -43.58 9.40
C VAL C 207 -27.90 -43.70 9.67
N VAL C 208 -27.51 -44.73 10.43
CA VAL C 208 -26.16 -44.86 10.92
C VAL C 208 -25.27 -45.43 9.82
N ILE C 209 -24.27 -44.65 9.41
CA ILE C 209 -23.30 -45.09 8.42
C ILE C 209 -22.06 -45.57 9.16
N GLU C 210 -21.76 -46.86 9.04
CA GLU C 210 -20.57 -47.40 9.68
C GLU C 210 -19.32 -46.80 9.05
N ASN C 211 -18.26 -46.72 9.85
CA ASN C 211 -17.02 -46.16 9.37
C ASN C 211 -16.15 -47.24 8.74
N VAL C 212 -15.17 -46.80 7.96
CA VAL C 212 -14.22 -47.70 7.32
C VAL C 212 -12.90 -47.65 8.08
N LEU C 213 -12.30 -48.82 8.29
CA LEU C 213 -11.03 -48.92 9.01
C LEU C 213 -9.89 -48.76 8.02
N GLU C 214 -9.10 -47.71 8.20
CA GLU C 214 -7.91 -47.46 7.38
C GLU C 214 -6.72 -47.41 8.31
N GLY C 215 -5.90 -48.46 8.30
CA GLY C 215 -4.87 -48.58 9.31
C GLY C 215 -5.52 -48.73 10.67
N ASP C 216 -5.16 -47.87 11.61
CA ASP C 216 -5.82 -47.84 12.91
C ASP C 216 -7.03 -46.89 12.94
N GLU C 217 -7.21 -46.07 11.92
CA GLU C 217 -8.18 -44.99 11.96
C GLU C 217 -9.54 -45.44 11.42
N LEU C 218 -10.60 -44.90 12.01
CA LEU C 218 -11.96 -45.06 11.52
C LEU C 218 -12.36 -43.78 10.80
N ARG C 219 -12.71 -43.90 9.52
CA ARG C 219 -12.95 -42.74 8.68
C ARG C 219 -14.29 -42.86 7.97
N THR C 220 -14.70 -41.75 7.37
CA THR C 220 -16.00 -41.67 6.69
C THR C 220 -16.07 -42.65 5.53
N ASP C 221 -17.17 -43.42 5.48
CA ASP C 221 -17.43 -44.29 4.34
C ASP C 221 -18.23 -43.48 3.33
N LEU C 222 -17.50 -42.80 2.44
CA LEU C 222 -18.17 -41.92 1.46
C LEU C 222 -19.03 -42.71 0.50
N LYS C 223 -18.60 -43.92 0.11
CA LYS C 223 -19.41 -44.73 -0.79
C LYS C 223 -20.74 -45.09 -0.14
N ALA C 224 -20.72 -45.47 1.14
CA ALA C 224 -21.95 -45.85 1.82
C ALA C 224 -22.87 -44.64 2.01
N VAL C 225 -22.30 -43.47 2.29
CA VAL C 225 -23.11 -42.26 2.43
C VAL C 225 -23.86 -41.97 1.13
N GLU C 226 -23.13 -41.96 0.01
CA GLU C 226 -23.76 -41.61 -1.26
C GLU C 226 -24.74 -42.70 -1.70
N ALA C 227 -24.42 -43.96 -1.43
CA ALA C 227 -25.36 -45.04 -1.75
C ALA C 227 -26.65 -44.91 -0.95
N LYS C 228 -26.55 -44.41 0.29
CA LYS C 228 -27.75 -44.24 1.09
C LYS C 228 -28.60 -43.08 0.58
N VAL C 229 -27.95 -42.02 0.11
CA VAL C 229 -28.68 -40.91 -0.50
C VAL C 229 -29.50 -41.41 -1.69
N GLN C 230 -28.90 -42.25 -2.52
CA GLN C 230 -29.60 -42.74 -3.71
C GLN C 230 -30.68 -43.75 -3.34
N GLU C 231 -30.42 -44.58 -2.34
CA GLU C 231 -31.41 -45.58 -1.92
C GLU C 231 -32.64 -44.92 -1.34
N LEU C 232 -32.46 -43.95 -0.45
CA LEU C 232 -33.59 -43.34 0.23
C LEU C 232 -34.21 -42.20 -0.58
N GLY C 233 -33.42 -41.54 -1.43
CA GLY C 233 -33.89 -40.39 -2.16
C GLY C 233 -33.54 -39.11 -1.44
N PRO C 234 -32.90 -38.17 -2.14
CA PRO C 234 -32.45 -36.93 -1.49
C PRO C 234 -33.57 -36.15 -0.80
N ASP C 235 -34.79 -36.15 -1.36
CA ASP C 235 -35.88 -35.39 -0.75
CA ASP C 235 -35.87 -35.39 -0.74
C ASP C 235 -36.34 -36.00 0.58
N CYS C 236 -36.01 -37.27 0.83
CA CYS C 236 -36.36 -37.91 2.09
C CYS C 236 -35.28 -37.71 3.16
N ILE C 237 -34.17 -37.08 2.81
CA ILE C 237 -33.07 -36.83 3.74
C ILE C 237 -33.24 -35.42 4.29
N LEU C 238 -33.32 -35.29 5.61
CA LEU C 238 -33.38 -33.96 6.20
C LEU C 238 -32.03 -33.26 6.09
N CYS C 239 -30.95 -33.99 6.36
CA CYS C 239 -29.60 -33.44 6.28
C CYS C 239 -28.62 -34.59 6.45
N ILE C 240 -27.35 -34.31 6.16
CA ILE C 240 -26.24 -35.15 6.54
C ILE C 240 -25.62 -34.55 7.79
N HIS C 241 -25.42 -35.38 8.81
CA HIS C 241 -24.96 -34.93 10.13
C HIS C 241 -23.55 -35.48 10.35
N SER C 242 -22.55 -34.64 10.12
CA SER C 242 -21.16 -35.04 10.22
C SER C 242 -20.54 -34.54 11.53
N THR C 243 -19.34 -35.03 11.82
CA THR C 243 -18.68 -34.74 13.09
C THR C 243 -17.19 -34.53 12.86
N THR C 244 -16.64 -33.47 13.43
CA THR C 244 -15.21 -33.22 13.38
C THR C 244 -14.53 -33.73 14.64
N SER C 245 -14.63 -32.98 15.74
CA SER C 245 -14.00 -33.39 16.98
C SER C 245 -14.59 -34.70 17.48
N CYS C 246 -13.73 -35.64 17.85
CA CYS C 246 -14.16 -36.98 18.25
C CYS C 246 -13.00 -37.69 18.92
N PHE C 247 -13.33 -38.79 19.59
CA PHE C 247 -12.33 -39.62 20.25
C PHE C 247 -11.58 -40.47 19.23
N ALA C 248 -10.27 -40.53 19.37
CA ALA C 248 -9.49 -41.51 18.62
C ALA C 248 -9.95 -42.92 19.01
N PRO C 249 -9.85 -43.89 18.09
CA PRO C 249 -9.24 -43.84 16.76
C PRO C 249 -10.15 -43.31 15.64
N ARG C 250 -11.31 -42.76 15.99
CA ARG C 250 -12.08 -42.04 14.99
C ARG C 250 -11.40 -40.71 14.69
N VAL C 251 -11.58 -40.23 13.47
CA VAL C 251 -10.98 -38.97 13.04
C VAL C 251 -12.11 -38.07 12.55
N PRO C 252 -11.85 -36.77 12.43
CA PRO C 252 -12.87 -35.87 11.85
C PRO C 252 -13.32 -36.36 10.49
N ASP C 253 -14.62 -36.21 10.22
CA ASP C 253 -15.20 -36.69 8.97
C ASP C 253 -14.58 -35.98 7.78
N ARG C 254 -14.65 -36.64 6.62
CA ARG C 254 -14.17 -36.08 5.37
C ARG C 254 -15.15 -35.00 4.90
N LEU C 255 -15.05 -33.82 5.54
CA LEU C 255 -16.06 -32.78 5.36
C LEU C 255 -16.11 -32.28 3.93
N GLU C 256 -14.96 -32.17 3.26
CA GLU C 256 -14.94 -31.65 1.90
C GLU C 256 -15.77 -32.53 0.97
N GLU C 257 -15.55 -33.85 1.03
CA GLU C 257 -16.30 -34.76 0.17
C GLU C 257 -17.77 -34.81 0.56
N LEU C 258 -18.06 -34.77 1.87
CA LEU C 258 -19.46 -34.75 2.30
C LEU C 258 -20.16 -33.48 1.85
N ALA C 259 -19.46 -32.35 1.89
CA ALA C 259 -20.05 -31.08 1.46
C ALA C 259 -20.35 -31.10 -0.04
N VAL C 260 -19.52 -31.77 -0.83
CA VAL C 260 -19.78 -31.88 -2.27
C VAL C 260 -20.99 -32.75 -2.53
N ILE C 261 -21.12 -33.86 -1.79
CA ILE C 261 -22.31 -34.69 -1.91
C ILE C 261 -23.56 -33.89 -1.56
N CYS C 262 -23.49 -33.09 -0.49
CA CYS C 262 -24.65 -32.31 -0.08
C CYS C 262 -24.99 -31.25 -1.12
N ALA C 263 -23.98 -30.63 -1.72
CA ALA C 263 -24.25 -29.61 -2.73
C ALA C 263 -24.87 -30.22 -3.98
N ASN C 264 -24.40 -31.41 -4.38
CA ASN C 264 -24.88 -32.01 -5.63
C ASN C 264 -26.32 -32.49 -5.49
N TYR C 265 -26.68 -33.08 -4.36
CA TYR C 265 -28.02 -33.60 -4.15
C TYR C 265 -28.95 -32.61 -3.49
N ASP C 266 -28.48 -31.38 -3.21
CA ASP C 266 -29.29 -30.35 -2.55
C ASP C 266 -29.79 -30.84 -1.19
N ILE C 267 -28.86 -31.27 -0.35
CA ILE C 267 -29.15 -31.80 0.97
C ILE C 267 -28.44 -30.93 1.99
N PRO C 268 -29.11 -30.48 3.04
CA PRO C 268 -28.42 -29.69 4.07
C PRO C 268 -27.31 -30.48 4.74
N HIS C 269 -26.31 -29.75 5.23
CA HIS C 269 -25.14 -30.34 5.87
C HIS C 269 -24.96 -29.68 7.23
N ILE C 270 -25.16 -30.44 8.31
CA ILE C 270 -25.01 -29.96 9.67
C ILE C 270 -23.79 -30.64 10.27
N VAL C 271 -22.85 -29.85 10.77
CA VAL C 271 -21.58 -30.35 11.29
C VAL C 271 -21.59 -30.23 12.81
N ASN C 272 -21.36 -31.36 13.49
CA ASN C 272 -21.11 -31.37 14.92
C ASN C 272 -19.62 -31.08 15.13
N ASN C 273 -19.32 -29.86 15.59
CA ASN C 273 -17.96 -29.41 15.84
C ASN C 273 -17.78 -29.14 17.34
N ALA C 274 -18.25 -30.07 18.17
CA ALA C 274 -18.47 -29.81 19.60
C ALA C 274 -17.27 -29.14 20.26
N TYR C 275 -16.07 -29.68 20.07
CA TYR C 275 -14.87 -29.09 20.64
C TYR C 275 -13.79 -28.93 19.58
N GLY C 276 -14.17 -28.50 18.38
CA GLY C 276 -13.23 -28.33 17.30
C GLY C 276 -12.71 -26.92 17.11
N VAL C 277 -13.30 -25.95 17.80
CA VAL C 277 -12.82 -24.57 17.69
C VAL C 277 -11.36 -24.47 18.09
N GLN C 278 -10.95 -25.27 19.08
CA GLN C 278 -9.59 -25.25 19.60
C GLN C 278 -8.58 -25.90 18.64
N SER C 279 -9.05 -26.49 17.54
CA SER C 279 -8.18 -27.21 16.62
C SER C 279 -8.20 -26.50 15.26
N SER C 280 -7.05 -25.93 14.88
CA SER C 280 -6.94 -25.30 13.58
C SER C 280 -7.17 -26.30 12.45
N LYS C 281 -6.85 -27.58 12.67
CA LYS C 281 -7.13 -28.59 11.66
C LYS C 281 -8.63 -28.76 11.46
N CYS C 282 -9.40 -28.84 12.55
CA CYS C 282 -10.84 -28.99 12.43
C CYS C 282 -11.47 -27.78 11.75
N HIS C 284 -10.22 -25.68 9.68
CA HIS C 284 -9.83 -25.59 8.27
CA HIS C 284 -9.93 -25.53 8.27
C HIS C 284 -10.59 -26.62 7.42
N LEU C 285 -10.93 -27.77 8.02
CA LEU C 285 -11.83 -28.69 7.33
C LEU C 285 -13.17 -28.02 7.07
N ILE C 286 -13.68 -27.29 8.06
CA ILE C 286 -14.95 -26.60 7.91
C ILE C 286 -14.84 -25.49 6.87
N GLN C 287 -13.76 -24.71 6.92
CA GLN C 287 -13.57 -23.66 5.92
CA GLN C 287 -13.54 -23.67 5.93
C GLN C 287 -13.48 -24.25 4.52
N GLN C 288 -12.72 -25.32 4.35
CA GLN C 288 -12.58 -25.94 3.03
C GLN C 288 -13.88 -26.60 2.58
N GLY C 289 -14.60 -27.23 3.51
CA GLY C 289 -15.88 -27.83 3.15
C GLY C 289 -16.86 -26.82 2.61
N ALA C 290 -16.97 -25.66 3.27
CA ALA C 290 -17.86 -24.62 2.77
C ALA C 290 -17.35 -24.03 1.47
N ARG C 291 -16.04 -24.10 1.25
CA ARG C 291 -15.47 -23.53 0.03
CA ARG C 291 -15.46 -23.54 0.03
C ARG C 291 -15.79 -24.39 -1.19
N VAL C 292 -15.54 -25.71 -1.09
CA VAL C 292 -15.80 -26.59 -2.23
C VAL C 292 -17.25 -27.06 -2.31
N GLY C 293 -17.99 -27.04 -1.21
CA GLY C 293 -19.34 -27.54 -1.22
C GLY C 293 -20.29 -26.80 -0.32
N ARG C 294 -21.09 -27.54 0.44
CA ARG C 294 -22.19 -26.99 1.22
C ARG C 294 -22.03 -27.35 2.69
N ILE C 295 -22.07 -26.33 3.55
CA ILE C 295 -22.17 -26.52 5.00
C ILE C 295 -23.21 -25.53 5.50
N ASP C 296 -24.36 -26.03 5.95
CA ASP C 296 -25.45 -25.13 6.33
C ASP C 296 -25.26 -24.57 7.72
N ALA C 297 -24.68 -25.35 8.64
CA ALA C 297 -24.39 -24.86 9.98
C ALA C 297 -23.41 -25.81 10.64
N PHE C 298 -22.58 -25.25 11.52
CA PHE C 298 -21.72 -26.05 12.40
C PHE C 298 -21.89 -25.55 13.82
N VAL C 299 -21.87 -26.49 14.78
CA VAL C 299 -22.23 -26.22 16.16
C VAL C 299 -21.05 -26.62 17.05
N GLN C 300 -20.78 -25.80 18.07
CA GLN C 300 -19.67 -26.05 18.97
C GLN C 300 -20.08 -25.72 20.40
N SER C 301 -19.46 -26.42 21.35
CA SER C 301 -19.75 -26.24 22.76
C SER C 301 -19.00 -25.03 23.31
N LEU C 302 -19.66 -24.27 24.18
CA LEU C 302 -18.97 -23.15 24.83
C LEU C 302 -17.97 -23.64 25.86
N ASP C 303 -18.36 -24.59 26.70
CA ASP C 303 -17.50 -25.02 27.79
C ASP C 303 -16.26 -25.72 27.25
N LYS C 304 -16.40 -26.52 26.19
CA LYS C 304 -15.24 -27.27 25.70
C LYS C 304 -14.24 -26.39 24.95
N ASN C 305 -14.67 -25.25 24.41
CA ASN C 305 -13.79 -24.42 23.60
C ASN C 305 -13.40 -23.10 24.27
N PHE C 306 -14.05 -22.72 25.37
CA PHE C 306 -13.78 -21.42 25.98
C PHE C 306 -13.59 -21.50 27.50
N VAL C 308 -15.58 -22.33 30.13
CA VAL C 308 -16.66 -21.72 30.88
C VAL C 308 -17.56 -22.86 31.37
N PRO C 309 -18.52 -22.62 32.26
CA PRO C 309 -19.40 -23.71 32.71
C PRO C 309 -20.17 -24.34 31.55
N VAL C 310 -20.52 -25.61 31.74
CA VAL C 310 -21.36 -26.32 30.79
C VAL C 310 -22.72 -25.64 30.70
N GLY C 311 -23.28 -25.60 29.49
CA GLY C 311 -24.65 -25.15 29.33
C GLY C 311 -24.96 -24.37 28.08
N GLY C 312 -23.93 -23.96 27.32
CA GLY C 312 -24.13 -23.11 26.17
C GLY C 312 -23.39 -23.64 24.95
N ALA C 313 -23.76 -23.08 23.80
CA ALA C 313 -23.18 -23.50 22.53
C ALA C 313 -23.26 -22.34 21.55
N ILE C 314 -22.57 -22.51 20.42
CA ILE C 314 -22.57 -21.54 19.32
C ILE C 314 -23.06 -22.24 18.07
N ILE C 315 -24.04 -21.64 17.41
CA ILE C 315 -24.50 -22.09 16.09
C ILE C 315 -23.97 -21.08 15.07
N ALA C 316 -23.18 -21.57 14.11
CA ALA C 316 -22.54 -20.71 13.13
C ALA C 316 -22.80 -21.26 11.73
N GLY C 317 -22.66 -20.39 10.74
CA GLY C 317 -22.89 -20.82 9.38
C GLY C 317 -22.36 -19.81 8.38
N PHE C 318 -22.65 -20.09 7.11
CA PHE C 318 -22.19 -19.28 6.00
C PHE C 318 -23.31 -18.59 5.25
N ASN C 319 -24.55 -19.03 5.40
CA ASN C 319 -25.73 -18.34 4.90
C ASN C 319 -26.32 -17.56 6.06
N ASP C 320 -26.19 -16.23 6.01
CA ASP C 320 -26.64 -15.40 7.12
C ASP C 320 -28.13 -15.53 7.35
N SER C 321 -28.91 -15.62 6.27
CA SER C 321 -30.36 -15.72 6.41
CA SER C 321 -30.37 -15.73 6.40
C SER C 321 -30.76 -17.02 7.10
N PHE C 322 -30.10 -18.12 6.78
CA PHE C 322 -30.46 -19.40 7.39
C PHE C 322 -30.09 -19.43 8.86
N ILE C 323 -28.91 -18.89 9.22
CA ILE C 323 -28.52 -18.83 10.62
C ILE C 323 -29.52 -18.01 11.42
N GLN C 324 -29.96 -16.90 10.85
CA GLN C 324 -31.04 -16.10 11.47
CA GLN C 324 -31.03 -16.13 11.49
C GLN C 324 -32.39 -16.93 11.64
N GLU C 325 -32.63 -17.75 10.62
CA GLU C 325 -33.83 -18.57 10.69
CA GLU C 325 -33.84 -18.57 10.69
C GLU C 325 -33.77 -19.52 11.88
N ILE C 326 -32.60 -20.11 12.14
CA ILE C 326 -32.46 -20.98 13.30
C ILE C 326 -32.69 -20.20 14.58
N SER C 327 -32.10 -19.01 14.67
CA SER C 327 -32.26 -18.18 15.87
C SER C 327 -33.73 -17.88 16.13
N LYS C 328 -34.48 -17.52 15.09
CA LYS C 328 -35.88 -17.17 15.27
C LYS C 328 -36.76 -18.38 15.56
N TYR C 330 -36.21 -20.38 17.96
CA TYR C 330 -36.20 -20.51 19.42
C TYR C 330 -37.39 -19.77 20.02
N PRO C 331 -38.27 -20.45 20.77
CA PRO C 331 -39.42 -19.76 21.36
C PRO C 331 -39.12 -19.19 22.74
N GLY C 332 -39.36 -17.89 22.93
CA GLY C 332 -39.24 -17.27 24.23
C GLY C 332 -37.87 -16.72 24.52
N ARG C 333 -37.75 -16.13 25.71
CA ARG C 333 -36.48 -15.57 26.13
C ARG C 333 -35.58 -16.67 26.70
N ALA C 334 -34.28 -16.39 26.72
CA ALA C 334 -33.29 -17.39 27.08
C ALA C 334 -32.32 -16.81 28.10
N SER C 335 -31.66 -17.72 28.82
CA SER C 335 -30.68 -17.32 29.83
C SER C 335 -29.55 -16.52 29.21
N ALA C 336 -29.15 -15.45 29.90
CA ALA C 336 -27.99 -14.66 29.51
C ALA C 336 -26.70 -15.13 30.15
N SER C 337 -26.76 -16.15 31.02
CA SER C 337 -25.60 -16.52 31.80
C SER C 337 -24.47 -17.09 30.94
N PRO C 338 -24.71 -18.00 29.98
CA PRO C 338 -23.58 -18.45 29.14
C PRO C 338 -22.95 -17.34 28.32
N SER C 339 -23.76 -16.44 27.77
CA SER C 339 -23.20 -15.30 27.04
C SER C 339 -22.34 -14.43 27.95
N LEU C 340 -22.81 -14.19 29.17
CA LEU C 340 -22.03 -13.41 30.13
C LEU C 340 -20.70 -14.09 30.45
N ASP C 341 -20.72 -15.42 30.60
CA ASP C 341 -19.49 -16.15 30.90
C ASP C 341 -18.45 -15.97 29.80
N VAL C 342 -18.86 -16.14 28.54
CA VAL C 342 -17.89 -16.08 27.45
C VAL C 342 -17.47 -14.64 27.18
N LEU C 343 -18.37 -13.67 27.42
CA LEU C 343 -17.99 -12.27 27.30
CA LEU C 343 -17.99 -12.28 27.29
C LEU C 343 -16.90 -11.93 28.30
N ILE C 344 -17.09 -12.28 29.57
CA ILE C 344 -16.07 -12.05 30.58
C ILE C 344 -14.76 -12.71 30.19
N THR C 345 -14.84 -13.96 29.71
CA THR C 345 -13.64 -14.73 29.40
C THR C 345 -12.86 -14.10 28.26
N LEU C 346 -13.55 -13.80 27.15
CA LEU C 346 -12.84 -13.29 25.98
C LEU C 346 -12.29 -11.89 26.21
N LEU C 347 -13.02 -11.05 26.95
CA LEU C 347 -12.49 -9.73 27.28
C LEU C 347 -11.30 -9.83 28.22
N SER C 348 -11.31 -10.81 29.12
CA SER C 348 -10.19 -10.97 30.05
C SER C 348 -9.00 -11.64 29.39
N LEU C 349 -9.24 -12.59 28.49
CA LEU C 349 -8.15 -13.26 27.79
C LEU C 349 -7.60 -12.41 26.66
N GLY C 350 -8.48 -11.78 25.87
CA GLY C 350 -8.06 -11.12 24.66
C GLY C 350 -7.77 -12.12 23.57
N SER C 351 -7.69 -11.68 22.31
CA SER C 351 -7.37 -12.62 21.24
C SER C 351 -5.96 -13.18 21.40
N ASN C 352 -5.03 -12.38 21.94
CA ASN C 352 -3.69 -12.90 22.23
C ASN C 352 -3.74 -14.00 23.27
N GLY C 353 -4.59 -13.84 24.29
CA GLY C 353 -4.70 -14.86 25.31
C GLY C 353 -5.27 -16.17 24.77
N TYR C 354 -6.28 -16.07 23.90
CA TYR C 354 -6.85 -17.28 23.32
C TYR C 354 -5.86 -17.95 22.38
N LYS C 355 -5.14 -17.15 21.58
CA LYS C 355 -4.12 -17.70 20.70
C LYS C 355 -3.06 -18.47 21.51
N LYS C 356 -2.68 -17.93 22.67
CA LYS C 356 -1.69 -18.61 23.50
C LYS C 356 -2.21 -19.96 23.98
N LEU C 357 -3.49 -20.02 24.35
CA LEU C 357 -4.08 -21.30 24.74
C LEU C 357 -4.09 -22.30 23.59
N LEU C 358 -4.37 -21.81 22.38
CA LEU C 358 -4.35 -22.70 21.22
C LEU C 358 -2.94 -23.23 20.94
N LYS C 359 -1.95 -22.35 21.04
CA LYS C 359 -0.55 -22.76 20.86
C LYS C 359 -0.16 -23.80 21.90
N GLU C 360 -0.50 -23.55 23.16
CA GLU C 360 -0.14 -24.48 24.23
C GLU C 360 -0.85 -25.82 24.08
N ARG C 361 -2.05 -25.83 23.52
CA ARG C 361 -2.75 -27.10 23.30
C ARG C 361 -1.99 -27.98 22.32
N LYS C 362 -1.44 -27.39 21.25
CA LYS C 362 -0.64 -28.16 20.31
C LYS C 362 0.61 -28.72 20.96
N GLU C 363 1.29 -27.91 21.76
CA GLU C 363 2.51 -28.37 22.43
C GLU C 363 2.20 -29.48 23.43
N PHE C 365 -0.23 -31.54 23.22
CA PHE C 365 -0.55 -32.73 22.44
C PHE C 365 0.71 -33.50 22.08
N SER C 366 1.73 -32.80 21.58
CA SER C 366 3.00 -33.47 21.29
C SER C 366 3.60 -34.08 22.54
N TYR C 367 3.56 -33.35 23.66
CA TYR C 367 4.13 -33.86 24.90
C TYR C 367 3.37 -35.08 25.39
N LEU C 368 2.04 -34.99 25.42
CA LEU C 368 1.23 -36.13 25.82
C LEU C 368 1.50 -37.34 24.93
N SER C 369 1.52 -37.12 23.61
CA SER C 369 1.79 -38.21 22.67
C SER C 369 3.14 -38.87 22.95
N ASN C 370 4.19 -38.06 23.11
CA ASN C 370 5.51 -38.63 23.38
C ASN C 370 5.54 -39.38 24.71
N GLN C 371 4.77 -38.91 25.70
CA GLN C 371 4.80 -39.54 27.02
C GLN C 371 4.12 -40.91 26.99
N ILE C 372 2.97 -41.02 26.31
CA ILE C 372 2.32 -42.32 26.29
CA ILE C 372 2.28 -42.30 26.23
C ILE C 372 3.08 -43.28 25.38
N LYS C 373 3.80 -42.77 24.38
CA LYS C 373 4.68 -43.63 23.59
C LYS C 373 5.70 -44.32 24.48
N LYS C 374 6.36 -43.55 25.35
CA LYS C 374 7.35 -44.11 26.27
C LYS C 374 6.70 -45.11 27.22
N LEU C 375 5.55 -44.74 27.79
CA LEU C 375 4.89 -45.61 28.76
CA LEU C 375 4.89 -45.61 28.76
C LEU C 375 4.40 -46.89 28.10
N SER C 376 3.76 -46.77 26.93
CA SER C 376 3.24 -47.96 26.26
C SER C 376 4.35 -48.96 25.93
N GLU C 377 5.53 -48.45 25.58
CA GLU C 377 6.66 -49.34 25.29
CA GLU C 377 6.65 -49.35 25.28
C GLU C 377 7.00 -50.22 26.47
N ALA C 378 6.97 -49.64 27.69
CA ALA C 378 7.31 -50.39 28.89
C ALA C 378 6.34 -51.53 29.16
N TYR C 379 5.11 -51.44 28.66
CA TYR C 379 4.09 -52.46 28.91
C TYR C 379 3.70 -53.22 27.65
N ASN C 380 4.56 -53.19 26.62
CA ASN C 380 4.32 -53.90 25.37
CA ASN C 380 4.32 -53.90 25.37
C ASN C 380 3.01 -53.48 24.71
N GLU C 381 2.61 -52.23 24.93
CA GLU C 381 1.46 -51.63 24.27
C GLU C 381 1.98 -50.64 23.24
N ARG C 382 1.08 -49.93 22.58
CA ARG C 382 1.51 -48.95 21.59
C ARG C 382 0.48 -47.84 21.47
N LEU C 383 0.96 -46.68 21.02
CA LEU C 383 0.08 -45.58 20.65
C LEU C 383 -0.54 -45.90 19.30
N LEU C 384 -1.87 -45.95 19.24
CA LEU C 384 -2.54 -46.16 17.97
C LEU C 384 -2.15 -45.06 16.99
N HIS C 385 -1.98 -45.45 15.72
CA HIS C 385 -1.53 -44.51 14.69
C HIS C 385 -2.74 -43.78 14.15
N THR C 386 -3.02 -42.60 14.71
CA THR C 386 -4.18 -41.79 14.32
C THR C 386 -3.75 -40.37 14.00
N PRO C 387 -2.92 -40.18 12.97
CA PRO C 387 -2.37 -38.83 12.70
C PRO C 387 -3.43 -37.82 12.26
N HIS C 388 -4.60 -38.27 11.83
CA HIS C 388 -5.66 -37.35 11.39
C HIS C 388 -6.55 -36.87 12.53
N ASN C 389 -6.32 -37.34 13.76
CA ASN C 389 -7.02 -36.79 14.91
C ASN C 389 -6.07 -35.86 15.65
N PRO C 390 -6.32 -34.55 15.67
CA PRO C 390 -5.37 -33.61 16.27
C PRO C 390 -5.60 -33.32 17.75
N ILE C 391 -6.56 -33.96 18.41
CA ILE C 391 -6.91 -33.66 19.78
C ILE C 391 -6.82 -34.90 20.67
N SER C 392 -7.40 -36.01 20.23
CA SER C 392 -7.51 -37.21 21.03
C SER C 392 -6.51 -38.26 20.58
N LEU C 393 -6.06 -39.08 21.52
CA LEU C 393 -5.10 -40.16 21.30
CA LEU C 393 -5.18 -40.19 21.18
C LEU C 393 -5.62 -41.43 21.95
N ALA C 394 -5.06 -42.57 21.57
CA ALA C 394 -5.46 -43.84 22.15
C ALA C 394 -4.25 -44.75 22.32
N THR C 396 -3.16 -48.76 23.20
CA THR C 396 -3.75 -50.09 23.20
C THR C 396 -3.70 -50.71 24.59
N LEU C 397 -4.60 -51.66 24.83
CA LEU C 397 -4.69 -52.43 26.06
C LEU C 397 -4.82 -53.92 25.75
N LYS C 398 -4.07 -54.40 24.76
CA LYS C 398 -4.19 -55.79 24.35
C LYS C 398 -3.52 -56.76 25.33
N THR C 399 -2.59 -56.28 26.15
CA THR C 399 -2.00 -57.14 27.18
C THR C 399 -2.91 -57.35 28.37
N LEU C 400 -4.09 -56.72 28.39
CA LEU C 400 -5.04 -56.86 29.48
C LEU C 400 -6.19 -57.77 29.04
N ASP C 401 -6.47 -58.79 29.84
CA ASP C 401 -7.50 -59.77 29.56
C ASP C 401 -8.79 -59.36 30.26
N GLU C 402 -9.80 -58.96 29.48
CA GLU C 402 -11.07 -58.54 30.03
C GLU C 402 -12.05 -59.69 30.23
N HIS C 403 -11.95 -60.74 29.43
CA HIS C 403 -12.86 -61.87 29.59
C HIS C 403 -12.57 -62.65 30.86
N ARG C 404 -11.31 -62.72 31.29
CA ARG C 404 -10.93 -63.52 32.45
C ARG C 404 -10.85 -62.66 33.70
N ASP C 405 -9.88 -61.74 33.75
CA ASP C 405 -9.66 -60.91 34.93
C ASP C 405 -10.49 -59.64 34.93
N LYS C 406 -11.14 -59.30 33.82
CA LYS C 406 -11.85 -58.02 33.67
C LYS C 406 -10.93 -56.85 34.01
N ALA C 407 -9.66 -56.97 33.61
CA ALA C 407 -8.66 -55.96 33.95
C ALA C 407 -8.86 -54.67 33.16
N VAL C 408 -9.48 -54.74 31.99
CA VAL C 408 -9.75 -53.53 31.21
C VAL C 408 -10.78 -52.67 31.93
N THR C 409 -11.84 -53.30 32.43
CA THR C 409 -12.82 -52.57 33.24
C THR C 409 -12.19 -52.09 34.55
N GLN C 410 -11.36 -52.93 35.16
CA GLN C 410 -10.70 -52.55 36.41
C GLN C 410 -9.80 -51.33 36.21
N LEU C 411 -9.12 -51.25 35.07
CA LEU C 411 -8.23 -50.12 34.82
C LEU C 411 -8.98 -48.79 34.88
N GLY C 412 -10.17 -48.74 34.26
CA GLY C 412 -10.94 -47.50 34.29
C GLY C 412 -11.36 -47.11 35.70
N SER C 413 -11.70 -48.11 36.53
CA SER C 413 -12.08 -47.82 37.91
C SER C 413 -10.89 -47.31 38.72
N LEU C 415 -8.14 -45.84 37.68
CA LEU C 415 -7.81 -44.48 37.27
C LEU C 415 -8.76 -43.47 37.90
N PHE C 416 -10.05 -43.82 37.98
CA PHE C 416 -11.01 -42.93 38.60
C PHE C 416 -10.72 -42.75 40.09
N THR C 417 -10.52 -43.85 40.81
CA THR C 417 -10.25 -43.77 42.24
C THR C 417 -8.92 -43.08 42.53
N ARG C 418 -8.02 -43.03 41.57
CA ARG C 418 -6.79 -42.25 41.69
C ARG C 418 -6.94 -40.83 41.16
N GLN C 419 -8.18 -40.38 40.94
CA GLN C 419 -8.48 -38.99 40.61
C GLN C 419 -7.89 -38.59 39.26
N VAL C 420 -7.92 -39.53 38.31
CA VAL C 420 -7.66 -39.22 36.90
C VAL C 420 -9.02 -39.11 36.23
N SER C 421 -9.36 -37.92 35.76
CA SER C 421 -10.61 -37.70 35.05
C SER C 421 -10.34 -37.55 33.55
N GLY C 422 -11.33 -37.94 32.75
CA GLY C 422 -11.24 -37.85 31.31
C GLY C 422 -10.57 -39.02 30.64
N ALA C 423 -9.87 -39.88 31.39
CA ALA C 423 -9.30 -41.08 30.81
C ALA C 423 -10.42 -42.07 30.50
N ARG C 424 -10.55 -42.42 29.22
CA ARG C 424 -11.67 -43.20 28.73
C ARG C 424 -11.15 -44.56 28.30
N VAL C 425 -11.68 -45.62 28.92
CA VAL C 425 -11.30 -46.99 28.61
C VAL C 425 -12.39 -47.61 27.74
N VAL C 426 -12.00 -48.22 26.64
CA VAL C 426 -12.92 -48.78 25.66
C VAL C 426 -12.65 -50.26 25.54
N PRO C 427 -13.45 -51.11 26.17
CA PRO C 427 -13.28 -52.56 26.03
C PRO C 427 -13.90 -53.06 24.72
N LEU C 428 -13.62 -54.32 24.43
CA LEU C 428 -14.18 -54.96 23.24
C LEU C 428 -15.58 -55.50 23.51
N GLY C 429 -16.44 -55.41 22.51
CA GLY C 429 -17.72 -56.10 22.54
C GLY C 429 -18.78 -55.52 23.44
N SER C 430 -18.75 -54.20 23.69
CA SER C 430 -19.80 -53.57 24.48
C SER C 430 -21.05 -53.40 23.64
N GLN C 432 -24.82 -51.69 23.60
CA GLN C 432 -25.51 -50.59 24.26
C GLN C 432 -26.71 -50.19 23.43
N THR C 433 -27.84 -49.97 24.09
CA THR C 433 -29.07 -49.52 23.45
C THR C 433 -29.31 -48.06 23.81
N VAL C 434 -29.44 -47.21 22.79
CA VAL C 434 -29.66 -45.79 22.97
C VAL C 434 -30.94 -45.44 22.21
N SER C 435 -32.01 -45.13 22.96
CA SER C 435 -33.30 -44.76 22.38
C SER C 435 -33.78 -45.79 21.37
N GLY C 436 -33.70 -47.06 21.75
CA GLY C 436 -34.15 -48.15 20.93
C GLY C 436 -33.14 -48.69 19.94
N TYR C 437 -32.11 -47.92 19.59
CA TYR C 437 -31.09 -48.35 18.65
CA TYR C 437 -31.10 -48.36 18.65
C TYR C 437 -29.99 -49.08 19.42
N THR C 438 -29.60 -50.25 18.93
CA THR C 438 -28.58 -51.07 19.57
C THR C 438 -27.25 -50.88 18.87
N PHE C 439 -26.24 -50.49 19.64
CA PHE C 439 -24.87 -50.37 19.15
C PHE C 439 -24.07 -51.59 19.56
N ARG C 440 -23.32 -52.15 18.62
CA ARG C 440 -22.36 -53.20 18.92
CA ARG C 440 -22.36 -53.20 18.93
C ARG C 440 -20.96 -52.60 18.95
N GLY C 441 -20.14 -53.07 19.86
CA GLY C 441 -18.82 -52.47 20.03
C GLY C 441 -18.91 -51.02 20.45
N PHE C 442 -19.86 -50.70 21.32
CA PHE C 442 -20.12 -49.31 21.68
C PHE C 442 -18.88 -48.66 22.30
N SER C 444 -16.47 -47.63 20.71
CA SER C 444 -15.39 -47.80 19.74
C SER C 444 -15.76 -47.32 18.35
N HIS C 445 -16.99 -46.84 18.14
CA HIS C 445 -17.46 -46.28 16.87
C HIS C 445 -17.50 -47.31 15.74
N THR C 446 -17.36 -48.59 16.06
CA THR C 446 -17.39 -49.64 15.05
C THR C 446 -17.75 -50.94 15.74
N ASN C 447 -18.17 -51.92 14.94
CA ASN C 447 -18.69 -53.17 15.52
C ASN C 447 -17.57 -54.03 16.10
N ASN C 448 -16.40 -54.08 15.44
CA ASN C 448 -15.31 -54.96 15.88
C ASN C 448 -13.98 -54.25 15.63
N TYR C 449 -13.60 -53.38 16.57
CA TYR C 449 -12.27 -52.80 16.51
C TYR C 449 -11.23 -53.85 16.92
N PRO C 450 -10.03 -53.80 16.34
CA PRO C 450 -9.04 -54.87 16.62
C PRO C 450 -8.70 -55.05 18.10
N CYS C 451 -8.81 -54.01 18.93
CA CYS C 451 -8.33 -54.13 20.30
C CYS C 451 -9.06 -53.18 21.22
N ALA C 452 -8.93 -53.43 22.52
CA ALA C 452 -9.31 -52.47 23.54
C ALA C 452 -8.23 -51.41 23.66
N TYR C 453 -8.61 -50.24 24.14
CA TYR C 453 -7.66 -49.14 24.21
C TYR C 453 -8.11 -48.13 25.26
N LEU C 454 -7.23 -47.17 25.51
CA LEU C 454 -7.44 -46.11 26.51
C LEU C 454 -7.29 -44.76 25.82
N ASN C 455 -8.23 -43.86 26.07
CA ASN C 455 -8.23 -42.54 25.48
C ASN C 455 -7.61 -41.50 26.40
N ALA C 456 -6.87 -40.56 25.82
CA ALA C 456 -6.44 -39.34 26.48
C ALA C 456 -6.42 -38.25 25.43
N ALA C 457 -6.64 -37.00 25.87
CA ALA C 457 -6.77 -35.91 24.94
C ALA C 457 -5.99 -34.69 25.43
N SER C 458 -5.55 -33.87 24.48
CA SER C 458 -4.96 -32.58 24.77
C SER C 458 -5.99 -31.52 24.39
N ALA C 459 -6.77 -31.08 25.38
CA ALA C 459 -7.75 -30.02 25.21
C ALA C 459 -7.22 -28.73 25.83
N ILE C 460 -7.86 -27.62 25.47
CA ILE C 460 -7.41 -26.31 25.90
CA ILE C 460 -7.38 -26.32 25.91
C ILE C 460 -7.42 -26.23 27.42
N GLY C 461 -6.40 -25.59 27.98
CA GLY C 461 -6.28 -25.42 29.41
C GLY C 461 -5.45 -26.49 30.11
N LYS C 463 -2.35 -28.53 31.42
CA LYS C 463 -1.00 -28.19 31.81
C LYS C 463 -0.13 -29.44 31.80
N GLN C 465 1.46 -30.59 34.23
CA GLN C 465 1.16 -31.36 35.43
CA GLN C 465 1.17 -31.37 35.43
C GLN C 465 0.06 -32.39 35.18
N ASP C 466 -0.93 -32.04 34.37
CA ASP C 466 -1.98 -32.99 34.03
C ASP C 466 -1.41 -34.24 33.38
N VAL C 467 -0.49 -34.07 32.43
CA VAL C 467 0.07 -35.22 31.72
C VAL C 467 1.00 -36.02 32.63
N ASP C 468 1.86 -35.33 33.38
CA ASP C 468 2.80 -36.03 34.25
C ASP C 468 2.07 -36.83 35.33
N LEU C 469 1.03 -36.25 35.93
CA LEU C 469 0.25 -36.99 36.92
C LEU C 469 -0.50 -38.14 36.28
N PHE C 470 -1.04 -37.94 35.07
CA PHE C 470 -1.74 -39.01 34.37
C PHE C 470 -0.79 -40.16 34.06
N ILE C 471 0.40 -39.83 33.54
CA ILE C 471 1.37 -40.87 33.21
C ILE C 471 1.80 -41.61 34.48
N LYS C 472 2.06 -40.87 35.55
CA LYS C 472 2.50 -41.51 36.80
C LYS C 472 1.43 -42.44 37.35
N ARG C 473 0.17 -42.01 37.33
CA ARG C 473 -0.90 -42.83 37.91
C ARG C 473 -1.29 -43.99 36.99
N LEU C 474 -1.28 -43.76 35.67
CA LEU C 474 -1.52 -44.87 34.75
C LEU C 474 -0.44 -45.93 34.88
N ASP C 475 0.78 -45.54 35.16
CA ASP C 475 1.84 -46.52 35.39
C ASP C 475 1.51 -47.38 36.57
N ARG C 476 1.13 -46.75 37.66
CA ARG C 476 0.83 -47.52 38.87
C ARG C 476 -0.35 -48.46 38.65
N CYS C 477 -1.36 -48.02 37.91
CA CYS C 477 -2.51 -48.87 37.65
C CYS C 477 -2.13 -50.07 36.80
N LEU C 478 -1.28 -49.86 35.79
CA LEU C 478 -0.80 -50.98 34.99
C LEU C 478 0.03 -51.96 35.83
N LYS C 479 0.90 -51.43 36.69
CA LYS C 479 1.67 -52.29 37.58
C LYS C 479 0.76 -53.11 38.48
N ALA C 480 -0.21 -52.45 39.12
CA ALA C 480 -1.08 -53.14 40.06
C ALA C 480 -1.92 -54.21 39.37
N VAL C 481 -2.34 -53.94 38.12
CA VAL C 481 -3.05 -54.96 37.35
C VAL C 481 -2.14 -56.16 37.12
N ARG C 482 -0.99 -55.93 36.49
CA ARG C 482 -0.09 -57.03 36.13
C ARG C 482 0.31 -57.86 37.34
N LYS C 483 0.53 -57.21 38.49
CA LYS C 483 0.92 -57.95 39.68
C LYS C 483 -0.19 -58.88 40.14
N GLU C 484 -1.45 -58.46 40.02
CA GLU C 484 -2.56 -59.33 40.37
C GLU C 484 -2.63 -60.54 39.45
N ARG C 485 -2.28 -60.38 38.17
CA ARG C 485 -2.28 -61.52 37.26
C ARG C 485 -1.14 -62.47 37.57
N SER C 486 0.01 -61.95 38.01
CA SER C 486 1.06 -62.82 38.52
C SER C 486 0.69 -63.47 39.84
N LYS C 487 -0.46 -63.13 40.42
CA LYS C 487 -0.94 -63.72 41.68
C LYS C 487 0.06 -63.60 42.82
N GLU C 497 0.51 -36.53 49.55
CA GLU C 497 -0.76 -36.72 48.88
C GLU C 497 -0.66 -37.76 47.77
N ASP C 498 0.55 -37.98 47.27
CA ASP C 498 0.79 -39.09 46.36
C ASP C 498 0.43 -40.41 47.03
N VAL C 499 0.70 -40.51 48.34
CA VAL C 499 0.25 -41.66 49.13
C VAL C 499 -1.18 -41.48 49.64
N ASP C 500 -1.69 -40.24 49.71
CA ASP C 500 -3.05 -40.01 50.18
C ASP C 500 -4.07 -40.26 49.07
N ILE C 501 -3.78 -39.80 47.85
CA ILE C 501 -4.61 -40.18 46.71
C ILE C 501 -4.56 -41.69 46.51
N GLU C 502 -3.39 -42.30 46.76
CA GLU C 502 -3.25 -43.74 46.59
C GLU C 502 -3.94 -44.50 47.72
N GLU C 503 -3.82 -44.01 48.96
CA GLU C 503 -4.44 -44.71 50.08
C GLU C 503 -5.95 -44.68 49.99
N ALA C 505 -7.48 -44.45 47.22
CA ALA C 505 -7.79 -45.26 46.04
C ALA C 505 -7.93 -46.72 46.41
N LEU C 506 -7.00 -47.25 47.21
CA LEU C 506 -7.09 -48.63 47.65
C LEU C 506 -8.34 -48.86 48.51
N LYS C 507 -8.77 -47.85 49.26
CA LYS C 507 -9.98 -47.97 50.06
C LYS C 507 -11.22 -48.03 49.17
N LEU C 508 -11.25 -47.21 48.11
CA LEU C 508 -12.36 -47.26 47.17
C LEU C 508 -12.27 -48.48 46.26
N ASP C 509 -11.06 -48.92 45.91
CA ASP C 509 -10.91 -50.10 45.07
C ASP C 509 -11.37 -51.36 45.80
N ASN C 510 -11.04 -51.49 47.09
CA ASN C 510 -11.46 -52.64 47.87
C ASN C 510 -12.95 -52.59 48.22
N ALA C 511 -13.52 -51.39 48.33
CA ALA C 511 -14.94 -51.28 48.64
C ALA C 511 -15.79 -51.82 47.50
N LEU C 512 -15.34 -51.64 46.26
CA LEU C 512 -16.07 -52.15 45.10
C LEU C 512 -15.55 -53.53 44.71
N ARG D 31 -33.81 -34.29 49.15
CA ARG D 31 -33.37 -35.26 48.17
C ARG D 31 -33.22 -36.63 48.80
N LEU D 32 -32.18 -37.36 48.39
CA LEU D 32 -31.87 -38.67 48.95
C LEU D 32 -30.36 -38.84 48.90
N VAL D 33 -29.66 -38.18 49.82
CA VAL D 33 -28.23 -38.39 49.98
C VAL D 33 -28.02 -39.85 50.35
N SER D 34 -27.72 -40.67 49.35
CA SER D 34 -27.33 -42.04 49.61
C SER D 34 -26.07 -42.04 50.47
N PRO D 35 -25.81 -43.10 51.23
CA PRO D 35 -24.56 -43.15 52.00
C PRO D 35 -23.32 -42.87 51.15
N ALA D 36 -23.45 -43.00 49.83
CA ALA D 36 -22.35 -42.62 48.94
C ALA D 36 -22.07 -41.12 49.02
N TYR D 37 -23.12 -40.29 48.93
CA TYR D 37 -22.93 -38.85 48.96
C TYR D 37 -22.37 -38.38 50.29
N VAL D 38 -22.73 -39.04 51.40
CA VAL D 38 -22.14 -38.71 52.69
C VAL D 38 -20.66 -39.00 52.69
N ARG D 39 -20.28 -40.20 52.23
CA ARG D 39 -18.86 -40.55 52.17
C ARG D 39 -18.12 -39.68 51.17
N GLN D 40 -18.69 -39.49 49.98
CA GLN D 40 -18.05 -38.63 48.97
C GLN D 40 -17.87 -37.22 49.50
N GLY D 41 -18.85 -36.71 50.26
CA GLY D 41 -18.70 -35.39 50.84
C GLY D 41 -17.60 -35.34 51.89
N CYS D 42 -17.42 -36.43 52.64
CA CYS D 42 -16.33 -36.49 53.61
C CYS D 42 -14.98 -36.68 52.92
N GLU D 43 -14.92 -37.55 51.92
CA GLU D 43 -13.67 -37.75 51.19
C GLU D 43 -13.21 -36.46 50.52
N ALA D 44 -14.15 -35.70 49.94
CA ALA D 44 -13.79 -34.46 49.28
C ALA D 44 -13.23 -33.44 50.27
N ARG D 45 -13.85 -33.34 51.45
CA ARG D 45 -13.35 -32.41 52.45
CA ARG D 45 -13.37 -32.43 52.48
C ARG D 45 -12.03 -32.88 53.07
N ARG D 46 -11.71 -34.17 52.96
CA ARG D 46 -10.50 -34.69 53.61
C ARG D 46 -9.23 -34.06 53.05
N SER D 47 -9.15 -33.95 51.71
CA SER D 47 -7.95 -33.38 51.12
CA SER D 47 -7.95 -33.38 51.12
C SER D 47 -7.77 -31.92 51.54
N HIS D 48 -8.86 -31.17 51.65
CA HIS D 48 -8.76 -29.78 52.06
C HIS D 48 -8.42 -29.66 53.55
N GLU D 49 -9.06 -30.49 54.39
CA GLU D 49 -8.77 -30.43 55.82
CA GLU D 49 -8.76 -30.40 55.82
C GLU D 49 -7.34 -30.82 56.12
N HIS D 50 -6.74 -31.67 55.30
CA HIS D 50 -5.34 -32.06 55.50
C HIS D 50 -4.43 -30.85 55.44
N LEU D 51 -4.63 -29.98 54.45
CA LEU D 51 -3.83 -28.76 54.37
C LEU D 51 -4.09 -27.86 55.57
N ILE D 52 -5.36 -27.76 55.99
CA ILE D 52 -5.70 -26.92 57.13
C ILE D 52 -5.06 -27.45 58.41
N ARG D 53 -5.13 -28.76 58.63
CA ARG D 53 -4.52 -29.33 59.84
CA ARG D 53 -4.53 -29.34 59.83
C ARG D 53 -3.02 -29.12 59.87
N LEU D 54 -2.35 -29.28 58.71
CA LEU D 54 -0.92 -29.03 58.64
CA LEU D 54 -0.93 -29.03 58.65
C LEU D 54 -0.59 -27.60 59.05
N LEU D 55 -1.43 -26.64 58.64
CA LEU D 55 -1.23 -25.26 59.05
C LEU D 55 -1.43 -25.09 60.55
N LEU D 56 -2.45 -25.76 61.11
CA LEU D 56 -2.77 -25.55 62.52
C LEU D 56 -1.76 -26.21 63.45
N GLU D 57 -1.18 -27.34 63.04
CA GLU D 57 -0.28 -28.06 63.93
CA GLU D 57 -0.28 -28.05 63.94
C GLU D 57 1.10 -27.41 64.00
N LYS D 58 1.60 -26.90 62.86
CA LYS D 58 2.94 -26.35 62.80
C LYS D 58 2.99 -24.85 62.65
N GLY D 59 1.91 -24.21 62.18
CA GLY D 59 1.92 -22.77 62.02
C GLY D 59 2.86 -22.26 60.97
N LYS D 60 3.33 -23.12 60.07
CA LYS D 60 4.27 -22.73 59.04
C LYS D 60 3.54 -22.34 57.76
N CYS D 61 4.17 -21.46 57.00
CA CYS D 61 3.65 -21.12 55.69
CA CYS D 61 3.64 -21.12 55.69
C CYS D 61 3.65 -22.38 54.80
N PRO D 62 2.57 -22.63 54.07
CA PRO D 62 2.61 -23.74 53.10
C PRO D 62 3.66 -23.45 52.05
N GLU D 63 4.37 -24.49 51.62
CA GLU D 63 5.42 -24.28 50.63
C GLU D 63 4.82 -23.82 49.30
N ASN D 64 3.86 -24.59 48.77
CA ASN D 64 3.08 -24.18 47.62
C ASN D 64 1.76 -23.57 48.10
N GLY D 65 1.32 -22.52 47.40
CA GLY D 65 0.13 -21.81 47.84
C GLY D 65 -1.12 -22.66 47.76
N TRP D 66 -2.06 -22.37 48.65
CA TRP D 66 -3.34 -23.05 48.64
C TRP D 66 -4.19 -22.65 47.44
N ASP D 67 -5.03 -23.59 46.99
CA ASP D 67 -6.10 -23.23 46.07
CA ASP D 67 -6.10 -23.23 46.07
C ASP D 67 -7.11 -22.32 46.77
N GLU D 68 -7.79 -21.49 45.98
CA GLU D 68 -8.76 -20.57 46.56
C GLU D 68 -9.86 -21.31 47.30
N SER D 69 -10.29 -22.46 46.78
CA SER D 69 -11.36 -23.22 47.42
C SER D 69 -10.96 -23.64 48.83
N THR D 70 -9.73 -24.15 48.99
CA THR D 70 -9.24 -24.48 50.33
C THR D 70 -9.20 -23.24 51.21
N LEU D 71 -8.75 -22.11 50.65
CA LEU D 71 -8.61 -20.90 51.45
C LEU D 71 -9.97 -20.39 51.93
N GLU D 72 -10.94 -20.27 51.03
CA GLU D 72 -12.24 -19.73 51.44
CA GLU D 72 -12.24 -19.74 51.43
C GLU D 72 -12.99 -20.71 52.33
N LEU D 73 -12.76 -22.01 52.17
CA LEU D 73 -13.33 -22.97 53.12
C LEU D 73 -12.75 -22.76 54.51
N PHE D 74 -11.44 -22.52 54.59
CA PHE D 74 -10.79 -22.28 55.87
C PHE D 74 -11.31 -21.01 56.52
N LEU D 75 -11.41 -19.92 55.74
CA LEU D 75 -11.88 -18.65 56.29
C LEU D 75 -13.31 -18.77 56.79
N HIS D 76 -14.16 -19.50 56.07
CA HIS D 76 -15.55 -19.65 56.49
CA HIS D 76 -15.55 -19.65 56.49
C HIS D 76 -15.65 -20.45 57.78
N GLU D 77 -14.85 -21.51 57.92
CA GLU D 77 -14.88 -22.31 59.14
C GLU D 77 -14.32 -21.54 60.33
N LEU D 78 -13.40 -20.60 60.08
CA LEU D 78 -12.93 -19.73 61.15
C LEU D 78 -14.01 -18.74 61.57
N ALA D 79 -14.72 -18.16 60.61
CA ALA D 79 -15.66 -17.09 60.92
C ALA D 79 -16.84 -17.60 61.72
N ILE D 80 -17.23 -18.86 61.54
CA ILE D 80 -18.45 -19.34 62.21
C ILE D 80 -18.12 -19.70 63.65
N ASP D 82 -16.80 -17.39 65.60
CA ASP D 82 -17.10 -16.17 66.32
C ASP D 82 -18.56 -16.15 66.76
N SER D 83 -18.83 -15.59 67.94
CA SER D 83 -20.16 -15.65 68.53
CA SER D 83 -20.16 -15.65 68.53
C SER D 83 -21.18 -14.91 67.68
N ASN D 84 -20.78 -13.81 67.03
CA ASN D 84 -21.72 -13.05 66.23
C ASN D 84 -22.28 -13.85 65.06
N ASN D 85 -21.58 -14.93 64.66
CA ASN D 85 -22.03 -15.78 63.57
C ASN D 85 -22.72 -17.05 64.05
N PHE D 86 -22.94 -17.20 65.36
CA PHE D 86 -23.67 -18.34 65.87
C PHE D 86 -25.13 -18.27 65.42
N LEU D 87 -25.72 -19.46 65.21
CA LEU D 87 -27.09 -19.53 64.71
C LEU D 87 -28.11 -19.13 65.79
N GLY D 88 -27.94 -19.63 67.01
CA GLY D 88 -28.91 -19.35 68.06
C GLY D 88 -28.49 -18.23 68.99
N ASN D 89 -27.76 -17.25 68.47
CA ASN D 89 -27.21 -16.19 69.30
C ASN D 89 -28.25 -15.10 69.58
N CYS D 90 -28.23 -14.57 70.79
CA CYS D 90 -28.91 -13.34 71.14
C CYS D 90 -27.90 -12.41 71.81
N GLY D 91 -27.95 -11.13 71.46
CA GLY D 91 -27.02 -10.16 72.00
C GLY D 91 -27.70 -9.07 72.78
N VAL D 92 -27.23 -8.80 74.00
CA VAL D 92 -27.79 -7.73 74.82
C VAL D 92 -26.66 -6.83 75.29
N GLY D 93 -25.55 -6.82 74.55
CA GLY D 93 -24.42 -5.97 74.86
C GLY D 93 -24.29 -4.82 73.87
N GLU D 94 -23.24 -4.02 74.10
CA GLU D 94 -22.98 -2.85 73.26
C GLU D 94 -21.99 -3.13 72.14
N ARG D 95 -21.31 -4.28 72.17
CA ARG D 95 -20.34 -4.66 71.14
C ARG D 95 -20.65 -6.11 70.75
N GLU D 96 -21.69 -6.29 69.94
CA GLU D 96 -22.16 -7.61 69.55
C GLU D 96 -21.70 -8.01 68.15
N GLY D 97 -20.95 -7.16 67.47
CA GLY D 97 -20.56 -7.48 66.11
C GLY D 97 -21.71 -7.45 65.12
N ARG D 98 -22.74 -6.67 65.40
CA ARG D 98 -23.83 -6.50 64.44
C ARG D 98 -23.32 -5.73 63.23
N VAL D 99 -23.80 -6.12 62.04
CA VAL D 99 -23.38 -5.50 60.79
C VAL D 99 -24.62 -5.06 60.03
N ALA D 100 -24.71 -3.77 59.74
CA ALA D 100 -25.90 -3.27 59.06
C ALA D 100 -25.88 -3.62 57.58
N SER D 101 -24.72 -3.50 56.93
CA SER D 101 -24.59 -3.68 55.49
C SER D 101 -24.08 -5.07 55.16
N ALA D 102 -24.79 -5.78 54.29
CA ALA D 102 -24.33 -7.08 53.83
C ALA D 102 -23.06 -6.98 53.01
N LEU D 103 -22.86 -5.87 52.30
CA LEU D 103 -21.61 -5.68 51.56
C LEU D 103 -20.42 -5.61 52.51
N VAL D 104 -20.60 -4.96 53.66
CA VAL D 104 -19.52 -4.87 54.63
C VAL D 104 -19.24 -6.24 55.24
N ALA D 105 -20.29 -6.98 55.60
CA ALA D 105 -20.10 -8.28 56.23
C ALA D 105 -19.37 -9.24 55.31
N ARG D 106 -19.75 -9.29 54.03
CA ARG D 106 -19.16 -10.26 53.12
CA ARG D 106 -19.16 -10.26 53.12
C ARG D 106 -17.72 -9.92 52.78
N ARG D 107 -17.42 -8.63 52.57
CA ARG D 107 -16.07 -8.27 52.17
C ARG D 107 -15.05 -8.55 53.26
N HIS D 108 -15.49 -8.69 54.52
CA HIS D 108 -14.62 -9.07 55.61
C HIS D 108 -14.74 -10.54 55.99
N TYR D 109 -15.39 -11.34 55.14
CA TYR D 109 -15.58 -12.77 55.39
C TYR D 109 -16.24 -13.02 56.75
N ARG D 110 -17.07 -12.07 57.19
CA ARG D 110 -17.84 -12.15 58.42
C ARG D 110 -16.97 -12.15 59.67
N PHE D 111 -15.74 -11.66 59.57
CA PHE D 111 -14.91 -11.37 60.74
C PHE D 111 -15.21 -9.94 61.18
N ILE D 112 -15.96 -9.80 62.28
CA ILE D 112 -16.46 -8.51 62.70
C ILE D 112 -15.84 -8.04 64.01
N HIS D 113 -15.45 -8.95 64.90
CA HIS D 113 -15.08 -8.60 66.27
C HIS D 113 -13.67 -8.04 66.42
N GLY D 114 -12.89 -7.98 65.36
CA GLY D 114 -11.52 -7.51 65.52
C GLY D 114 -10.66 -8.53 66.27
N ILE D 115 -9.47 -8.08 66.64
CA ILE D 115 -8.49 -8.96 67.28
C ILE D 115 -8.20 -8.44 68.69
N GLY D 116 -8.01 -9.37 69.61
CA GLY D 116 -7.58 -9.05 70.97
C GLY D 116 -8.71 -8.99 71.98
N ARG D 117 -8.42 -8.32 73.09
CA ARG D 117 -9.40 -8.01 74.12
C ARG D 117 -9.14 -6.61 74.63
N SER D 118 -9.94 -6.18 75.60
CA SER D 118 -9.78 -4.84 76.15
C SER D 118 -8.44 -4.66 76.85
N GLY D 119 -7.90 -5.73 77.44
CA GLY D 119 -6.67 -5.62 78.19
C GLY D 119 -5.43 -6.04 77.42
N ASP D 120 -5.62 -6.76 76.30
CA ASP D 120 -4.49 -7.30 75.55
C ASP D 120 -4.97 -7.74 74.17
N ILE D 121 -4.28 -7.27 73.13
CA ILE D 121 -4.57 -7.73 71.76
C ILE D 121 -4.01 -9.11 71.50
N SER D 122 -3.28 -9.69 72.45
CA SER D 122 -2.83 -11.07 72.34
C SER D 122 -3.81 -12.05 72.95
N ALA D 123 -4.69 -11.59 73.83
CA ALA D 123 -5.58 -12.48 74.58
C ALA D 123 -6.60 -13.13 73.66
N VAL D 124 -6.97 -14.37 74.01
CA VAL D 124 -8.03 -15.07 73.30
C VAL D 124 -9.37 -14.48 73.71
N GLN D 125 -10.20 -14.15 72.72
CA GLN D 125 -11.52 -13.63 73.00
C GLN D 125 -12.52 -14.78 72.92
N PRO D 126 -13.11 -15.23 74.03
CA PRO D 126 -14.17 -16.24 73.95
C PRO D 126 -15.36 -15.80 73.12
N LYS D 127 -15.58 -14.50 72.97
CA LYS D 127 -16.63 -13.99 72.10
C LYS D 127 -16.25 -14.09 70.63
N ALA D 128 -14.96 -14.26 70.33
CA ALA D 128 -14.45 -14.28 68.97
C ALA D 128 -13.30 -15.28 68.88
N ALA D 129 -13.63 -16.57 69.08
CA ALA D 129 -12.61 -17.61 69.03
C ALA D 129 -12.02 -17.74 67.63
N GLY D 130 -12.82 -17.54 66.59
CA GLY D 130 -12.29 -17.63 65.24
C GLY D 130 -11.33 -16.50 64.91
N SER D 131 -11.69 -15.27 65.28
CA SER D 131 -10.80 -14.14 65.04
C SER D 131 -9.52 -14.26 65.84
N SER D 132 -9.60 -14.81 67.05
CA SER D 132 -8.39 -15.04 67.84
C SER D 132 -7.50 -16.09 67.19
N LEU D 133 -8.09 -17.15 66.65
CA LEU D 133 -7.30 -18.14 65.93
C LEU D 133 -6.69 -17.55 64.67
N LEU D 134 -7.44 -16.71 63.96
CA LEU D 134 -6.90 -16.02 62.79
C LEU D 134 -5.67 -15.20 63.16
N ASN D 135 -5.73 -14.50 64.30
CA ASN D 135 -4.63 -13.65 64.73
C ASN D 135 -3.38 -14.48 65.06
N LYS D 136 -3.55 -15.59 65.77
CA LYS D 136 -2.41 -16.43 66.13
C LYS D 136 -1.77 -17.04 64.88
N ILE D 137 -2.58 -17.55 63.95
CA ILE D 137 -2.04 -18.16 62.74
C ILE D 137 -1.29 -17.12 61.92
N THR D 138 -1.90 -15.94 61.75
CA THR D 138 -1.27 -14.87 60.97
C THR D 138 0.10 -14.51 61.54
N ASN D 139 0.18 -14.31 62.86
CA ASN D 139 1.46 -13.96 63.46
C ASN D 139 2.49 -15.07 63.29
N SER D 140 2.05 -16.33 63.31
CA SER D 140 2.98 -17.43 63.11
C SER D 140 3.48 -17.48 61.67
N LEU D 141 2.60 -17.25 60.70
CA LEU D 141 3.03 -17.20 59.30
C LEU D 141 4.02 -16.07 59.08
N VAL D 142 3.76 -14.91 59.68
CA VAL D 142 4.65 -13.77 59.50
C VAL D 142 6.01 -14.04 60.13
N LEU D 143 6.03 -14.67 61.31
CA LEU D 143 7.29 -15.05 61.92
C LEU D 143 8.07 -16.01 61.03
N ASP D 144 7.36 -16.95 60.39
CA ASP D 144 8.00 -17.87 59.46
C ASP D 144 8.64 -17.12 58.29
N ILE D 145 7.94 -16.12 57.76
CA ILE D 145 8.48 -15.37 56.63
C ILE D 145 9.70 -14.55 57.05
N ILE D 146 9.63 -13.92 58.22
CA ILE D 146 10.75 -13.12 58.70
C ILE D 146 12.02 -13.98 58.81
N LYS D 147 11.87 -15.22 59.28
CA LYS D 147 13.02 -16.12 59.32
C LYS D 147 13.48 -16.47 57.92
N LEU D 148 12.55 -16.83 57.05
CA LEU D 148 12.88 -17.12 55.65
C LEU D 148 13.52 -15.92 54.98
N ALA D 149 13.06 -14.71 55.32
CA ALA D 149 13.58 -13.50 54.70
C ALA D 149 15.01 -13.18 55.13
N GLY D 150 15.48 -13.72 56.25
CA GLY D 150 16.86 -13.49 56.63
C GLY D 150 17.16 -13.30 58.10
N VAL D 151 16.15 -13.05 58.93
CA VAL D 151 16.38 -12.94 60.37
C VAL D 151 15.98 -14.25 61.03
N HIS D 152 16.87 -15.25 60.95
CA HIS D 152 16.56 -16.58 61.45
C HIS D 152 16.50 -16.62 62.96
N THR D 153 17.10 -15.66 63.65
CA THR D 153 17.15 -15.64 65.10
C THR D 153 16.01 -14.85 65.73
N VAL D 154 15.04 -14.39 64.94
CA VAL D 154 13.93 -13.62 65.50
C VAL D 154 13.18 -14.50 66.49
N ALA D 155 12.77 -13.90 67.61
CA ALA D 155 12.13 -14.64 68.69
C ALA D 155 10.61 -14.50 68.70
N ASN D 156 10.09 -13.34 68.30
CA ASN D 156 8.67 -13.08 68.42
C ASN D 156 8.31 -11.91 67.51
N CYS D 157 7.06 -11.91 67.06
CA CYS D 157 6.54 -10.79 66.28
C CYS D 157 5.02 -10.82 66.38
N PHE D 158 4.41 -9.69 66.03
CA PHE D 158 2.95 -9.61 65.96
C PHE D 158 2.57 -8.53 64.97
N VAL D 159 1.47 -8.79 64.25
CA VAL D 159 0.89 -7.80 63.36
C VAL D 159 0.11 -6.78 64.20
N VAL D 160 0.26 -5.51 63.88
CA VAL D 160 -0.54 -4.47 64.50
C VAL D 160 -1.18 -3.67 63.39
N PRO D 161 -2.50 -3.41 63.45
CA PRO D 161 -3.19 -2.68 62.37
C PRO D 161 -2.95 -1.18 62.42
N ALA D 163 0.16 1.62 60.59
CA ALA D 163 1.28 1.61 59.66
C ALA D 163 2.58 1.74 60.45
N THR D 164 3.70 1.88 59.73
CA THR D 164 5.02 1.76 60.36
C THR D 164 5.29 2.92 61.31
N GLY D 165 4.87 4.14 60.94
CA GLY D 165 5.12 5.28 61.80
C GLY D 165 4.47 5.13 63.16
N SER D 167 3.46 2.44 64.48
CA SER D 167 4.04 1.27 65.14
C SER D 167 5.36 1.60 65.80
N LEU D 168 6.17 2.46 65.17
CA LEU D 168 7.36 2.96 65.84
C LEU D 168 6.99 3.77 67.07
N THR D 169 5.92 4.57 66.97
CA THR D 169 5.44 5.32 68.13
C THR D 169 5.09 4.38 69.29
N LEU D 170 4.41 3.27 69.00
CA LEU D 170 4.04 2.34 70.05
C LEU D 170 5.26 1.75 70.73
N CYS D 171 6.32 1.49 69.96
CA CYS D 171 7.59 1.05 70.56
C CYS D 171 8.12 2.10 71.53
N PHE D 172 8.15 3.36 71.11
CA PHE D 172 8.65 4.42 71.98
C PHE D 172 7.76 4.59 73.20
N LEU D 173 6.44 4.50 73.02
CA LEU D 173 5.51 4.60 74.15
C LEU D 173 5.79 3.51 75.18
N THR D 174 6.19 2.32 74.71
CA THR D 174 6.49 1.22 75.63
C THR D 174 7.77 1.49 76.41
N LEU D 175 8.76 2.09 75.76
CA LEU D 175 10.04 2.33 76.41
C LEU D 175 9.95 3.40 77.49
N ARG D 176 8.95 4.28 77.45
CA ARG D 176 8.92 5.41 78.38
C ARG D 176 8.92 4.95 79.83
N HIS D 177 8.09 3.96 80.16
CA HIS D 177 8.00 3.50 81.54
CA HIS D 177 8.01 3.53 81.55
C HIS D 177 9.29 2.84 82.00
N LYS D 178 10.07 2.27 81.08
CA LYS D 178 11.34 1.68 81.44
C LYS D 178 12.43 2.72 81.68
N ARG D 179 12.31 3.88 81.04
CA ARG D 179 13.33 4.93 81.09
C ARG D 179 12.65 6.26 81.38
N PRO D 180 12.17 6.46 82.61
CA PRO D 180 11.36 7.66 82.91
C PRO D 180 12.12 8.97 82.79
N LYS D 181 13.44 8.96 82.92
CA LYS D 181 14.21 10.18 82.75
C LYS D 181 14.56 10.48 81.30
N ALA D 182 14.23 9.58 80.37
CA ALA D 182 14.67 9.72 78.99
C ALA D 182 13.84 10.79 78.27
N LYS D 183 14.53 11.67 77.55
CA LYS D 183 13.88 12.73 76.79
C LYS D 183 14.18 12.69 75.29
N TYR D 184 15.29 12.06 74.88
CA TYR D 184 15.80 12.19 73.53
C TYR D 184 15.80 10.84 72.82
N ILE D 185 15.64 10.90 71.49
CA ILE D 185 15.83 9.75 70.62
C ILE D 185 16.91 10.13 69.61
N ILE D 186 18.01 9.39 69.61
CA ILE D 186 19.11 9.64 68.68
C ILE D 186 18.77 8.97 67.35
N TRP D 187 18.86 9.74 66.27
CA TRP D 187 18.25 9.36 64.99
C TRP D 187 19.14 9.78 63.83
N PRO D 188 19.86 8.84 63.22
CA PRO D 188 20.55 9.15 61.96
C PRO D 188 19.55 9.59 60.89
N ARG D 189 19.84 10.74 60.28
CA ARG D 189 18.86 11.44 59.48
C ARG D 189 18.41 10.63 58.26
N ILE D 190 17.10 10.58 58.05
CA ILE D 190 16.52 10.10 56.81
C ILE D 190 15.26 10.92 56.55
N ASP D 191 15.17 11.49 55.35
CA ASP D 191 14.13 12.49 55.05
C ASP D 191 12.84 11.77 54.69
N GLN D 192 12.16 11.29 55.72
CA GLN D 192 10.84 10.69 55.58
C GLN D 192 10.01 11.14 56.77
N LYS D 193 8.86 11.76 56.48
CA LYS D 193 8.14 12.49 57.53
C LYS D 193 7.52 11.56 58.57
N SER D 194 7.09 10.36 58.16
CA SER D 194 6.38 9.50 59.10
C SER D 194 7.29 9.01 60.22
N CYS D 195 8.47 8.48 59.87
CA CYS D 195 9.36 7.97 60.91
C CYS D 195 9.92 9.10 61.76
N PHE D 196 10.03 10.30 61.21
CA PHE D 196 10.44 11.45 62.02
C PHE D 196 9.35 11.87 62.99
N LYS D 197 8.11 11.98 62.49
CA LYS D 197 6.99 12.37 63.35
C LYS D 197 6.71 11.32 64.42
N SER D 198 7.07 10.06 64.17
CA SER D 198 6.77 9.00 65.15
C SER D 198 7.40 9.29 66.50
N ILE D 200 8.17 12.37 67.68
CA ILE D 200 7.52 13.54 68.26
C ILE D 200 6.13 13.19 68.77
N THR D 201 5.38 12.39 68.01
CA THR D 201 4.07 11.96 68.46
C THR D 201 4.17 11.14 69.75
N ALA D 202 5.23 10.35 69.90
CA ALA D 202 5.45 9.63 71.15
C ALA D 202 5.81 10.55 72.31
N GLY D 203 6.13 11.81 72.03
CA GLY D 203 6.43 12.77 73.07
C GLY D 203 7.90 12.96 73.40
N PHE D 204 8.80 12.63 72.48
CA PHE D 204 10.23 12.75 72.70
C PHE D 204 10.84 13.73 71.70
N GLU D 205 12.06 14.16 72.00
CA GLU D 205 12.75 15.12 71.14
CA GLU D 205 12.75 15.12 71.14
C GLU D 205 13.74 14.38 70.25
N PRO D 206 13.57 14.42 68.94
CA PRO D 206 14.57 13.78 68.07
C PRO D 206 15.90 14.53 68.13
N VAL D 207 16.98 13.76 68.15
CA VAL D 207 18.33 14.30 68.04
C VAL D 207 18.86 13.87 66.68
N VAL D 208 18.81 14.77 65.71
CA VAL D 208 19.11 14.43 64.33
C VAL D 208 20.63 14.36 64.13
N ILE D 209 21.11 13.18 63.78
CA ILE D 209 22.53 12.97 63.48
C ILE D 209 22.72 13.04 61.98
N GLU D 210 23.49 14.01 61.52
CA GLU D 210 23.76 14.13 60.09
C GLU D 210 24.59 12.95 59.61
N ASN D 211 24.44 12.63 58.32
CA ASN D 211 25.16 11.50 57.75
C ASN D 211 26.51 11.96 57.19
N VAL D 212 27.36 10.97 56.91
CA VAL D 212 28.69 11.20 56.37
C VAL D 212 28.68 10.87 54.89
N LEU D 213 29.24 11.76 54.07
CA LEU D 213 29.39 11.51 52.64
C LEU D 213 30.61 10.63 52.44
N GLU D 214 30.39 9.39 51.99
CA GLU D 214 31.47 8.44 51.72
CA GLU D 214 31.45 8.43 51.73
C GLU D 214 31.32 8.00 50.27
N GLY D 215 32.12 8.59 49.40
CA GLY D 215 31.97 8.38 47.97
C GLY D 215 30.72 9.10 47.50
N ASP D 216 29.76 8.36 46.96
CA ASP D 216 28.44 8.90 46.65
C ASP D 216 27.42 8.60 47.74
N GLU D 217 27.74 7.74 48.69
CA GLU D 217 26.77 7.26 49.67
C GLU D 217 26.74 8.14 50.91
N LEU D 218 25.57 8.18 51.53
CA LEU D 218 25.38 8.81 52.84
C LEU D 218 25.25 7.69 53.86
N ARG D 219 26.14 7.68 54.85
CA ARG D 219 26.24 6.59 55.80
C ARG D 219 26.23 7.12 57.22
N THR D 220 26.09 6.20 58.17
CA THR D 220 25.98 6.55 59.58
C THR D 220 27.24 7.23 60.08
N ASP D 221 27.07 8.35 60.79
CA ASP D 221 28.17 9.02 61.48
C ASP D 221 28.27 8.45 62.89
N LEU D 222 29.07 7.39 63.03
CA LEU D 222 29.15 6.70 64.31
C LEU D 222 29.79 7.56 65.39
N LYS D 223 30.82 8.34 65.02
CA LYS D 223 31.45 9.22 66.00
C LYS D 223 30.48 10.25 66.53
N ALA D 224 29.65 10.83 65.66
CA ALA D 224 28.67 11.81 66.10
C ALA D 224 27.58 11.18 66.95
N VAL D 225 27.23 9.92 66.68
CA VAL D 225 26.26 9.23 67.51
C VAL D 225 26.80 9.05 68.93
N GLU D 226 28.02 8.52 69.04
CA GLU D 226 28.63 8.29 70.35
CA GLU D 226 28.59 8.28 70.37
C GLU D 226 28.85 9.60 71.08
N ALA D 227 29.21 10.66 70.35
CA ALA D 227 29.43 11.95 70.99
C ALA D 227 28.14 12.50 71.59
N LYS D 228 27.01 12.26 70.92
CA LYS D 228 25.73 12.71 71.45
C LYS D 228 25.31 11.88 72.65
N VAL D 229 25.64 10.59 72.65
CA VAL D 229 25.37 9.76 73.83
C VAL D 229 26.13 10.30 75.03
N GLN D 230 27.40 10.67 74.83
CA GLN D 230 28.20 11.17 75.95
C GLN D 230 27.78 12.56 76.37
N GLU D 231 27.32 13.39 75.44
CA GLU D 231 26.91 14.75 75.78
C GLU D 231 25.59 14.75 76.53
N LEU D 232 24.59 14.06 76.00
CA LEU D 232 23.26 14.07 76.62
C LEU D 232 23.16 13.10 77.79
N GLY D 233 23.94 12.03 77.78
CA GLY D 233 23.88 11.04 78.83
C GLY D 233 22.97 9.88 78.46
N PRO D 234 23.47 8.65 78.62
CA PRO D 234 22.65 7.48 78.25
C PRO D 234 21.30 7.44 78.94
N ASP D 235 21.23 7.82 80.21
CA ASP D 235 19.96 7.77 80.92
C ASP D 235 18.93 8.74 80.36
N CYS D 236 19.37 9.79 79.69
CA CYS D 236 18.48 10.75 79.05
C CYS D 236 18.05 10.33 77.65
N ILE D 237 18.58 9.24 77.13
CA ILE D 237 18.27 8.78 75.78
CA ILE D 237 18.28 8.77 75.78
C ILE D 237 17.26 7.64 75.88
N LEU D 238 16.12 7.82 75.20
CA LEU D 238 15.12 6.76 75.19
C LEU D 238 15.61 5.57 74.39
N CYS D 239 16.14 5.83 73.20
CA CYS D 239 16.69 4.78 72.34
C CYS D 239 17.47 5.44 71.22
N ILE D 240 18.22 4.62 70.49
CA ILE D 240 18.74 4.98 69.19
C ILE D 240 17.81 4.41 68.13
N HIS D 241 17.40 5.26 67.19
CA HIS D 241 16.40 4.90 66.19
C HIS D 241 17.08 4.88 64.83
N SER D 242 17.44 3.68 64.37
CA SER D 242 18.16 3.51 63.12
C SER D 242 17.21 3.07 62.00
N THR D 243 17.72 3.09 60.78
CA THR D 243 16.90 2.83 59.59
C THR D 243 17.67 1.98 58.59
N THR D 244 17.04 0.91 58.11
CA THR D 244 17.64 0.06 57.09
C THR D 244 17.20 0.49 55.70
N SER D 245 15.98 0.11 55.32
CA SER D 245 15.46 0.48 54.01
C SER D 245 15.33 1.99 53.88
N CYS D 246 15.81 2.54 52.76
CA CYS D 246 15.84 3.98 52.56
C CYS D 246 16.14 4.27 51.09
N PHE D 247 15.93 5.53 50.71
CA PHE D 247 16.22 5.97 49.35
C PHE D 247 17.71 6.20 49.15
N ALA D 248 18.22 5.76 48.01
CA ALA D 248 19.57 6.13 47.60
C ALA D 248 19.66 7.65 47.44
N PRO D 249 20.83 8.26 47.67
CA PRO D 249 22.13 7.66 48.00
C PRO D 249 22.35 7.34 49.48
N ARG D 250 21.32 7.44 50.31
CA ARG D 250 21.44 6.92 51.65
C ARG D 250 21.47 5.39 51.60
N VAL D 251 22.17 4.80 52.55
CA VAL D 251 22.26 3.33 52.63
C VAL D 251 21.77 2.92 54.00
N PRO D 252 21.47 1.64 54.19
CA PRO D 252 21.10 1.16 55.52
C PRO D 252 22.15 1.52 56.56
N ASP D 253 21.67 1.84 57.77
CA ASP D 253 22.56 2.27 58.83
C ASP D 253 23.52 1.15 59.22
N ARG D 254 24.63 1.55 59.83
CA ARG D 254 25.64 0.60 60.32
C ARG D 254 25.11 -0.04 61.61
N LEU D 255 24.20 -0.99 61.43
CA LEU D 255 23.48 -1.56 62.57
C LEU D 255 24.41 -2.26 63.55
N GLU D 256 25.45 -2.93 63.04
CA GLU D 256 26.34 -3.67 63.92
C GLU D 256 27.06 -2.74 64.89
N GLU D 257 27.61 -1.63 64.37
CA GLU D 257 28.30 -0.69 65.24
C GLU D 257 27.32 0.03 66.16
N LEU D 258 26.13 0.33 65.66
CA LEU D 258 25.11 0.93 66.52
C LEU D 258 24.65 -0.04 67.61
N ALA D 259 24.53 -1.32 67.27
CA ALA D 259 24.12 -2.30 68.27
C ALA D 259 25.16 -2.44 69.37
N VAL D 260 26.44 -2.27 69.04
CA VAL D 260 27.50 -2.34 70.04
C VAL D 260 27.48 -1.11 70.94
N ILE D 261 27.26 0.07 70.35
CA ILE D 261 27.11 1.29 71.14
C ILE D 261 25.97 1.13 72.14
N CYS D 262 24.83 0.64 71.67
CA CYS D 262 23.66 0.46 72.54
C CYS D 262 23.93 -0.56 73.63
N ALA D 263 24.61 -1.65 73.30
CA ALA D 263 24.92 -2.66 74.30
C ALA D 263 25.87 -2.11 75.35
N ASN D 264 26.86 -1.30 74.93
CA ASN D 264 27.84 -0.77 75.87
C ASN D 264 27.22 0.23 76.84
N TYR D 265 26.25 1.02 76.39
CA TYR D 265 25.66 2.06 77.21
C TYR D 265 24.29 1.69 77.77
N ASP D 266 23.82 0.46 77.52
CA ASP D 266 22.50 0.01 77.98
CA ASP D 266 22.50 0.01 77.98
C ASP D 266 21.39 0.92 77.47
N ILE D 267 21.43 1.21 76.18
CA ILE D 267 20.45 2.07 75.52
C ILE D 267 19.64 1.21 74.56
N PRO D 268 18.32 1.27 74.58
CA PRO D 268 17.52 0.49 73.61
C PRO D 268 17.82 0.89 72.18
N HIS D 269 17.59 -0.04 71.26
CA HIS D 269 17.88 0.15 69.85
C HIS D 269 16.65 -0.27 69.06
N ILE D 270 16.00 0.70 68.41
CA ILE D 270 14.80 0.47 67.61
C ILE D 270 15.14 0.68 66.15
N VAL D 271 14.85 -0.30 65.30
CA VAL D 271 15.22 -0.29 63.89
C VAL D 271 13.97 -0.06 63.05
N ASN D 272 14.00 0.99 62.23
CA ASN D 272 12.96 1.22 61.22
C ASN D 272 13.35 0.40 59.99
N ASN D 273 12.64 -0.71 59.77
CA ASN D 273 12.89 -1.60 58.66
C ASN D 273 11.69 -1.59 57.71
N ALA D 274 11.19 -0.39 57.41
CA ALA D 274 9.88 -0.22 56.79
C ALA D 274 9.66 -1.16 55.60
N TYR D 275 10.61 -1.20 54.67
CA TYR D 275 10.48 -2.10 53.53
C TYR D 275 11.76 -2.92 53.33
N GLY D 276 12.32 -3.43 54.41
CA GLY D 276 13.55 -4.20 54.33
C GLY D 276 13.35 -5.70 54.36
N VAL D 277 12.13 -6.17 54.63
CA VAL D 277 11.86 -7.60 54.63
C VAL D 277 12.16 -8.21 53.26
N GLN D 278 11.86 -7.46 52.20
CA GLN D 278 12.10 -7.93 50.83
C GLN D 278 13.57 -7.96 50.46
N SER D 279 14.47 -7.54 51.35
CA SER D 279 15.90 -7.46 51.05
C SER D 279 16.65 -8.36 52.03
N SER D 280 17.18 -9.47 51.54
CA SER D 280 17.96 -10.36 52.38
C SER D 280 19.17 -9.66 52.97
N LYS D 281 19.75 -8.69 52.24
CA LYS D 281 20.88 -7.95 52.78
C LYS D 281 20.45 -7.07 53.97
N CYS D 282 19.27 -6.47 53.90
CA CYS D 282 18.77 -5.73 55.04
C CYS D 282 18.49 -6.65 56.23
N HIS D 284 19.76 -9.74 56.84
CA HIS D 284 21.02 -10.25 57.36
CA HIS D 284 21.00 -10.26 57.38
C HIS D 284 21.71 -9.22 58.23
N LEU D 285 21.62 -7.94 57.85
CA LEU D 285 22.21 -6.86 58.64
C LEU D 285 21.54 -6.75 60.00
N ILE D 286 20.22 -6.91 60.05
CA ILE D 286 19.52 -6.92 61.33
C ILE D 286 19.95 -8.13 62.15
N GLN D 287 20.06 -9.30 61.51
CA GLN D 287 20.47 -10.50 62.22
C GLN D 287 21.88 -10.34 62.80
N GLN D 288 22.79 -9.70 62.05
CA GLN D 288 24.15 -9.54 62.54
C GLN D 288 24.22 -8.54 63.67
N GLY D 289 23.46 -7.46 63.60
CA GLY D 289 23.43 -6.50 64.69
C GLY D 289 22.96 -7.13 65.99
N ALA D 290 21.94 -7.98 65.92
CA ALA D 290 21.45 -8.65 67.12
C ALA D 290 22.45 -9.65 67.66
N ARG D 291 23.32 -10.19 66.79
CA ARG D 291 24.32 -11.17 67.23
C ARG D 291 25.45 -10.50 67.98
N VAL D 292 25.93 -9.35 67.49
CA VAL D 292 27.09 -8.70 68.08
C VAL D 292 26.73 -7.68 69.14
N GLY D 293 25.50 -7.15 69.12
CA GLY D 293 25.10 -6.10 70.04
C GLY D 293 23.64 -6.20 70.40
N ARG D 294 22.99 -5.05 70.48
CA ARG D 294 21.64 -4.95 71.02
C ARG D 294 20.68 -4.41 69.96
N ILE D 295 19.59 -5.13 69.73
CA ILE D 295 18.46 -4.64 68.95
C ILE D 295 17.20 -5.02 69.70
N ASP D 296 16.43 -4.02 70.14
CA ASP D 296 15.27 -4.29 70.97
C ASP D 296 14.05 -4.64 70.13
N ALA D 297 13.87 -3.99 68.99
CA ALA D 297 12.78 -4.31 68.08
C ALA D 297 13.09 -3.73 66.73
N PHE D 298 12.52 -4.34 65.68
CA PHE D 298 12.55 -3.80 64.34
C PHE D 298 11.16 -3.88 63.74
N VAL D 299 10.79 -2.85 62.98
CA VAL D 299 9.42 -2.63 62.53
C VAL D 299 9.41 -2.56 61.02
N GLN D 300 8.41 -3.19 60.40
CA GLN D 300 8.30 -3.23 58.95
C GLN D 300 6.86 -3.07 58.52
N SER D 301 6.67 -2.50 57.33
CA SER D 301 5.36 -2.24 56.77
C SER D 301 4.78 -3.51 56.15
N LEU D 302 3.47 -3.71 56.34
CA LEU D 302 2.80 -4.83 55.68
C LEU D 302 2.67 -4.59 54.19
N ASP D 303 2.22 -3.39 53.80
CA ASP D 303 1.93 -3.15 52.39
C ASP D 303 3.20 -3.14 51.54
N LYS D 304 4.30 -2.61 52.08
CA LYS D 304 5.51 -2.52 51.28
C LYS D 304 6.21 -3.86 51.11
N ASN D 305 5.96 -4.82 52.00
CA ASN D 305 6.65 -6.10 51.97
C ASN D 305 5.78 -7.28 51.57
N PHE D 306 4.46 -7.12 51.56
CA PHE D 306 3.56 -8.24 51.30
C PHE D 306 2.49 -7.90 50.26
N VAL D 308 -0.13 -5.77 50.08
CA VAL D 308 -1.48 -5.70 50.63
C VAL D 308 -1.80 -4.22 50.79
N PRO D 309 -3.05 -3.84 51.08
CA PRO D 309 -3.35 -2.41 51.29
C PRO D 309 -2.59 -1.83 52.47
N VAL D 310 -2.41 -0.50 52.41
CA VAL D 310 -1.80 0.23 53.51
C VAL D 310 -2.63 0.07 54.77
N GLY D 311 -1.96 -0.02 55.91
CA GLY D 311 -2.68 0.01 57.17
C GLY D 311 -2.09 -0.79 58.31
N GLY D 312 -1.17 -1.72 58.01
CA GLY D 312 -0.63 -2.61 59.01
C GLY D 312 0.89 -2.62 59.01
N ALA D 313 1.44 -3.17 60.10
CA ALA D 313 2.88 -3.29 60.25
C ALA D 313 3.17 -4.52 61.10
N ILE D 314 4.46 -4.86 61.20
CA ILE D 314 4.92 -5.96 62.03
C ILE D 314 5.97 -5.43 62.98
N ILE D 315 5.79 -5.70 64.27
CA ILE D 315 6.80 -5.41 65.30
C ILE D 315 7.43 -6.74 65.69
N ALA D 316 8.74 -6.83 65.55
CA ALA D 316 9.47 -8.06 65.80
C ALA D 316 10.69 -7.77 66.66
N GLY D 317 11.20 -8.81 67.30
CA GLY D 317 12.36 -8.63 68.14
C GLY D 317 12.98 -9.95 68.54
N PHE D 318 13.96 -9.86 69.43
CA PHE D 318 14.73 -11.01 69.89
C PHE D 318 14.53 -11.31 71.36
N ASN D 319 13.88 -10.42 72.11
CA ASN D 319 13.49 -10.68 73.48
C ASN D 319 11.98 -10.88 73.48
N ASP D 320 11.55 -12.13 73.71
CA ASP D 320 10.13 -12.45 73.62
C ASP D 320 9.32 -11.64 74.64
N SER D 321 9.86 -11.43 75.84
CA SER D 321 9.12 -10.70 76.86
CA SER D 321 9.12 -10.70 76.86
C SER D 321 8.92 -9.25 76.47
N PHE D 322 9.95 -8.60 75.92
CA PHE D 322 9.81 -7.20 75.55
C PHE D 322 8.83 -7.02 74.40
N ILE D 323 8.88 -7.91 73.41
CA ILE D 323 7.92 -7.83 72.31
C ILE D 323 6.50 -7.98 72.82
N GLN D 324 6.30 -8.89 73.78
CA GLN D 324 4.99 -9.04 74.39
CA GLN D 324 4.99 -9.05 74.41
C GLN D 324 4.58 -7.79 75.17
N GLU D 325 5.53 -7.09 75.76
CA GLU D 325 5.22 -5.86 76.47
C GLU D 325 4.67 -4.81 75.51
N ILE D 326 5.21 -4.76 74.29
CA ILE D 326 4.74 -3.79 73.31
C ILE D 326 3.28 -4.07 72.93
N SER D 327 2.97 -5.33 72.63
CA SER D 327 1.60 -5.66 72.25
C SER D 327 0.64 -5.40 73.41
N LYS D 328 1.06 -5.67 74.63
CA LYS D 328 0.21 -5.41 75.79
C LYS D 328 0.01 -3.92 76.06
N TYR D 330 -0.91 -1.87 73.79
CA TYR D 330 -1.98 -1.44 72.90
C TYR D 330 -3.30 -1.45 73.65
N PRO D 331 -3.99 -0.31 73.78
CA PRO D 331 -5.27 -0.31 74.50
C PRO D 331 -6.45 -0.67 73.61
N GLY D 332 -7.22 -1.68 74.01
CA GLY D 332 -8.46 -2.01 73.34
C GLY D 332 -8.29 -2.98 72.19
N ARG D 333 -9.42 -3.28 71.54
CA ARG D 333 -9.40 -4.17 70.40
CA ARG D 333 -9.42 -4.15 70.39
C ARG D 333 -8.89 -3.42 69.16
N ALA D 334 -8.55 -4.18 68.13
CA ALA D 334 -7.99 -3.60 66.92
C ALA D 334 -8.56 -4.29 65.70
N SER D 335 -8.41 -3.64 64.56
CA SER D 335 -8.95 -4.17 63.31
C SER D 335 -8.26 -5.48 62.93
N ALA D 336 -9.05 -6.41 62.41
CA ALA D 336 -8.53 -7.67 61.90
C ALA D 336 -8.23 -7.61 60.41
N SER D 337 -8.57 -6.51 59.75
CA SER D 337 -8.46 -6.45 58.29
C SER D 337 -7.02 -6.60 57.79
N PRO D 338 -6.02 -5.90 58.36
CA PRO D 338 -4.64 -6.14 57.89
C PRO D 338 -4.18 -7.57 58.11
N SER D 339 -4.51 -8.18 59.25
CA SER D 339 -4.12 -9.57 59.49
C SER D 339 -4.78 -10.50 58.48
N LEU D 340 -6.06 -10.26 58.17
CA LEU D 340 -6.75 -11.08 57.18
C LEU D 340 -6.10 -10.96 55.81
N ASP D 341 -5.66 -9.75 55.45
CA ASP D 341 -5.05 -9.54 54.14
C ASP D 341 -3.77 -10.33 53.97
N VAL D 342 -2.88 -10.29 54.98
CA VAL D 342 -1.60 -10.97 54.83
CA VAL D 342 -1.60 -10.97 54.84
C VAL D 342 -1.79 -12.48 55.01
N LEU D 343 -2.79 -12.90 55.78
CA LEU D 343 -3.09 -14.33 55.88
C LEU D 343 -3.53 -14.88 54.52
N ILE D 344 -4.44 -14.19 53.86
CA ILE D 344 -4.87 -14.58 52.51
C ILE D 344 -3.67 -14.60 51.56
N THR D 345 -2.84 -13.56 51.62
CA THR D 345 -1.72 -13.43 50.69
C THR D 345 -0.70 -14.55 50.91
N LEU D 346 -0.32 -14.82 52.15
CA LEU D 346 0.73 -15.80 52.40
C LEU D 346 0.24 -17.21 52.15
N LEU D 347 -1.03 -17.50 52.44
CA LEU D 347 -1.57 -18.83 52.13
C LEU D 347 -1.74 -19.02 50.63
N SER D 348 -2.00 -17.94 49.88
CA SER D 348 -2.15 -18.05 48.44
C SER D 348 -0.81 -18.11 47.73
N LEU D 349 0.17 -17.33 48.21
CA LEU D 349 1.51 -17.34 47.63
C LEU D 349 2.28 -18.59 48.01
N GLY D 350 2.23 -18.98 49.28
CA GLY D 350 3.12 -20.01 49.77
C GLY D 350 4.52 -19.45 49.99
N SER D 351 5.37 -20.16 50.74
CA SER D 351 6.74 -19.67 50.90
C SER D 351 7.50 -19.72 49.58
N ASN D 352 7.19 -20.68 48.72
CA ASN D 352 7.82 -20.71 47.39
C ASN D 352 7.43 -19.49 46.58
N GLY D 353 6.16 -19.08 46.66
CA GLY D 353 5.72 -17.89 45.94
C GLY D 353 6.41 -16.64 46.44
N TYR D 354 6.60 -16.53 47.76
CA TYR D 354 7.28 -15.34 48.29
C TYR D 354 8.76 -15.36 47.94
N LYS D 355 9.40 -16.54 48.04
CA LYS D 355 10.80 -16.65 47.62
C LYS D 355 10.98 -16.23 46.17
N LYS D 356 10.05 -16.63 45.30
CA LYS D 356 10.15 -16.27 43.89
C LYS D 356 10.07 -14.77 43.71
N LEU D 357 9.21 -14.10 44.48
CA LEU D 357 9.11 -12.64 44.40
C LEU D 357 10.40 -11.98 44.89
N LEU D 358 11.04 -12.55 45.91
CA LEU D 358 12.31 -12.01 46.39
C LEU D 358 13.41 -12.21 45.35
N LYS D 359 13.44 -13.37 44.71
CA LYS D 359 14.42 -13.61 43.65
C LYS D 359 14.20 -12.67 42.48
N GLU D 360 12.94 -12.45 42.09
CA GLU D 360 12.64 -11.56 40.98
C GLU D 360 12.96 -10.11 41.31
N ARG D 361 12.86 -9.73 42.59
CA ARG D 361 13.22 -8.37 42.97
C ARG D 361 14.71 -8.12 42.74
N LYS D 362 15.55 -9.10 43.05
CA LYS D 362 16.99 -8.96 42.79
C LYS D 362 17.27 -8.88 41.30
N GLU D 363 16.61 -9.72 40.50
CA GLU D 363 16.83 -9.71 39.06
C GLU D 363 16.38 -8.39 38.45
N PHE D 365 16.25 -5.56 40.01
CA PHE D 365 17.18 -4.53 40.45
C PHE D 365 18.37 -4.44 39.51
N SER D 366 18.93 -5.59 39.12
CA SER D 366 20.05 -5.58 38.18
C SER D 366 19.62 -5.03 36.83
N TYR D 367 18.43 -5.39 36.36
CA TYR D 367 17.96 -4.91 35.06
C TYR D 367 17.69 -3.41 35.10
N LEU D 368 17.00 -2.95 36.15
CA LEU D 368 16.76 -1.51 36.29
C LEU D 368 18.07 -0.74 36.36
N SER D 369 19.05 -1.26 37.09
CA SER D 369 20.32 -0.57 37.22
C SER D 369 21.02 -0.44 35.87
N ASN D 370 21.07 -1.53 35.10
CA ASN D 370 21.74 -1.50 33.80
C ASN D 370 21.03 -0.56 32.84
N GLN D 371 19.69 -0.54 32.88
CA GLN D 371 18.95 0.35 31.99
C GLN D 371 19.18 1.81 32.36
N ILE D 372 19.31 2.10 33.65
CA ILE D 372 19.58 3.47 34.09
C ILE D 372 20.98 3.90 33.66
N LYS D 373 21.97 3.02 33.81
CA LYS D 373 23.32 3.33 33.33
CA LYS D 373 23.31 3.34 33.33
C LYS D 373 23.30 3.67 31.85
N LYS D 374 22.62 2.84 31.05
CA LYS D 374 22.56 3.07 29.62
C LYS D 374 21.87 4.39 29.29
N LEU D 375 20.76 4.68 29.98
CA LEU D 375 20.05 5.93 29.72
C LEU D 375 20.86 7.14 30.20
N SER D 376 21.48 7.03 31.38
CA SER D 376 22.23 8.15 31.91
C SER D 376 23.43 8.50 31.03
N GLU D 377 24.00 7.51 30.34
CA GLU D 377 25.12 7.80 29.44
CA GLU D 377 25.12 7.79 29.43
C GLU D 377 24.68 8.65 28.26
N ALA D 378 23.48 8.42 27.74
CA ALA D 378 23.00 9.16 26.59
C ALA D 378 22.74 10.63 26.90
N TYR D 379 22.60 10.99 28.18
CA TYR D 379 22.34 12.38 28.58
C TYR D 379 23.45 12.94 29.45
N ASN D 380 24.67 12.42 29.31
CA ASN D 380 25.84 12.89 30.04
CA ASN D 380 25.84 12.89 30.04
C ASN D 380 25.61 12.89 31.56
N GLU D 381 24.81 11.94 32.03
CA GLU D 381 24.58 11.72 33.45
C GLU D 381 25.29 10.43 33.86
N ARG D 382 25.14 10.06 35.12
CA ARG D 382 25.75 8.83 35.61
C ARG D 382 24.89 8.26 36.73
N LEU D 383 24.99 6.94 36.90
CA LEU D 383 24.36 6.26 38.03
C LEU D 383 25.25 6.42 39.25
N LEU D 384 24.72 7.05 40.30
CA LEU D 384 25.47 7.18 41.54
C LEU D 384 25.85 5.80 42.06
N HIS D 385 27.10 5.69 42.52
CA HIS D 385 27.62 4.42 43.01
C HIS D 385 27.17 4.24 44.45
N THR D 386 26.10 3.46 44.64
CA THR D 386 25.54 3.18 45.97
C THR D 386 25.40 1.68 46.15
N PRO D 387 26.52 0.94 46.18
CA PRO D 387 26.42 -0.53 46.24
C PRO D 387 25.84 -1.06 47.54
N HIS D 388 25.87 -0.28 48.62
CA HIS D 388 25.33 -0.73 49.90
C HIS D 388 23.83 -0.58 50.01
N ASN D 389 23.17 0.03 49.02
CA ASN D 389 21.72 0.09 48.99
C ASN D 389 21.21 -0.95 48.01
N PRO D 390 20.51 -1.99 48.47
CA PRO D 390 20.08 -3.07 47.56
C PRO D 390 18.71 -2.89 46.94
N ILE D 391 18.02 -1.78 47.23
CA ILE D 391 16.65 -1.58 46.78
C ILE D 391 16.53 -0.34 45.89
N SER D 392 17.12 0.77 46.32
CA SER D 392 16.92 2.07 45.69
C SER D 392 18.14 2.47 44.88
N LEU D 393 17.89 3.17 43.77
CA LEU D 393 18.94 3.67 42.88
C LEU D 393 18.79 5.16 42.69
N ALA D 394 19.88 5.81 42.28
CA ALA D 394 19.88 7.25 42.09
C ALA D 394 20.69 7.61 40.85
N THR D 396 22.10 10.89 38.49
CA THR D 396 22.36 12.32 38.59
C THR D 396 21.51 13.11 37.60
N LEU D 397 21.23 14.36 37.96
CA LEU D 397 20.53 15.32 37.11
C LEU D 397 21.32 16.62 37.05
N LYS D 398 22.65 16.52 36.99
CA LYS D 398 23.50 17.71 37.05
C LYS D 398 23.47 18.49 35.75
N THR D 399 23.29 17.82 34.61
CA THR D 399 23.20 18.53 33.34
C THR D 399 21.95 19.38 33.27
N LEU D 400 20.91 19.02 34.03
CA LEU D 400 19.75 19.86 34.20
C LEU D 400 19.99 20.83 35.35
N ASP D 401 19.51 22.06 35.19
CA ASP D 401 19.66 23.06 36.24
C ASP D 401 18.34 23.79 36.42
N GLU D 402 17.91 23.94 37.67
CA GLU D 402 16.62 24.56 37.96
C GLU D 402 16.69 26.09 37.80
N HIS D 403 17.80 26.70 38.24
CA HIS D 403 17.90 28.16 38.15
C HIS D 403 17.79 28.63 36.70
N ARG D 404 18.15 27.78 35.74
CA ARG D 404 17.99 28.13 34.34
C ARG D 404 16.54 27.99 33.89
N ASP D 405 15.96 26.79 34.05
CA ASP D 405 14.63 26.51 33.51
C ASP D 405 13.64 25.94 34.52
N LYS D 406 14.02 25.78 35.78
CA LYS D 406 13.27 24.98 36.76
C LYS D 406 13.03 23.57 36.26
N ALA D 407 14.01 23.00 35.54
CA ALA D 407 13.81 21.72 34.87
C ALA D 407 13.73 20.57 35.88
N VAL D 408 14.55 20.61 36.93
CA VAL D 408 14.52 19.55 37.93
C VAL D 408 13.16 19.53 38.63
N THR D 409 12.62 20.70 38.95
CA THR D 409 11.28 20.77 39.53
C THR D 409 10.24 20.26 38.55
N GLN D 410 10.32 20.67 37.28
CA GLN D 410 9.35 20.24 36.28
C GLN D 410 9.45 18.76 35.99
N LEU D 411 10.65 18.18 36.06
CA LEU D 411 10.84 16.78 35.71
C LEU D 411 9.93 15.87 36.52
N GLY D 412 9.71 16.19 37.80
CA GLY D 412 8.83 15.39 38.62
C GLY D 412 7.38 15.45 38.13
N SER D 413 6.91 16.65 37.79
CA SER D 413 5.56 16.79 37.27
C SER D 413 5.40 16.15 35.90
N LEU D 415 7.14 13.43 34.76
CA LEU D 415 7.05 11.99 34.99
C LEU D 415 5.67 11.60 35.51
N PHE D 416 5.12 12.40 36.43
CA PHE D 416 3.79 12.12 36.97
C PHE D 416 2.73 12.24 35.88
N THR D 417 2.89 13.21 34.97
CA THR D 417 1.92 13.38 33.89
C THR D 417 1.96 12.19 32.93
N ARG D 418 3.16 11.66 32.67
CA ARG D 418 3.30 10.44 31.87
C ARG D 418 2.95 9.18 32.65
N GLN D 419 2.38 9.33 33.84
CA GLN D 419 1.96 8.19 34.67
C GLN D 419 3.13 7.31 35.07
N VAL D 420 4.23 7.95 35.47
CA VAL D 420 5.33 7.30 36.16
C VAL D 420 5.17 7.60 37.65
N SER D 421 4.91 6.57 38.44
CA SER D 421 4.74 6.71 39.88
C SER D 421 5.94 6.12 40.60
N GLY D 422 6.31 6.75 41.72
CA GLY D 422 7.40 6.27 42.55
C GLY D 422 8.75 6.88 42.26
N ALA D 423 8.88 7.68 41.21
CA ALA D 423 10.15 8.32 40.88
C ALA D 423 10.29 9.62 41.68
N ARG D 424 11.29 9.68 42.54
CA ARG D 424 11.58 10.88 43.30
C ARG D 424 12.63 11.71 42.58
N VAL D 425 12.32 12.96 42.31
CA VAL D 425 13.32 13.94 41.87
C VAL D 425 13.74 14.73 43.11
N VAL D 426 15.03 14.75 43.40
CA VAL D 426 15.53 15.41 44.58
C VAL D 426 16.34 16.63 44.14
N PRO D 427 15.81 17.84 44.28
CA PRO D 427 16.55 19.03 43.89
C PRO D 427 17.55 19.43 44.97
N LEU D 428 18.26 20.53 44.71
CA LEU D 428 19.22 21.07 45.65
C LEU D 428 18.58 22.16 46.51
N GLY D 429 18.87 22.13 47.80
CA GLY D 429 18.53 23.23 48.68
C GLY D 429 17.07 23.35 49.06
N SER D 430 16.34 22.23 49.11
CA SER D 430 14.95 22.27 49.56
C SER D 430 14.90 22.50 51.07
N GLN D 432 12.47 22.48 54.29
CA GLN D 432 11.20 21.88 54.70
C GLN D 432 11.13 21.83 56.21
N THR D 433 10.01 22.31 56.76
CA THR D 433 9.76 22.29 58.19
C THR D 433 8.78 21.18 58.52
N VAL D 434 9.16 20.29 59.45
CA VAL D 434 8.34 19.17 59.87
C VAL D 434 8.22 19.22 61.39
N SER D 435 7.01 19.50 61.89
CA SER D 435 6.74 19.55 63.32
C SER D 435 7.69 20.49 64.06
N GLY D 436 7.94 21.66 63.46
CA GLY D 436 8.78 22.67 64.07
C GLY D 436 10.26 22.55 63.77
N TYR D 437 10.70 21.45 63.17
CA TYR D 437 12.11 21.25 62.83
CA TYR D 437 12.11 21.26 62.83
C TYR D 437 12.31 21.54 61.35
N THR D 438 13.32 22.35 61.04
CA THR D 438 13.61 22.76 59.68
C THR D 438 14.72 21.89 59.11
N PHE D 439 14.43 21.18 58.02
CA PHE D 439 15.43 20.43 57.28
C PHE D 439 15.97 21.29 56.14
N ARG D 440 17.28 21.26 55.97
CA ARG D 440 17.93 21.85 54.81
C ARG D 440 18.35 20.75 53.85
N GLY D 441 18.22 21.02 52.55
CA GLY D 441 18.43 19.97 51.57
C GLY D 441 17.48 18.80 51.75
N PHE D 442 16.21 19.08 52.04
CA PHE D 442 15.25 18.02 52.32
C PHE D 442 15.13 17.06 51.14
N SER D 444 17.10 14.90 50.46
CA SER D 444 18.45 14.46 50.14
C SER D 444 19.20 13.91 51.35
N HIS D 445 18.58 13.92 52.53
CA HIS D 445 19.13 13.35 53.77
C HIS D 445 20.43 14.03 54.21
N THR D 446 20.77 15.17 53.62
CA THR D 446 21.93 15.95 54.03
C THR D 446 21.68 17.39 53.63
N ASN D 447 22.49 18.29 54.18
CA ASN D 447 22.28 19.72 53.95
C ASN D 447 22.73 20.15 52.56
N ASN D 448 23.79 19.55 52.02
CA ASN D 448 24.31 19.94 50.71
C ASN D 448 24.88 18.71 50.00
N TYR D 449 24.00 17.91 49.44
CA TYR D 449 24.46 16.83 48.56
C TYR D 449 25.02 17.45 47.28
N PRO D 450 26.07 16.86 46.69
CA PRO D 450 26.75 17.51 45.57
C PRO D 450 25.86 17.83 44.37
N CYS D 451 24.74 17.14 44.19
CA CYS D 451 23.97 17.34 42.96
C CYS D 451 22.53 16.93 43.17
N ALA D 452 21.68 17.38 42.25
CA ALA D 452 20.32 16.88 42.15
C ALA D 452 20.32 15.53 41.46
N TYR D 453 19.33 14.70 41.79
CA TYR D 453 19.30 13.34 41.27
C TYR D 453 17.87 12.83 41.22
N LEU D 454 17.70 11.68 40.59
CA LEU D 454 16.42 11.01 40.43
C LEU D 454 16.47 9.64 41.09
N ASN D 455 15.39 9.28 41.79
CA ASN D 455 15.30 8.00 42.48
C ASN D 455 14.43 7.02 41.71
N ALA D 456 14.84 5.76 41.72
CA ALA D 456 14.01 4.65 41.25
C ALA D 456 14.41 3.43 42.06
N ALA D 457 13.43 2.55 42.30
CA ALA D 457 13.63 1.42 43.18
C ALA D 457 13.10 0.15 42.55
N SER D 458 13.69 -0.97 42.95
CA SER D 458 13.21 -2.30 42.60
C SER D 458 12.57 -2.89 43.85
N ALA D 459 11.26 -2.72 43.96
CA ALA D 459 10.48 -3.28 45.05
C ALA D 459 9.77 -4.54 44.58
N ILE D 460 9.34 -5.35 45.56
CA ILE D 460 8.70 -6.63 45.26
CA ILE D 460 8.72 -6.62 45.23
C ILE D 460 7.45 -6.38 44.42
N GLY D 461 7.22 -7.28 43.45
CA GLY D 461 6.10 -7.17 42.55
C GLY D 461 6.38 -6.42 41.26
N LYS D 463 7.65 -5.62 37.61
CA LYS D 463 7.84 -6.42 36.41
C LYS D 463 8.72 -5.68 35.42
N GLN D 465 8.06 -4.78 32.49
CA GLN D 465 7.30 -3.72 31.85
CA GLN D 465 7.31 -3.72 31.85
C GLN D 465 7.41 -2.41 32.63
N ASP D 466 7.43 -2.49 33.96
CA ASP D 466 7.58 -1.30 34.78
C ASP D 466 8.86 -0.55 34.44
N VAL D 467 9.97 -1.28 34.35
CA VAL D 467 11.26 -0.65 34.05
C VAL D 467 11.28 -0.14 32.61
N ASP D 468 10.78 -0.94 31.66
CA ASP D 468 10.83 -0.54 30.27
C ASP D 468 9.98 0.70 30.02
N LEU D 469 8.79 0.75 30.62
CA LEU D 469 7.97 1.95 30.49
C LEU D 469 8.62 3.15 31.16
N PHE D 470 9.25 2.92 32.33
CA PHE D 470 9.92 4.02 33.03
C PHE D 470 11.07 4.59 32.21
N ILE D 471 11.89 3.71 31.61
CA ILE D 471 13.02 4.18 30.80
C ILE D 471 12.52 4.96 29.59
N LYS D 472 11.50 4.45 28.91
CA LYS D 472 10.98 5.12 27.72
C LYS D 472 10.38 6.47 28.07
N ARG D 473 9.62 6.56 29.16
CA ARG D 473 8.96 7.81 29.50
C ARG D 473 9.95 8.83 30.06
N LEU D 474 10.94 8.38 30.84
CA LEU D 474 11.97 9.30 31.29
C LEU D 474 12.79 9.81 30.11
N ASP D 475 13.00 8.96 29.10
CA ASP D 475 13.70 9.40 27.89
C ASP D 475 12.94 10.53 27.21
N ARG D 476 11.62 10.43 27.16
CA ARG D 476 10.81 11.48 26.53
C ARG D 476 10.86 12.77 27.34
N CYS D 477 10.85 12.65 28.68
CA CYS D 477 10.90 13.85 29.51
C CYS D 477 12.20 14.60 29.33
N LEU D 478 13.33 13.89 29.31
CA LEU D 478 14.62 14.54 29.12
C LEU D 478 14.72 15.16 27.73
N LYS D 479 14.14 14.52 26.72
CA LYS D 479 14.13 15.11 25.38
C LYS D 479 13.30 16.38 25.34
N ALA D 480 12.18 16.41 26.08
CA ALA D 480 11.31 17.57 26.04
C ALA D 480 11.91 18.76 26.77
N VAL D 481 12.70 18.50 27.81
CA VAL D 481 13.38 19.59 28.50
C VAL D 481 14.47 20.18 27.62
N ARG D 482 15.24 19.33 26.93
CA ARG D 482 16.28 19.83 26.03
C ARG D 482 15.67 20.65 24.90
N LYS D 483 14.48 20.27 24.42
CA LYS D 483 13.83 21.04 23.37
C LYS D 483 13.28 22.35 23.90
N GLU D 484 12.63 22.32 25.08
CA GLU D 484 12.15 23.56 25.69
C GLU D 484 13.29 24.55 25.92
N ARG D 485 14.51 24.05 26.09
CA ARG D 485 15.68 24.91 26.14
C ARG D 485 15.94 25.52 24.76
N SER D 486 15.34 26.68 24.51
CA SER D 486 15.58 27.45 23.30
C SER D 486 15.98 28.87 23.69
N LYS D 487 16.58 29.57 22.73
CA LYS D 487 17.18 30.89 22.97
C LYS D 487 18.23 30.82 24.08
#